data_5DP7
# 
_entry.id   5DP7 
# 
_audit_conform.dict_name       mmcif_pdbx.dic 
_audit_conform.dict_version    5.397 
_audit_conform.dict_location   http://mmcif.pdb.org/dictionaries/ascii/mmcif_pdbx.dic 
# 
loop_
_database_2.database_id 
_database_2.database_code 
_database_2.pdbx_database_accession 
_database_2.pdbx_DOI 
PDB   5DP7         pdb_00005dp7 10.2210/pdb5dp7/pdb 
WWPDB D_1000213595 ?            ?                   
# 
loop_
_pdbx_audit_revision_history.ordinal 
_pdbx_audit_revision_history.data_content_type 
_pdbx_audit_revision_history.major_revision 
_pdbx_audit_revision_history.minor_revision 
_pdbx_audit_revision_history.revision_date 
1 'Structure model' 1 0 2016-03-30 
2 'Structure model' 1 1 2016-04-06 
3 'Structure model' 1 2 2023-11-08 
4 'Structure model' 1 3 2024-10-30 
# 
_pdbx_audit_revision_details.ordinal             1 
_pdbx_audit_revision_details.revision_ordinal    1 
_pdbx_audit_revision_details.data_content_type   'Structure model' 
_pdbx_audit_revision_details.provider            repository 
_pdbx_audit_revision_details.type                'Initial release' 
_pdbx_audit_revision_details.description         ? 
_pdbx_audit_revision_details.details             ? 
# 
loop_
_pdbx_audit_revision_group.ordinal 
_pdbx_audit_revision_group.revision_ordinal 
_pdbx_audit_revision_group.data_content_type 
_pdbx_audit_revision_group.group 
1 2 'Structure model' 'Database references'    
2 3 'Structure model' 'Data collection'        
3 3 'Structure model' 'Database references'    
4 3 'Structure model' 'Derived calculations'   
5 3 'Structure model' 'Refinement description' 
6 4 'Structure model' 'Structure summary'      
# 
loop_
_pdbx_audit_revision_category.ordinal 
_pdbx_audit_revision_category.revision_ordinal 
_pdbx_audit_revision_category.data_content_type 
_pdbx_audit_revision_category.category 
1 3 'Structure model' chem_comp_atom                
2 3 'Structure model' chem_comp_bond                
3 3 'Structure model' citation                      
4 3 'Structure model' database_2                    
5 3 'Structure model' pdbx_initial_refinement_model 
6 3 'Structure model' pdbx_struct_oper_list         
7 4 'Structure model' pdbx_entry_details            
8 4 'Structure model' pdbx_modification_feature     
# 
loop_
_pdbx_audit_revision_item.ordinal 
_pdbx_audit_revision_item.revision_ordinal 
_pdbx_audit_revision_item.data_content_type 
_pdbx_audit_revision_item.item 
1 3 'Structure model' '_citation.journal_id_CSD'                  
2 3 'Structure model' '_database_2.pdbx_DOI'                      
3 3 'Structure model' '_database_2.pdbx_database_accession'       
4 3 'Structure model' '_pdbx_struct_oper_list.symmetry_operation' 
# 
_pdbx_database_status.status_code                     REL 
_pdbx_database_status.status_code_sf                  REL 
_pdbx_database_status.status_code_mr                  ? 
_pdbx_database_status.entry_id                        5DP7 
_pdbx_database_status.recvd_initial_deposition_date   2015-09-12 
_pdbx_database_status.SG_entry                        N 
_pdbx_database_status.deposit_site                    RCSB 
_pdbx_database_status.process_site                    PDBJ 
_pdbx_database_status.status_code_cs                  ? 
_pdbx_database_status.methods_development_category    ? 
_pdbx_database_status.pdb_format_compatible           Y 
_pdbx_database_status.status_code_nmr_data            ? 
# 
loop_
_pdbx_database_related.content_type 
_pdbx_database_related.db_id 
_pdbx_database_related.db_name 
_pdbx_database_related.details 
unspecified 5DP3 PDB . 
unspecified 5DP4 PDB . 
unspecified 5DP5 PDB . 
unspecified 5DP6 PDB . 
unspecified 5DP8 PDB . 
unspecified 5DP9 PDB . 
unspecified 5DPA PDB . 
# 
loop_
_audit_author.name 
_audit_author.pdbx_ordinal 
'Wu, C.'    1 
'Zhang, L.' 2 
'Li, P.'    3 
'Cai, Q.'   4 
'Peng, X.'  5 
'Li, N.'    6 
'Cai, Y.'   7 
'Li, J.'    8 
'Lin, T.'   9 
# 
_citation.abstract                  ? 
_citation.abstract_id_CAS           ? 
_citation.book_id_ISBN              ? 
_citation.book_publisher            ? 
_citation.book_publisher_city       ? 
_citation.book_title                ? 
_citation.coordinate_linkage        ? 
_citation.country                   NE 
_citation.database_id_Medline       ? 
_citation.details                   ? 
_citation.id                        primary 
_citation.journal_abbrev            Biochim.Biophys.Acta 
_citation.journal_id_ASTM           BBACAQ 
_citation.journal_id_CSD            0113 
_citation.journal_id_ISSN           0006-3002 
_citation.journal_full              ? 
_citation.journal_issue             ? 
_citation.journal_volume            1860 
_citation.language                  ? 
_citation.page_first                1299 
_citation.page_last                 1307 
_citation.title                     'Fragment-wise design of inhibitors to 3C proteinase from enterovirus 71' 
_citation.year                      2016 
_citation.database_id_CSD           ? 
_citation.pdbx_database_id_DOI      10.1016/j.bbagen.2016.03.017 
_citation.pdbx_database_id_PubMed   26987809 
_citation.unpublished_flag          ? 
# 
loop_
_citation_author.citation_id 
_citation_author.name 
_citation_author.ordinal 
_citation_author.identifier_ORCID 
primary 'Wu, C.'    1  ? 
primary 'Zhang, L.' 2  ? 
primary 'Li, P.'    3  ? 
primary 'Cai, Q.'   4  ? 
primary 'Peng, X.'  5  ? 
primary 'Yin, K.'   6  ? 
primary 'Chen, X.'  7  ? 
primary 'Ren, H.'   8  ? 
primary 'Zhong, S.' 9  ? 
primary 'Weng, Y.'  10 ? 
primary 'Guan, Y.'  11 ? 
primary 'Chen, S.'  12 ? 
primary 'Wu, J.'    13 ? 
primary 'Li, J.'    14 ? 
primary 'Lin, T.'   15 ? 
# 
loop_
_entity.id 
_entity.type 
_entity.src_method 
_entity.pdbx_description 
_entity.formula_weight 
_entity.pdbx_number_of_molecules 
_entity.pdbx_ec 
_entity.pdbx_mutation 
_entity.pdbx_fragment 
_entity.details 
1 polymer     man '3C proteinase'                                                                                           
21391.482 1  ? ? ? ? 
2 non-polymer syn 'ethyl (2Z,4S)-4-{[N-(3-methylbutanoyl)-L-phenylalanyl]amino}-5-[(3S)-2-oxopyrrolidin-3-yl]pent-2-enoate' 
457.563   1  ? ? ? ? 
3 water       nat water                                                                                                     18.015 
81 ? ? ? ? 
# 
_entity_poly.entity_id                      1 
_entity_poly.type                           'polypeptide(L)' 
_entity_poly.nstd_linkage                   no 
_entity_poly.nstd_monomer                   no 
_entity_poly.pdbx_seq_one_letter_code       
;MGPSLDFALSLLRRNVRQVQTDQGHFTMLGVRDRLAVLPRHSQPGKTIWIEHKLVNILDAVELVDEQGVNLELTLITLDT
NEKFRDITKFIPENISTASDATLVINTEHMPSMFVPVGDVVQYGFLNLSGKPTHRTMMYNFPTKAGQCGGVVTSVGKVIG
IHIGGNGRQGFCAGLKRSYFASEQLEHHHHHH
;
_entity_poly.pdbx_seq_one_letter_code_can   
;MGPSLDFALSLLRRNVRQVQTDQGHFTMLGVRDRLAVLPRHSQPGKTIWIEHKLVNILDAVELVDEQGVNLELTLITLDT
NEKFRDITKFIPENISTASDATLVINTEHMPSMFVPVGDVVQYGFLNLSGKPTHRTMMYNFPTKAGQCGGVVTSVGKVIG
IHIGGNGRQGFCAGLKRSYFASEQLEHHHHHH
;
_entity_poly.pdbx_strand_id                 A 
_entity_poly.pdbx_target_identifier         ? 
# 
loop_
_pdbx_entity_nonpoly.entity_id 
_pdbx_entity_nonpoly.name 
_pdbx_entity_nonpoly.comp_id 
2 'ethyl (2Z,4S)-4-{[N-(3-methylbutanoyl)-L-phenylalanyl]amino}-5-[(3S)-2-oxopyrrolidin-3-yl]pent-2-enoate' 5EC 
3 water                                                                                                     HOH 
# 
loop_
_entity_poly_seq.entity_id 
_entity_poly_seq.num 
_entity_poly_seq.mon_id 
_entity_poly_seq.hetero 
1 1   MET n 
1 2   GLY n 
1 3   PRO n 
1 4   SER n 
1 5   LEU n 
1 6   ASP n 
1 7   PHE n 
1 8   ALA n 
1 9   LEU n 
1 10  SER n 
1 11  LEU n 
1 12  LEU n 
1 13  ARG n 
1 14  ARG n 
1 15  ASN n 
1 16  VAL n 
1 17  ARG n 
1 18  GLN n 
1 19  VAL n 
1 20  GLN n 
1 21  THR n 
1 22  ASP n 
1 23  GLN n 
1 24  GLY n 
1 25  HIS n 
1 26  PHE n 
1 27  THR n 
1 28  MET n 
1 29  LEU n 
1 30  GLY n 
1 31  VAL n 
1 32  ARG n 
1 33  ASP n 
1 34  ARG n 
1 35  LEU n 
1 36  ALA n 
1 37  VAL n 
1 38  LEU n 
1 39  PRO n 
1 40  ARG n 
1 41  HIS n 
1 42  SER n 
1 43  GLN n 
1 44  PRO n 
1 45  GLY n 
1 46  LYS n 
1 47  THR n 
1 48  ILE n 
1 49  TRP n 
1 50  ILE n 
1 51  GLU n 
1 52  HIS n 
1 53  LYS n 
1 54  LEU n 
1 55  VAL n 
1 56  ASN n 
1 57  ILE n 
1 58  LEU n 
1 59  ASP n 
1 60  ALA n 
1 61  VAL n 
1 62  GLU n 
1 63  LEU n 
1 64  VAL n 
1 65  ASP n 
1 66  GLU n 
1 67  GLN n 
1 68  GLY n 
1 69  VAL n 
1 70  ASN n 
1 71  LEU n 
1 72  GLU n 
1 73  LEU n 
1 74  THR n 
1 75  LEU n 
1 76  ILE n 
1 77  THR n 
1 78  LEU n 
1 79  ASP n 
1 80  THR n 
1 81  ASN n 
1 82  GLU n 
1 83  LYS n 
1 84  PHE n 
1 85  ARG n 
1 86  ASP n 
1 87  ILE n 
1 88  THR n 
1 89  LYS n 
1 90  PHE n 
1 91  ILE n 
1 92  PRO n 
1 93  GLU n 
1 94  ASN n 
1 95  ILE n 
1 96  SER n 
1 97  THR n 
1 98  ALA n 
1 99  SER n 
1 100 ASP n 
1 101 ALA n 
1 102 THR n 
1 103 LEU n 
1 104 VAL n 
1 105 ILE n 
1 106 ASN n 
1 107 THR n 
1 108 GLU n 
1 109 HIS n 
1 110 MET n 
1 111 PRO n 
1 112 SER n 
1 113 MET n 
1 114 PHE n 
1 115 VAL n 
1 116 PRO n 
1 117 VAL n 
1 118 GLY n 
1 119 ASP n 
1 120 VAL n 
1 121 VAL n 
1 122 GLN n 
1 123 TYR n 
1 124 GLY n 
1 125 PHE n 
1 126 LEU n 
1 127 ASN n 
1 128 LEU n 
1 129 SER n 
1 130 GLY n 
1 131 LYS n 
1 132 PRO n 
1 133 THR n 
1 134 HIS n 
1 135 ARG n 
1 136 THR n 
1 137 MET n 
1 138 MET n 
1 139 TYR n 
1 140 ASN n 
1 141 PHE n 
1 142 PRO n 
1 143 THR n 
1 144 LYS n 
1 145 ALA n 
1 146 GLY n 
1 147 GLN n 
1 148 CYS n 
1 149 GLY n 
1 150 GLY n 
1 151 VAL n 
1 152 VAL n 
1 153 THR n 
1 154 SER n 
1 155 VAL n 
1 156 GLY n 
1 157 LYS n 
1 158 VAL n 
1 159 ILE n 
1 160 GLY n 
1 161 ILE n 
1 162 HIS n 
1 163 ILE n 
1 164 GLY n 
1 165 GLY n 
1 166 ASN n 
1 167 GLY n 
1 168 ARG n 
1 169 GLN n 
1 170 GLY n 
1 171 PHE n 
1 172 CYS n 
1 173 ALA n 
1 174 GLY n 
1 175 LEU n 
1 176 LYS n 
1 177 ARG n 
1 178 SER n 
1 179 TYR n 
1 180 PHE n 
1 181 ALA n 
1 182 SER n 
1 183 GLU n 
1 184 GLN n 
1 185 LEU n 
1 186 GLU n 
1 187 HIS n 
1 188 HIS n 
1 189 HIS n 
1 190 HIS n 
1 191 HIS n 
1 192 HIS n 
# 
_entity_src_gen.entity_id                          1 
_entity_src_gen.pdbx_src_id                        1 
_entity_src_gen.pdbx_alt_source_flag               sample 
_entity_src_gen.pdbx_seq_type                      'Biological sequence' 
_entity_src_gen.pdbx_beg_seq_num                   1 
_entity_src_gen.pdbx_end_seq_num                   192 
_entity_src_gen.gene_src_common_name               ? 
_entity_src_gen.gene_src_genus                     ? 
_entity_src_gen.pdbx_gene_src_gene                 ? 
_entity_src_gen.gene_src_species                   ? 
_entity_src_gen.gene_src_strain                    ? 
_entity_src_gen.gene_src_tissue                    ? 
_entity_src_gen.gene_src_tissue_fraction           ? 
_entity_src_gen.gene_src_details                   ? 
_entity_src_gen.pdbx_gene_src_fragment             ? 
_entity_src_gen.pdbx_gene_src_scientific_name      'Enterovirus A71' 
_entity_src_gen.pdbx_gene_src_ncbi_taxonomy_id     39054 
_entity_src_gen.pdbx_gene_src_variant              ? 
_entity_src_gen.pdbx_gene_src_cell_line            ? 
_entity_src_gen.pdbx_gene_src_atcc                 ? 
_entity_src_gen.pdbx_gene_src_organ                ? 
_entity_src_gen.pdbx_gene_src_organelle            ? 
_entity_src_gen.pdbx_gene_src_cell                 ? 
_entity_src_gen.pdbx_gene_src_cellular_location    ? 
_entity_src_gen.host_org_common_name               ? 
_entity_src_gen.pdbx_host_org_scientific_name      'Escherichia coli BL21(DE3)' 
_entity_src_gen.pdbx_host_org_ncbi_taxonomy_id     469008 
_entity_src_gen.host_org_genus                     ? 
_entity_src_gen.pdbx_host_org_gene                 ? 
_entity_src_gen.pdbx_host_org_organ                ? 
_entity_src_gen.host_org_species                   ? 
_entity_src_gen.pdbx_host_org_tissue               ? 
_entity_src_gen.pdbx_host_org_tissue_fraction      ? 
_entity_src_gen.pdbx_host_org_strain               'BL21(DE3)' 
_entity_src_gen.pdbx_host_org_variant              ? 
_entity_src_gen.pdbx_host_org_cell_line            ? 
_entity_src_gen.pdbx_host_org_atcc                 ? 
_entity_src_gen.pdbx_host_org_culture_collection   ? 
_entity_src_gen.pdbx_host_org_cell                 ? 
_entity_src_gen.pdbx_host_org_organelle            ? 
_entity_src_gen.pdbx_host_org_cellular_location    ? 
_entity_src_gen.pdbx_host_org_vector_type          plasmid 
_entity_src_gen.pdbx_host_org_vector               ? 
_entity_src_gen.host_org_details                   ? 
_entity_src_gen.expression_system_id               ? 
_entity_src_gen.plasmid_name                       pET28a 
_entity_src_gen.plasmid_details                    ? 
_entity_src_gen.pdbx_description                   ? 
# 
loop_
_chem_comp.id 
_chem_comp.type 
_chem_comp.mon_nstd_flag 
_chem_comp.name 
_chem_comp.pdbx_synonyms 
_chem_comp.formula 
_chem_comp.formula_weight 
5EC non-polymer         . 
'ethyl (2Z,4S)-4-{[N-(3-methylbutanoyl)-L-phenylalanyl]amino}-5-[(3S)-2-oxopyrrolidin-3-yl]pent-2-enoate' ? 'C25 H35 N3 O5'  
457.563 
ALA 'L-peptide linking' y ALANINE ? 'C3 H7 N O2'     89.093  
ARG 'L-peptide linking' y ARGININE ? 'C6 H15 N4 O2 1' 175.209 
ASN 'L-peptide linking' y ASPARAGINE ? 'C4 H8 N2 O3'    132.118 
ASP 'L-peptide linking' y 'ASPARTIC ACID' ? 'C4 H7 N O4'     133.103 
CYS 'L-peptide linking' y CYSTEINE ? 'C3 H7 N O2 S'   121.158 
GLN 'L-peptide linking' y GLUTAMINE ? 'C5 H10 N2 O3'   146.144 
GLU 'L-peptide linking' y 'GLUTAMIC ACID' ? 'C5 H9 N O4'     147.129 
GLY 'peptide linking'   y GLYCINE ? 'C2 H5 N O2'     75.067  
HIS 'L-peptide linking' y HISTIDINE ? 'C6 H10 N3 O2 1' 156.162 
HOH non-polymer         . WATER ? 'H2 O'           18.015  
ILE 'L-peptide linking' y ISOLEUCINE ? 'C6 H13 N O2'    131.173 
LEU 'L-peptide linking' y LEUCINE ? 'C6 H13 N O2'    131.173 
LYS 'L-peptide linking' y LYSINE ? 'C6 H15 N2 O2 1' 147.195 
MET 'L-peptide linking' y METHIONINE ? 'C5 H11 N O2 S'  149.211 
PHE 'L-peptide linking' y PHENYLALANINE ? 'C9 H11 N O2'    165.189 
PRO 'L-peptide linking' y PROLINE ? 'C5 H9 N O2'     115.130 
SER 'L-peptide linking' y SERINE ? 'C3 H7 N O3'     105.093 
THR 'L-peptide linking' y THREONINE ? 'C4 H9 N O3'     119.119 
TRP 'L-peptide linking' y TRYPTOPHAN ? 'C11 H12 N2 O2'  204.225 
TYR 'L-peptide linking' y TYROSINE ? 'C9 H11 N O3'    181.189 
VAL 'L-peptide linking' y VALINE ? 'C5 H11 N O2'    117.146 
# 
loop_
_pdbx_poly_seq_scheme.asym_id 
_pdbx_poly_seq_scheme.entity_id 
_pdbx_poly_seq_scheme.seq_id 
_pdbx_poly_seq_scheme.mon_id 
_pdbx_poly_seq_scheme.ndb_seq_num 
_pdbx_poly_seq_scheme.pdb_seq_num 
_pdbx_poly_seq_scheme.auth_seq_num 
_pdbx_poly_seq_scheme.pdb_mon_id 
_pdbx_poly_seq_scheme.auth_mon_id 
_pdbx_poly_seq_scheme.pdb_strand_id 
_pdbx_poly_seq_scheme.pdb_ins_code 
_pdbx_poly_seq_scheme.hetero 
A 1 1   MET 1   0   0   MET MET A . n 
A 1 2   GLY 2   1   1   GLY GLY A . n 
A 1 3   PRO 3   2   2   PRO PRO A . n 
A 1 4   SER 4   3   3   SER SER A . n 
A 1 5   LEU 5   4   4   LEU LEU A . n 
A 1 6   ASP 6   5   5   ASP ASP A . n 
A 1 7   PHE 7   6   6   PHE PHE A . n 
A 1 8   ALA 8   7   7   ALA ALA A . n 
A 1 9   LEU 9   8   8   LEU LEU A . n 
A 1 10  SER 10  9   9   SER SER A . n 
A 1 11  LEU 11  10  10  LEU LEU A . n 
A 1 12  LEU 12  11  11  LEU LEU A . n 
A 1 13  ARG 13  12  12  ARG ARG A . n 
A 1 14  ARG 14  13  13  ARG ARG A . n 
A 1 15  ASN 15  14  14  ASN ASN A . n 
A 1 16  VAL 16  15  15  VAL VAL A . n 
A 1 17  ARG 17  16  16  ARG ARG A . n 
A 1 18  GLN 18  17  17  GLN GLN A . n 
A 1 19  VAL 19  18  18  VAL VAL A . n 
A 1 20  GLN 20  19  19  GLN GLN A . n 
A 1 21  THR 21  20  20  THR THR A . n 
A 1 22  ASP 22  21  21  ASP ASP A . n 
A 1 23  GLN 23  22  22  GLN GLN A . n 
A 1 24  GLY 24  23  23  GLY GLY A . n 
A 1 25  HIS 25  24  24  HIS HIS A . n 
A 1 26  PHE 26  25  25  PHE PHE A . n 
A 1 27  THR 27  26  26  THR THR A . n 
A 1 28  MET 28  27  27  MET MET A . n 
A 1 29  LEU 29  28  28  LEU LEU A . n 
A 1 30  GLY 30  29  29  GLY GLY A . n 
A 1 31  VAL 31  30  30  VAL VAL A . n 
A 1 32  ARG 32  31  31  ARG ARG A . n 
A 1 33  ASP 33  32  32  ASP ASP A . n 
A 1 34  ARG 34  33  33  ARG ARG A . n 
A 1 35  LEU 35  34  34  LEU LEU A . n 
A 1 36  ALA 36  35  35  ALA ALA A . n 
A 1 37  VAL 37  36  36  VAL VAL A . n 
A 1 38  LEU 38  37  37  LEU LEU A . n 
A 1 39  PRO 39  38  38  PRO PRO A . n 
A 1 40  ARG 40  39  39  ARG ARG A . n 
A 1 41  HIS 41  40  40  HIS HIS A . n 
A 1 42  SER 42  41  41  SER SER A . n 
A 1 43  GLN 43  42  42  GLN GLN A . n 
A 1 44  PRO 44  43  43  PRO PRO A . n 
A 1 45  GLY 45  44  44  GLY GLY A . n 
A 1 46  LYS 46  45  45  LYS LYS A . n 
A 1 47  THR 47  46  46  THR THR A . n 
A 1 48  ILE 48  47  47  ILE ILE A . n 
A 1 49  TRP 49  48  48  TRP TRP A . n 
A 1 50  ILE 50  49  49  ILE ILE A . n 
A 1 51  GLU 51  50  50  GLU GLU A . n 
A 1 52  HIS 52  51  51  HIS HIS A . n 
A 1 53  LYS 53  52  52  LYS LYS A . n 
A 1 54  LEU 54  53  53  LEU LEU A . n 
A 1 55  VAL 55  54  54  VAL VAL A . n 
A 1 56  ASN 56  55  55  ASN ASN A . n 
A 1 57  ILE 57  56  56  ILE ILE A . n 
A 1 58  LEU 58  57  57  LEU LEU A . n 
A 1 59  ASP 59  58  58  ASP ASP A . n 
A 1 60  ALA 60  59  59  ALA ALA A . n 
A 1 61  VAL 61  60  60  VAL VAL A . n 
A 1 62  GLU 62  61  61  GLU GLU A . n 
A 1 63  LEU 63  62  62  LEU LEU A . n 
A 1 64  VAL 64  63  63  VAL VAL A . n 
A 1 65  ASP 65  64  64  ASP ASP A . n 
A 1 66  GLU 66  65  65  GLU GLU A . n 
A 1 67  GLN 67  66  66  GLN GLN A . n 
A 1 68  GLY 68  67  67  GLY GLY A . n 
A 1 69  VAL 69  68  68  VAL VAL A . n 
A 1 70  ASN 70  69  69  ASN ASN A . n 
A 1 71  LEU 71  70  70  LEU LEU A . n 
A 1 72  GLU 72  71  71  GLU GLU A . n 
A 1 73  LEU 73  72  72  LEU LEU A . n 
A 1 74  THR 74  73  73  THR THR A . n 
A 1 75  LEU 75  74  74  LEU LEU A . n 
A 1 76  ILE 76  75  75  ILE ILE A . n 
A 1 77  THR 77  76  76  THR THR A . n 
A 1 78  LEU 78  77  77  LEU LEU A . n 
A 1 79  ASP 79  78  78  ASP ASP A . n 
A 1 80  THR 80  79  79  THR THR A . n 
A 1 81  ASN 81  80  80  ASN ASN A . n 
A 1 82  GLU 82  81  81  GLU GLU A . n 
A 1 83  LYS 83  82  82  LYS LYS A . n 
A 1 84  PHE 84  83  83  PHE PHE A . n 
A 1 85  ARG 85  84  84  ARG ARG A . n 
A 1 86  ASP 86  85  85  ASP ASP A . n 
A 1 87  ILE 87  86  86  ILE ILE A . n 
A 1 88  THR 88  87  87  THR THR A . n 
A 1 89  LYS 89  88  88  LYS LYS A . n 
A 1 90  PHE 90  89  89  PHE PHE A . n 
A 1 91  ILE 91  90  90  ILE ILE A . n 
A 1 92  PRO 92  91  91  PRO PRO A . n 
A 1 93  GLU 93  92  92  GLU GLU A . n 
A 1 94  ASN 94  93  93  ASN ASN A . n 
A 1 95  ILE 95  94  94  ILE ILE A . n 
A 1 96  SER 96  95  95  SER SER A . n 
A 1 97  THR 97  96  96  THR THR A . n 
A 1 98  ALA 98  97  97  ALA ALA A . n 
A 1 99  SER 99  98  98  SER SER A . n 
A 1 100 ASP 100 99  99  ASP ASP A . n 
A 1 101 ALA 101 100 100 ALA ALA A . n 
A 1 102 THR 102 101 101 THR THR A . n 
A 1 103 LEU 103 102 102 LEU LEU A . n 
A 1 104 VAL 104 103 103 VAL VAL A . n 
A 1 105 ILE 105 104 104 ILE ILE A . n 
A 1 106 ASN 106 105 105 ASN ASN A . n 
A 1 107 THR 107 106 106 THR THR A . n 
A 1 108 GLU 108 107 107 GLU GLU A . n 
A 1 109 HIS 109 108 108 HIS HIS A . n 
A 1 110 MET 110 109 109 MET MET A . n 
A 1 111 PRO 111 110 110 PRO PRO A . n 
A 1 112 SER 112 111 111 SER SER A . n 
A 1 113 MET 113 112 112 MET MET A . n 
A 1 114 PHE 114 113 113 PHE PHE A . n 
A 1 115 VAL 115 114 114 VAL VAL A . n 
A 1 116 PRO 116 115 115 PRO PRO A . n 
A 1 117 VAL 117 116 116 VAL VAL A . n 
A 1 118 GLY 118 117 117 GLY GLY A . n 
A 1 119 ASP 119 118 118 ASP ASP A . n 
A 1 120 VAL 120 119 119 VAL VAL A . n 
A 1 121 VAL 121 120 120 VAL VAL A . n 
A 1 122 GLN 122 121 121 GLN GLN A . n 
A 1 123 TYR 123 122 122 TYR TYR A . n 
A 1 124 GLY 124 123 123 GLY GLY A . n 
A 1 125 PHE 125 124 124 PHE PHE A . n 
A 1 126 LEU 126 125 125 LEU LEU A . n 
A 1 127 ASN 127 126 126 ASN ASN A . n 
A 1 128 LEU 128 127 127 LEU LEU A . n 
A 1 129 SER 129 128 128 SER SER A . n 
A 1 130 GLY 130 129 129 GLY GLY A . n 
A 1 131 LYS 131 130 130 LYS LYS A . n 
A 1 132 PRO 132 131 131 PRO PRO A . n 
A 1 133 THR 133 132 132 THR THR A . n 
A 1 134 HIS 134 133 133 HIS HIS A . n 
A 1 135 ARG 135 134 134 ARG ARG A . n 
A 1 136 THR 136 135 135 THR THR A . n 
A 1 137 MET 137 136 136 MET MET A . n 
A 1 138 MET 138 137 137 MET MET A . n 
A 1 139 TYR 139 138 138 TYR TYR A . n 
A 1 140 ASN 140 139 139 ASN ASN A . n 
A 1 141 PHE 141 140 140 PHE PHE A . n 
A 1 142 PRO 142 141 141 PRO PRO A . n 
A 1 143 THR 143 142 142 THR THR A . n 
A 1 144 LYS 144 143 143 LYS LYS A . n 
A 1 145 ALA 145 144 144 ALA ALA A . n 
A 1 146 GLY 146 145 145 GLY GLY A . n 
A 1 147 GLN 147 146 146 GLN GLN A . n 
A 1 148 CYS 148 147 147 CYS CYS A . n 
A 1 149 GLY 149 148 148 GLY GLY A . n 
A 1 150 GLY 150 149 149 GLY GLY A . n 
A 1 151 VAL 151 150 150 VAL VAL A . n 
A 1 152 VAL 152 151 151 VAL VAL A . n 
A 1 153 THR 153 152 152 THR THR A . n 
A 1 154 SER 154 153 153 SER SER A . n 
A 1 155 VAL 155 154 154 VAL VAL A . n 
A 1 156 GLY 156 155 155 GLY GLY A . n 
A 1 157 LYS 157 156 156 LYS LYS A . n 
A 1 158 VAL 158 157 157 VAL VAL A . n 
A 1 159 ILE 159 158 158 ILE ILE A . n 
A 1 160 GLY 160 159 159 GLY GLY A . n 
A 1 161 ILE 161 160 160 ILE ILE A . n 
A 1 162 HIS 162 161 161 HIS HIS A . n 
A 1 163 ILE 163 162 162 ILE ILE A . n 
A 1 164 GLY 164 163 163 GLY GLY A . n 
A 1 165 GLY 165 164 164 GLY GLY A . n 
A 1 166 ASN 166 165 165 ASN ASN A . n 
A 1 167 GLY 167 166 166 GLY GLY A . n 
A 1 168 ARG 168 167 167 ARG ARG A . n 
A 1 169 GLN 169 168 168 GLN GLN A . n 
A 1 170 GLY 170 169 169 GLY GLY A . n 
A 1 171 PHE 171 170 170 PHE PHE A . n 
A 1 172 CYS 172 171 171 CYS CYS A . n 
A 1 173 ALA 173 172 172 ALA ALA A . n 
A 1 174 GLY 174 173 173 GLY GLY A . n 
A 1 175 LEU 175 174 174 LEU LEU A . n 
A 1 176 LYS 176 175 175 LYS LYS A . n 
A 1 177 ARG 177 176 176 ARG ARG A . n 
A 1 178 SER 178 177 177 SER SER A . n 
A 1 179 TYR 179 178 178 TYR TYR A . n 
A 1 180 PHE 180 179 179 PHE PHE A . n 
A 1 181 ALA 181 180 180 ALA ALA A . n 
A 1 182 SER 182 181 ?   ?   ?   A . n 
A 1 183 GLU 183 182 ?   ?   ?   A . n 
A 1 184 GLN 184 183 ?   ?   ?   A . n 
A 1 185 LEU 185 184 ?   ?   ?   A . n 
A 1 186 GLU 186 185 ?   ?   ?   A . n 
A 1 187 HIS 187 186 ?   ?   ?   A . n 
A 1 188 HIS 188 187 ?   ?   ?   A . n 
A 1 189 HIS 189 188 ?   ?   ?   A . n 
A 1 190 HIS 190 189 ?   ?   ?   A . n 
A 1 191 HIS 191 190 ?   ?   ?   A . n 
A 1 192 HIS 192 191 ?   ?   ?   A . n 
# 
loop_
_pdbx_nonpoly_scheme.asym_id 
_pdbx_nonpoly_scheme.entity_id 
_pdbx_nonpoly_scheme.mon_id 
_pdbx_nonpoly_scheme.ndb_seq_num 
_pdbx_nonpoly_scheme.pdb_seq_num 
_pdbx_nonpoly_scheme.auth_seq_num 
_pdbx_nonpoly_scheme.pdb_mon_id 
_pdbx_nonpoly_scheme.auth_mon_id 
_pdbx_nonpoly_scheme.pdb_strand_id 
_pdbx_nonpoly_scheme.pdb_ins_code 
B 2 5EC 1  201 1  5EC 121 A . 
C 3 HOH 1  301 54 HOH HOH A . 
C 3 HOH 2  302 67 HOH HOH A . 
C 3 HOH 3  303 55 HOH HOH A . 
C 3 HOH 4  304 49 HOH HOH A . 
C 3 HOH 5  305 40 HOH HOH A . 
C 3 HOH 6  306 73 HOH HOH A . 
C 3 HOH 7  307 15 HOH HOH A . 
C 3 HOH 8  308 31 HOH HOH A . 
C 3 HOH 9  309 61 HOH HOH A . 
C 3 HOH 10 310 30 HOH HOH A . 
C 3 HOH 11 311 36 HOH HOH A . 
C 3 HOH 12 312 29 HOH HOH A . 
C 3 HOH 13 313 35 HOH HOH A . 
C 3 HOH 14 314 63 HOH HOH A . 
C 3 HOH 15 315 28 HOH HOH A . 
C 3 HOH 16 316 70 HOH HOH A . 
C 3 HOH 17 317 23 HOH HOH A . 
C 3 HOH 18 318 6  HOH HOH A . 
C 3 HOH 19 319 77 HOH HOH A . 
C 3 HOH 20 320 72 HOH HOH A . 
C 3 HOH 21 321 17 HOH HOH A . 
C 3 HOH 22 322 43 HOH HOH A . 
C 3 HOH 23 323 13 HOH HOH A . 
C 3 HOH 24 324 8  HOH HOH A . 
C 3 HOH 25 325 44 HOH HOH A . 
C 3 HOH 26 326 21 HOH HOH A . 
C 3 HOH 27 327 59 HOH HOH A . 
C 3 HOH 28 328 57 HOH HOH A . 
C 3 HOH 29 329 76 HOH HOH A . 
C 3 HOH 30 330 62 HOH HOH A . 
C 3 HOH 31 331 16 HOH HOH A . 
C 3 HOH 32 332 78 HOH HOH A . 
C 3 HOH 33 333 39 HOH HOH A . 
C 3 HOH 34 334 46 HOH HOH A . 
C 3 HOH 35 335 45 HOH HOH A . 
C 3 HOH 36 336 4  HOH HOH A . 
C 3 HOH 37 337 60 HOH HOH A . 
C 3 HOH 38 338 74 HOH HOH A . 
C 3 HOH 39 339 14 HOH HOH A . 
C 3 HOH 40 340 27 HOH HOH A . 
C 3 HOH 41 341 12 HOH HOH A . 
C 3 HOH 42 342 22 HOH HOH A . 
C 3 HOH 43 343 7  HOH HOH A . 
C 3 HOH 44 344 65 HOH HOH A . 
C 3 HOH 45 345 34 HOH HOH A . 
C 3 HOH 46 346 3  HOH HOH A . 
C 3 HOH 47 347 33 HOH HOH A . 
C 3 HOH 48 348 81 HOH HOH A . 
C 3 HOH 49 349 26 HOH HOH A . 
C 3 HOH 50 350 51 HOH HOH A . 
C 3 HOH 51 351 48 HOH HOH A . 
C 3 HOH 52 352 69 HOH HOH A . 
C 3 HOH 53 353 47 HOH HOH A . 
C 3 HOH 54 354 42 HOH HOH A . 
C 3 HOH 55 355 53 HOH HOH A . 
C 3 HOH 56 356 71 HOH HOH A . 
C 3 HOH 57 357 18 HOH HOH A . 
C 3 HOH 58 358 58 HOH HOH A . 
C 3 HOH 59 359 66 HOH HOH A . 
C 3 HOH 60 360 24 HOH HOH A . 
C 3 HOH 61 361 9  HOH HOH A . 
C 3 HOH 62 362 5  HOH HOH A . 
C 3 HOH 63 363 75 HOH HOH A . 
C 3 HOH 64 364 52 HOH HOH A . 
C 3 HOH 65 365 38 HOH HOH A . 
C 3 HOH 66 366 1  HOH HOH A . 
C 3 HOH 67 367 25 HOH HOH A . 
C 3 HOH 68 368 50 HOH HOH A . 
C 3 HOH 69 369 32 HOH HOH A . 
C 3 HOH 70 370 56 HOH HOH A . 
C 3 HOH 71 371 64 HOH HOH A . 
C 3 HOH 72 372 41 HOH HOH A . 
C 3 HOH 73 373 10 HOH HOH A . 
C 3 HOH 74 374 19 HOH HOH A . 
C 3 HOH 75 375 80 HOH HOH A . 
C 3 HOH 76 376 20 HOH HOH A . 
C 3 HOH 77 377 11 HOH HOH A . 
C 3 HOH 78 378 2  HOH HOH A . 
C 3 HOH 79 379 37 HOH HOH A . 
C 3 HOH 80 380 68 HOH HOH A . 
C 3 HOH 81 381 79 HOH HOH A . 
# 
loop_
_software.citation_id 
_software.classification 
_software.compiler_name 
_software.compiler_version 
_software.contact_author 
_software.contact_author_email 
_software.date 
_software.description 
_software.dependencies 
_software.hardware 
_software.language 
_software.location 
_software.mods 
_software.name 
_software.os 
_software.os_version 
_software.type 
_software.version 
_software.pdbx_ordinal 
? 'data scaling'    ? ? ? ? ? ? ? ? ? ? ? HKL-2000    ? ? ? .        1 
? refinement        ? ? ? ? ? ? ? ? ? ? ? REFMAC      ? ? ? 5.7.0029 2 
? 'data extraction' ? ? ? ? ? ? ? ? ? ? ? PDB_EXTRACT ? ? ? 3.15     3 
# 
_cell.angle_alpha                  90.000 
_cell.angle_alpha_esd              ? 
_cell.angle_beta                   90.000 
_cell.angle_beta_esd               ? 
_cell.angle_gamma                  90.000 
_cell.angle_gamma_esd              ? 
_cell.entry_id                     5DP7 
_cell.details                      ? 
_cell.formula_units_Z              ? 
_cell.length_a                     64.203 
_cell.length_a_esd                 ? 
_cell.length_b                     65.319 
_cell.length_b_esd                 ? 
_cell.length_c                     76.443 
_cell.length_c_esd                 ? 
_cell.volume                       ? 
_cell.volume_esd                   ? 
_cell.Z_PDB                        8 
_cell.reciprocal_angle_alpha       ? 
_cell.reciprocal_angle_beta        ? 
_cell.reciprocal_angle_gamma       ? 
_cell.reciprocal_angle_alpha_esd   ? 
_cell.reciprocal_angle_beta_esd    ? 
_cell.reciprocal_angle_gamma_esd   ? 
_cell.reciprocal_length_a          ? 
_cell.reciprocal_length_b          ? 
_cell.reciprocal_length_c          ? 
_cell.reciprocal_length_a_esd      ? 
_cell.reciprocal_length_b_esd      ? 
_cell.reciprocal_length_c_esd      ? 
_cell.pdbx_unique_axis             ? 
# 
_symmetry.entry_id                         5DP7 
_symmetry.cell_setting                     ? 
_symmetry.Int_Tables_number                20 
_symmetry.space_group_name_Hall            ? 
_symmetry.space_group_name_H-M             'C 2 2 21' 
_symmetry.pdbx_full_space_group_name_H-M   ? 
# 
_exptl.absorpt_coefficient_mu     ? 
_exptl.absorpt_correction_T_max   ? 
_exptl.absorpt_correction_T_min   ? 
_exptl.absorpt_correction_type    ? 
_exptl.absorpt_process_details    ? 
_exptl.entry_id                   5DP7 
_exptl.crystals_number            1 
_exptl.details                    ? 
_exptl.method                     'X-RAY DIFFRACTION' 
_exptl.method_details             ? 
# 
_exptl_crystal.colour                      ? 
_exptl_crystal.density_diffrn              ? 
_exptl_crystal.density_Matthews            2.01 
_exptl_crystal.density_method              ? 
_exptl_crystal.density_percent_sol         34.34 
_exptl_crystal.description                 ? 
_exptl_crystal.F_000                       ? 
_exptl_crystal.id                          1 
_exptl_crystal.preparation                 ? 
_exptl_crystal.size_max                    ? 
_exptl_crystal.size_mid                    ? 
_exptl_crystal.size_min                    ? 
_exptl_crystal.size_rad                    ? 
_exptl_crystal.colour_lustre               ? 
_exptl_crystal.colour_modifier             ? 
_exptl_crystal.colour_primary              ? 
_exptl_crystal.density_meas                ? 
_exptl_crystal.density_meas_esd            ? 
_exptl_crystal.density_meas_gt             ? 
_exptl_crystal.density_meas_lt             ? 
_exptl_crystal.density_meas_temp           ? 
_exptl_crystal.density_meas_temp_esd       ? 
_exptl_crystal.density_meas_temp_gt        ? 
_exptl_crystal.density_meas_temp_lt        ? 
_exptl_crystal.pdbx_crystal_image_url      ? 
_exptl_crystal.pdbx_crystal_image_format   ? 
_exptl_crystal.pdbx_mosaicity              ? 
_exptl_crystal.pdbx_mosaicity_esd          ? 
# 
_exptl_crystal_grow.apparatus       ? 
_exptl_crystal_grow.atmosphere      ? 
_exptl_crystal_grow.crystal_id      1 
_exptl_crystal_grow.details         ? 
_exptl_crystal_grow.method          'VAPOR DIFFUSION, HANGING DROP' 
_exptl_crystal_grow.method_ref      ? 
_exptl_crystal_grow.pH              8.5 
_exptl_crystal_grow.pressure        ? 
_exptl_crystal_grow.pressure_esd    ? 
_exptl_crystal_grow.seeding         ? 
_exptl_crystal_grow.seeding_ref     ? 
_exptl_crystal_grow.temp            289 
_exptl_crystal_grow.temp_details    ? 
_exptl_crystal_grow.temp_esd        ? 
_exptl_crystal_grow.time            ? 
_exptl_crystal_grow.pdbx_details    '100mM Tris, 25% PEG4000, 0.8M lithium chloride' 
_exptl_crystal_grow.pdbx_pH_range   ? 
# 
_diffrn.ambient_environment    ? 
_diffrn.ambient_temp           100 
_diffrn.ambient_temp_details   ? 
_diffrn.ambient_temp_esd       ? 
_diffrn.crystal_id             1 
_diffrn.crystal_support        ? 
_diffrn.crystal_treatment      ? 
_diffrn.details                ? 
_diffrn.id                     1 
_diffrn.ambient_pressure       ? 
_diffrn.ambient_pressure_esd   ? 
_diffrn.ambient_pressure_gt    ? 
_diffrn.ambient_pressure_lt    ? 
_diffrn.ambient_temp_gt        ? 
_diffrn.ambient_temp_lt        ? 
# 
_diffrn_detector.details                      mirrors 
_diffrn_detector.detector                     CCD 
_diffrn_detector.diffrn_id                    1 
_diffrn_detector.type                         'ADSC QUANTUM 315r' 
_diffrn_detector.area_resol_mean              ? 
_diffrn_detector.dtime                        ? 
_diffrn_detector.pdbx_frames_total            ? 
_diffrn_detector.pdbx_collection_time_total   ? 
_diffrn_detector.pdbx_collection_date         2012-07-28 
# 
_diffrn_radiation.collimation                      ? 
_diffrn_radiation.diffrn_id                        1 
_diffrn_radiation.filter_edge                      ? 
_diffrn_radiation.inhomogeneity                    ? 
_diffrn_radiation.monochromator                    'Ni FILTER' 
_diffrn_radiation.polarisn_norm                    ? 
_diffrn_radiation.polarisn_ratio                   ? 
_diffrn_radiation.probe                            ? 
_diffrn_radiation.type                             ? 
_diffrn_radiation.xray_symbol                      ? 
_diffrn_radiation.wavelength_id                    1 
_diffrn_radiation.pdbx_monochromatic_or_laue_m_l   M 
_diffrn_radiation.pdbx_wavelength_list             ? 
_diffrn_radiation.pdbx_wavelength                  ? 
_diffrn_radiation.pdbx_diffrn_protocol             'SINGLE WAVELENGTH' 
_diffrn_radiation.pdbx_analyzer                    ? 
_diffrn_radiation.pdbx_scattering_type             x-ray 
# 
_diffrn_radiation_wavelength.id           1 
_diffrn_radiation_wavelength.wavelength   0.98 
_diffrn_radiation_wavelength.wt           1.0 
# 
_diffrn_source.current                     ? 
_diffrn_source.details                     ? 
_diffrn_source.diffrn_id                   1 
_diffrn_source.power                       ? 
_diffrn_source.size                        ? 
_diffrn_source.source                      SYNCHROTRON 
_diffrn_source.target                      ? 
_diffrn_source.type                        'SSRF BEAMLINE BL17U' 
_diffrn_source.voltage                     ? 
_diffrn_source.take-off_angle              ? 
_diffrn_source.pdbx_wavelength_list        0.98 
_diffrn_source.pdbx_wavelength             ? 
_diffrn_source.pdbx_synchrotron_beamline   BL17U 
_diffrn_source.pdbx_synchrotron_site       SSRF 
# 
_reflns.B_iso_Wilson_estimate            ? 
_reflns.entry_id                         5DP7 
_reflns.data_reduction_details           ? 
_reflns.data_reduction_method            ? 
_reflns.d_resolution_high                2.08 
_reflns.d_resolution_low                 50 
_reflns.details                          ? 
_reflns.limit_h_max                      ? 
_reflns.limit_h_min                      ? 
_reflns.limit_k_max                      ? 
_reflns.limit_k_min                      ? 
_reflns.limit_l_max                      ? 
_reflns.limit_l_min                      ? 
_reflns.number_all                       ? 
_reflns.number_obs                       8789 
_reflns.observed_criterion               ? 
_reflns.observed_criterion_F_max         ? 
_reflns.observed_criterion_F_min         ? 
_reflns.observed_criterion_I_max         ? 
_reflns.observed_criterion_I_min         ? 
_reflns.observed_criterion_sigma_F       ? 
_reflns.observed_criterion_sigma_I       ? 
_reflns.percent_possible_obs             92.7 
_reflns.R_free_details                   ? 
_reflns.Rmerge_F_all                     ? 
_reflns.Rmerge_F_obs                     ? 
_reflns.Friedel_coverage                 ? 
_reflns.number_gt                        ? 
_reflns.threshold_expression             ? 
_reflns.pdbx_redundancy                  2.6 
_reflns.pdbx_Rmerge_I_obs                ? 
_reflns.pdbx_Rmerge_I_all                ? 
_reflns.pdbx_Rsym_value                  ? 
_reflns.pdbx_netI_over_av_sigmaI         ? 
_reflns.pdbx_netI_over_sigmaI            8.4 
_reflns.pdbx_res_netI_over_av_sigmaI_2   ? 
_reflns.pdbx_res_netI_over_sigmaI_2      ? 
_reflns.pdbx_chi_squared                 ? 
_reflns.pdbx_scaling_rejects             ? 
_reflns.pdbx_d_res_high_opt              ? 
_reflns.pdbx_d_res_low_opt               ? 
_reflns.pdbx_d_res_opt_method            ? 
_reflns.phase_calculation_details        ? 
_reflns.pdbx_Rrim_I_all                  ? 
_reflns.pdbx_Rpim_I_all                  ? 
_reflns.pdbx_d_opt                       ? 
_reflns.pdbx_number_measured_all         ? 
_reflns.pdbx_diffrn_id                   1 
_reflns.pdbx_ordinal                     1 
_reflns.pdbx_CC_half                     ? 
_reflns.pdbx_R_split                     ? 
# 
_reflns_shell.Rmerge_F_all                ? 
_reflns_shell.Rmerge_F_gt                 ? 
_reflns_shell.Rmerge_F_obs                ? 
_reflns_shell.Rmerge_I_all                ? 
_reflns_shell.Rmerge_I_gt                 ? 
_reflns_shell.Rmerge_I_obs                0.237 
_reflns_shell.d_res_high                  2.08 
_reflns_shell.d_res_low                   2.15 
_reflns_shell.meanI_over_sigI_all         ? 
_reflns_shell.meanI_over_sigI_gt          ? 
_reflns_shell.meanI_over_sigI_obs         2.9 
_reflns_shell.meanI_over_uI_all           ? 
_reflns_shell.meanI_over_uI_gt            ? 
_reflns_shell.number_measured_all         ? 
_reflns_shell.number_measured_gt          ? 
_reflns_shell.number_measured_obs         ? 
_reflns_shell.number_possible             ? 
_reflns_shell.number_unique_all           ? 
_reflns_shell.number_unique_gt            ? 
_reflns_shell.number_unique_obs           ? 
_reflns_shell.pdbx_CC_half                ? 
_reflns_shell.pdbx_R_split                ? 
_reflns_shell.pdbx_Rpim_I_all             ? 
_reflns_shell.pdbx_Rrim_I_all             ? 
_reflns_shell.pdbx_Rsym_value             ? 
_reflns_shell.pdbx_chi_squared            ? 
_reflns_shell.pdbx_diffrn_id              1 
_reflns_shell.pdbx_netI_over_sigmaI_all   ? 
_reflns_shell.pdbx_netI_over_sigmaI_obs   ? 
_reflns_shell.pdbx_ordinal                1 
_reflns_shell.pdbx_redundancy             2.6 
_reflns_shell.pdbx_rejects                ? 
_reflns_shell.percent_possible_all        93.9 
_reflns_shell.percent_possible_gt         ? 
_reflns_shell.percent_possible_obs        ? 
# 
_refine.aniso_B[1][1]                            -1.5000 
_refine.aniso_B[1][2]                            -0.0000 
_refine.aniso_B[1][3]                            0.0000 
_refine.aniso_B[2][2]                            3.1200 
_refine.aniso_B[2][3]                            0.0000 
_refine.aniso_B[3][3]                            -1.6200 
_refine.B_iso_max                                51.930 
_refine.B_iso_mean                               22.4570 
_refine.B_iso_min                                9.270 
_refine.correlation_coeff_Fo_to_Fc               0.9380 
_refine.correlation_coeff_Fo_to_Fc_free          0.9040 
_refine.details                                  
'HYDROGENS HAVE BEEN ADDED IN THE RIDING POSITIONS U VALUES      : REFINED INDIVIDUALLY' 
_refine.diff_density_max                         ? 
_refine.diff_density_max_esd                     ? 
_refine.diff_density_min                         ? 
_refine.diff_density_min_esd                     ? 
_refine.diff_density_rms                         ? 
_refine.diff_density_rms_esd                     ? 
_refine.entry_id                                 5DP7 
_refine.pdbx_refine_id                           'X-RAY DIFFRACTION' 
_refine.ls_abs_structure_details                 ? 
_refine.ls_abs_structure_Flack                   ? 
_refine.ls_abs_structure_Flack_esd               ? 
_refine.ls_abs_structure_Rogers                  ? 
_refine.ls_abs_structure_Rogers_esd              ? 
_refine.ls_d_res_high                            2.0800 
_refine.ls_d_res_low                             39.3100 
_refine.ls_extinction_coef                       ? 
_refine.ls_extinction_coef_esd                   ? 
_refine.ls_extinction_expression                 ? 
_refine.ls_extinction_method                     ? 
_refine.ls_goodness_of_fit_all                   ? 
_refine.ls_goodness_of_fit_all_esd               ? 
_refine.ls_goodness_of_fit_obs                   ? 
_refine.ls_goodness_of_fit_obs_esd               ? 
_refine.ls_hydrogen_treatment                    ? 
_refine.ls_matrix_type                           ? 
_refine.ls_number_constraints                    ? 
_refine.ls_number_parameters                     ? 
_refine.ls_number_reflns_all                     ? 
_refine.ls_number_reflns_obs                     8789 
_refine.ls_number_reflns_R_free                  436 
_refine.ls_number_reflns_R_work                  ? 
_refine.ls_number_restraints                     ? 
_refine.ls_percent_reflns_obs                    92.7100 
_refine.ls_percent_reflns_R_free                 4.7000 
_refine.ls_R_factor_all                          ? 
_refine.ls_R_factor_obs                          0.2146 
_refine.ls_R_factor_R_free                       0.2595 
_refine.ls_R_factor_R_free_error                 ? 
_refine.ls_R_factor_R_free_error_details         ? 
_refine.ls_R_factor_R_work                       0.2124 
_refine.ls_R_Fsqd_factor_obs                     ? 
_refine.ls_R_I_factor_obs                        ? 
_refine.ls_redundancy_reflns_all                 ? 
_refine.ls_redundancy_reflns_obs                 ? 
_refine.ls_restrained_S_all                      ? 
_refine.ls_restrained_S_obs                      ? 
_refine.ls_shift_over_esd_max                    ? 
_refine.ls_shift_over_esd_mean                   ? 
_refine.ls_structure_factor_coef                 ? 
_refine.ls_weighting_details                     ? 
_refine.ls_weighting_scheme                      ? 
_refine.ls_wR_factor_all                         ? 
_refine.ls_wR_factor_obs                         ? 
_refine.ls_wR_factor_R_free                      ? 
_refine.ls_wR_factor_R_work                      ? 
_refine.occupancy_max                            ? 
_refine.occupancy_min                            ? 
_refine.solvent_model_details                    MASK 
_refine.solvent_model_param_bsol                 ? 
_refine.solvent_model_param_ksol                 ? 
_refine.ls_R_factor_gt                           ? 
_refine.ls_goodness_of_fit_gt                    ? 
_refine.ls_goodness_of_fit_ref                   ? 
_refine.ls_shift_over_su_max                     ? 
_refine.ls_shift_over_su_max_lt                  ? 
_refine.ls_shift_over_su_mean                    ? 
_refine.ls_shift_over_su_mean_lt                 ? 
_refine.pdbx_ls_sigma_I                          ? 
_refine.pdbx_ls_sigma_F                          0.000 
_refine.pdbx_ls_sigma_Fsqd                       ? 
_refine.pdbx_data_cutoff_high_absF               ? 
_refine.pdbx_data_cutoff_high_rms_absF           ? 
_refine.pdbx_data_cutoff_low_absF                ? 
_refine.pdbx_isotropic_thermal_model             ? 
_refine.pdbx_ls_cross_valid_method               THROUGHOUT 
_refine.pdbx_method_to_determine_struct          'MOLECULAR REPLACEMENT' 
_refine.pdbx_starting_model                      4GHQ 
_refine.pdbx_stereochemistry_target_values       'MAXIMUM LIKELIHOOD' 
_refine.pdbx_R_Free_selection_details            RANDOM 
_refine.pdbx_stereochem_target_val_spec_case     ? 
_refine.pdbx_overall_ESU_R                       0.3430 
_refine.pdbx_overall_ESU_R_Free                  0.2340 
_refine.pdbx_solvent_vdw_probe_radii             1.2000 
_refine.pdbx_solvent_ion_probe_radii             0.8000 
_refine.pdbx_solvent_shrinkage_radii             0.8000 
_refine.pdbx_real_space_R                        ? 
_refine.pdbx_density_correlation                 ? 
_refine.pdbx_pd_number_of_powder_patterns        ? 
_refine.pdbx_pd_number_of_points                 ? 
_refine.pdbx_pd_meas_number_of_points            ? 
_refine.pdbx_pd_proc_ls_prof_R_factor            ? 
_refine.pdbx_pd_proc_ls_prof_wR_factor           ? 
_refine.pdbx_pd_Marquardt_correlation_coeff      ? 
_refine.pdbx_pd_Fsqrd_R_factor                   ? 
_refine.pdbx_pd_ls_matrix_band_width             ? 
_refine.pdbx_overall_phase_error                 ? 
_refine.pdbx_overall_SU_R_free_Cruickshank_DPI   ? 
_refine.pdbx_overall_SU_R_free_Blow_DPI          ? 
_refine.pdbx_overall_SU_R_Blow_DPI               ? 
_refine.pdbx_TLS_residual_ADP_flag               ? 
_refine.pdbx_diffrn_id                           1 
_refine.overall_SU_B                             6.1500 
_refine.overall_SU_ML                            0.1680 
_refine.overall_SU_R_Cruickshank_DPI             ? 
_refine.overall_SU_R_free                        ? 
_refine.overall_FOM_free_R_set                   ? 
_refine.overall_FOM_work_R_set                   ? 
_refine.pdbx_average_fsc_overall                 ? 
_refine.pdbx_average_fsc_work                    ? 
_refine.pdbx_average_fsc_free                    ? 
# 
_refine_hist.cycle_id                         final 
_refine_hist.pdbx_refine_id                   'X-RAY DIFFRACTION' 
_refine_hist.d_res_high                       2.0800 
_refine_hist.d_res_low                        39.3100 
_refine_hist.pdbx_number_atoms_ligand         33 
_refine_hist.number_atoms_solvent             81 
_refine_hist.number_atoms_total               1515 
_refine_hist.pdbx_number_residues_total       181 
_refine_hist.pdbx_B_iso_mean_ligand           29.24 
_refine_hist.pdbx_B_iso_mean_solvent          25.86 
_refine_hist.pdbx_number_atoms_protein        1401 
_refine_hist.pdbx_number_atoms_nucleic_acid   0 
# 
loop_
_refine_ls_restr.pdbx_refine_id 
_refine_ls_restr.criterion 
_refine_ls_restr.dev_ideal 
_refine_ls_restr.dev_ideal_target 
_refine_ls_restr.number 
_refine_ls_restr.rejects 
_refine_ls_restr.type 
_refine_ls_restr.weight 
_refine_ls_restr.pdbx_restraint_function 
'X-RAY DIFFRACTION' ? 0.016  0.019  1463 ? r_bond_refined_d       ? ? 
'X-RAY DIFFRACTION' ? 0.001  0.020  1435 ? r_bond_other_d         ? ? 
'X-RAY DIFFRACTION' ? 1.834  1.982  1980 ? r_angle_refined_deg    ? ? 
'X-RAY DIFFRACTION' ? 1.291  3.000  3291 ? r_angle_other_deg      ? ? 
'X-RAY DIFFRACTION' ? 6.579  5.000  180  ? r_dihedral_angle_1_deg ? ? 
'X-RAY DIFFRACTION' ? 38.618 23.710 62   ? r_dihedral_angle_2_deg ? ? 
'X-RAY DIFFRACTION' ? 17.517 15.000 247  ? r_dihedral_angle_3_deg ? ? 
'X-RAY DIFFRACTION' ? 20.052 15.000 10   ? r_dihedral_angle_4_deg ? ? 
'X-RAY DIFFRACTION' ? 0.123  0.200  228  ? r_chiral_restr         ? ? 
'X-RAY DIFFRACTION' ? 0.008  0.021  1643 ? r_gen_planes_refined   ? ? 
'X-RAY DIFFRACTION' ? 0.001  0.020  341  ? r_gen_planes_other     ? ? 
# 
_refine_ls_shell.pdbx_refine_id                   'X-RAY DIFFRACTION' 
_refine_ls_shell.d_res_high                       2.0800 
_refine_ls_shell.d_res_low                        2.1340 
_refine_ls_shell.number_reflns_all                663 
_refine_ls_shell.number_reflns_obs                ? 
_refine_ls_shell.number_reflns_R_free             30 
_refine_ls_shell.number_reflns_R_work             633 
_refine_ls_shell.percent_reflns_obs               94.1800 
_refine_ls_shell.percent_reflns_R_free            ? 
_refine_ls_shell.R_factor_all                     ? 
_refine_ls_shell.R_factor_obs                     ? 
_refine_ls_shell.R_factor_R_free                  0.2270 
_refine_ls_shell.R_factor_R_free_error            ? 
_refine_ls_shell.R_factor_R_work                  0.2040 
_refine_ls_shell.redundancy_reflns_all            ? 
_refine_ls_shell.redundancy_reflns_obs            ? 
_refine_ls_shell.wR_factor_all                    ? 
_refine_ls_shell.wR_factor_obs                    ? 
_refine_ls_shell.wR_factor_R_free                 ? 
_refine_ls_shell.wR_factor_R_work                 ? 
_refine_ls_shell.pdbx_total_number_of_bins_used   20 
_refine_ls_shell.pdbx_phase_error                 ? 
_refine_ls_shell.pdbx_fsc_work                    ? 
_refine_ls_shell.pdbx_fsc_free                    ? 
# 
_struct.entry_id                     5DP7 
_struct.title                        'Crystal Structure of EV71 3C Proteinase in complex with compound 5' 
_struct.pdbx_model_details           ? 
_struct.pdbx_formula_weight          ? 
_struct.pdbx_formula_weight_method   ? 
_struct.pdbx_model_type_details      ? 
_struct.pdbx_CASP_flag               ? 
# 
_struct_keywords.entry_id        5DP7 
_struct_keywords.text            
'Hand, foot and mouth disease, 3C proteinase, peptidomimetics, drug design, rupintrivir, HYDROLASE-HYDROLASE INHIBITOR complex' 
_struct_keywords.pdbx_keywords   'HYDROLASE/HYDROLASE INHIBITOR' 
# 
loop_
_struct_asym.id 
_struct_asym.pdbx_blank_PDB_chainid_flag 
_struct_asym.pdbx_modified 
_struct_asym.entity_id 
_struct_asym.details 
A N N 1 ? 
B N N 2 ? 
C N N 3 ? 
# 
_struct_ref.id                         1 
_struct_ref.db_name                    UNP 
_struct_ref.db_code                    A9XG43_9ENTO 
_struct_ref.pdbx_db_accession          A9XG43 
_struct_ref.pdbx_db_isoform            ? 
_struct_ref.entity_id                  1 
_struct_ref.pdbx_seq_one_letter_code   
;GPSLDFALSLLRRNVRQVQTDQGHFTMLGVRDRLAVLPRHSQPGKTIWIEHKLVNILDAVELVDEQGVNLELTLITLDTN
EKFRDITKFIPENISTASDATLVINTEHMPSMFVPVGDVVQYGFLNLSGKPTHRTMMYNFPTKAGQCGGVVTSVGKVIGI
HIGGNGRQGFCAGLKRSYFASEQ
;
_struct_ref.pdbx_align_begin           1549 
# 
_struct_ref_seq.align_id                      1 
_struct_ref_seq.ref_id                        1 
_struct_ref_seq.pdbx_PDB_id_code              5DP7 
_struct_ref_seq.pdbx_strand_id                A 
_struct_ref_seq.seq_align_beg                 2 
_struct_ref_seq.pdbx_seq_align_beg_ins_code   ? 
_struct_ref_seq.seq_align_end                 184 
_struct_ref_seq.pdbx_seq_align_end_ins_code   ? 
_struct_ref_seq.pdbx_db_accession             A9XG43 
_struct_ref_seq.db_align_beg                  1549 
_struct_ref_seq.pdbx_db_align_beg_ins_code    ? 
_struct_ref_seq.db_align_end                  1731 
_struct_ref_seq.pdbx_db_align_end_ins_code    ? 
_struct_ref_seq.pdbx_auth_seq_align_beg       1 
_struct_ref_seq.pdbx_auth_seq_align_end       183 
# 
loop_
_struct_ref_seq_dif.align_id 
_struct_ref_seq_dif.pdbx_pdb_id_code 
_struct_ref_seq_dif.mon_id 
_struct_ref_seq_dif.pdbx_pdb_strand_id 
_struct_ref_seq_dif.seq_num 
_struct_ref_seq_dif.pdbx_pdb_ins_code 
_struct_ref_seq_dif.pdbx_seq_db_name 
_struct_ref_seq_dif.pdbx_seq_db_accession_code 
_struct_ref_seq_dif.db_mon_id 
_struct_ref_seq_dif.pdbx_seq_db_seq_num 
_struct_ref_seq_dif.details 
_struct_ref_seq_dif.pdbx_auth_seq_num 
_struct_ref_seq_dif.pdbx_ordinal 
1 5DP7 MET A 1   ? UNP A9XG43 ? ? 'initiating methionine' 0   1 
1 5DP7 LEU A 185 ? UNP A9XG43 ? ? 'expression tag'        184 2 
1 5DP7 GLU A 186 ? UNP A9XG43 ? ? 'expression tag'        185 3 
1 5DP7 HIS A 187 ? UNP A9XG43 ? ? 'expression tag'        186 4 
1 5DP7 HIS A 188 ? UNP A9XG43 ? ? 'expression tag'        187 5 
1 5DP7 HIS A 189 ? UNP A9XG43 ? ? 'expression tag'        188 6 
1 5DP7 HIS A 190 ? UNP A9XG43 ? ? 'expression tag'        189 7 
1 5DP7 HIS A 191 ? UNP A9XG43 ? ? 'expression tag'        190 8 
1 5DP7 HIS A 192 ? UNP A9XG43 ? ? 'expression tag'        191 9 
# 
_pdbx_struct_assembly.id                   1 
_pdbx_struct_assembly.details              author_defined_assembly 
_pdbx_struct_assembly.method_details       ? 
_pdbx_struct_assembly.oligomeric_details   monomeric 
_pdbx_struct_assembly.oligomeric_count     1 
# 
loop_
_pdbx_struct_assembly_prop.biol_id 
_pdbx_struct_assembly_prop.type 
_pdbx_struct_assembly_prop.value 
_pdbx_struct_assembly_prop.details 
1 'ABSA (A^2)' 0    ? 
1 MORE         0    ? 
1 'SSA (A^2)'  8390 ? 
# 
_pdbx_struct_assembly_gen.assembly_id       1 
_pdbx_struct_assembly_gen.oper_expression   1 
_pdbx_struct_assembly_gen.asym_id_list      A,B,C 
# 
_pdbx_struct_oper_list.id                   1 
_pdbx_struct_oper_list.type                 'identity operation' 
_pdbx_struct_oper_list.name                 1_555 
_pdbx_struct_oper_list.symmetry_operation   x,y,z 
_pdbx_struct_oper_list.matrix[1][1]         1.0000000000 
_pdbx_struct_oper_list.matrix[1][2]         0.0000000000 
_pdbx_struct_oper_list.matrix[1][3]         0.0000000000 
_pdbx_struct_oper_list.vector[1]            0.0000000000 
_pdbx_struct_oper_list.matrix[2][1]         0.0000000000 
_pdbx_struct_oper_list.matrix[2][2]         1.0000000000 
_pdbx_struct_oper_list.matrix[2][3]         0.0000000000 
_pdbx_struct_oper_list.vector[2]            0.0000000000 
_pdbx_struct_oper_list.matrix[3][1]         0.0000000000 
_pdbx_struct_oper_list.matrix[3][2]         0.0000000000 
_pdbx_struct_oper_list.matrix[3][3]         1.0000000000 
_pdbx_struct_oper_list.vector[3]            0.0000000000 
# 
loop_
_struct_conf.conf_type_id 
_struct_conf.id 
_struct_conf.pdbx_PDB_helix_id 
_struct_conf.beg_label_comp_id 
_struct_conf.beg_label_asym_id 
_struct_conf.beg_label_seq_id 
_struct_conf.pdbx_beg_PDB_ins_code 
_struct_conf.end_label_comp_id 
_struct_conf.end_label_asym_id 
_struct_conf.end_label_seq_id 
_struct_conf.pdbx_end_PDB_ins_code 
_struct_conf.beg_auth_comp_id 
_struct_conf.beg_auth_asym_id 
_struct_conf.beg_auth_seq_id 
_struct_conf.end_auth_comp_id 
_struct_conf.end_auth_asym_id 
_struct_conf.end_auth_seq_id 
_struct_conf.pdbx_PDB_helix_class 
_struct_conf.details 
_struct_conf.pdbx_PDB_helix_length 
HELX_P HELX_P1 AA1 GLY A 2   ? ASN A 15  ? GLY A 1   ASN A 14  1 ? 14 
HELX_P HELX_P2 AA2 HIS A 41  ? GLN A 43  ? HIS A 40  GLN A 42  5 ? 3  
HELX_P HELX_P3 AA3 ILE A 87  ? ILE A 91  ? ILE A 86  ILE A 90  5 ? 5  
HELX_P HELX_P4 AA4 LYS A 176 ? ALA A 181 ? LYS A 175 ALA A 180 5 ? 6  
# 
_struct_conf_type.id          HELX_P 
_struct_conf_type.criteria    ? 
_struct_conf_type.reference   ? 
# 
_struct_conn.id                            covale1 
_struct_conn.conn_type_id                  covale 
_struct_conn.pdbx_leaving_atom_flag        none 
_struct_conn.pdbx_PDB_id                   ? 
_struct_conn.ptnr1_label_asym_id           A 
_struct_conn.ptnr1_label_comp_id           CYS 
_struct_conn.ptnr1_label_seq_id            148 
_struct_conn.ptnr1_label_atom_id           SG 
_struct_conn.pdbx_ptnr1_label_alt_id       ? 
_struct_conn.pdbx_ptnr1_PDB_ins_code       ? 
_struct_conn.pdbx_ptnr1_standard_comp_id   ? 
_struct_conn.ptnr1_symmetry                1_555 
_struct_conn.ptnr2_label_asym_id           B 
_struct_conn.ptnr2_label_comp_id           5EC 
_struct_conn.ptnr2_label_seq_id            . 
_struct_conn.ptnr2_label_atom_id           C14 
_struct_conn.pdbx_ptnr2_label_alt_id       ? 
_struct_conn.pdbx_ptnr2_PDB_ins_code       ? 
_struct_conn.ptnr1_auth_asym_id            A 
_struct_conn.ptnr1_auth_comp_id            CYS 
_struct_conn.ptnr1_auth_seq_id             147 
_struct_conn.ptnr2_auth_asym_id            A 
_struct_conn.ptnr2_auth_comp_id            5EC 
_struct_conn.ptnr2_auth_seq_id             201 
_struct_conn.ptnr2_symmetry                1_555 
_struct_conn.pdbx_ptnr3_label_atom_id      ? 
_struct_conn.pdbx_ptnr3_label_seq_id       ? 
_struct_conn.pdbx_ptnr3_label_comp_id      ? 
_struct_conn.pdbx_ptnr3_label_asym_id      ? 
_struct_conn.pdbx_ptnr3_label_alt_id       ? 
_struct_conn.pdbx_ptnr3_PDB_ins_code       ? 
_struct_conn.details                       ? 
_struct_conn.pdbx_dist_value               1.748 
_struct_conn.pdbx_value_order              ? 
_struct_conn.pdbx_role                     ? 
# 
_struct_conn_type.id          covale 
_struct_conn_type.criteria    ? 
_struct_conn_type.reference   ? 
# 
_pdbx_modification_feature.ordinal                            1 
_pdbx_modification_feature.label_comp_id                      5EC 
_pdbx_modification_feature.label_asym_id                      B 
_pdbx_modification_feature.label_seq_id                       . 
_pdbx_modification_feature.label_alt_id                       ? 
_pdbx_modification_feature.modified_residue_label_comp_id     CYS 
_pdbx_modification_feature.modified_residue_label_asym_id     A 
_pdbx_modification_feature.modified_residue_label_seq_id      148 
_pdbx_modification_feature.modified_residue_label_alt_id      ? 
_pdbx_modification_feature.auth_comp_id                       5EC 
_pdbx_modification_feature.auth_asym_id                       A 
_pdbx_modification_feature.auth_seq_id                        201 
_pdbx_modification_feature.PDB_ins_code                       ? 
_pdbx_modification_feature.symmetry                           1_555 
_pdbx_modification_feature.modified_residue_auth_comp_id      CYS 
_pdbx_modification_feature.modified_residue_auth_asym_id      A 
_pdbx_modification_feature.modified_residue_auth_seq_id       147 
_pdbx_modification_feature.modified_residue_PDB_ins_code      ? 
_pdbx_modification_feature.modified_residue_symmetry          1_555 
_pdbx_modification_feature.comp_id_linking_atom               C14 
_pdbx_modification_feature.modified_residue_id_linking_atom   SG 
_pdbx_modification_feature.modified_residue_id                CYS 
_pdbx_modification_feature.ref_pcm_id                         1 
_pdbx_modification_feature.ref_comp_id                        5EC 
_pdbx_modification_feature.type                               None 
_pdbx_modification_feature.category                           'Covalent chemical modification' 
# 
loop_
_struct_sheet.id 
_struct_sheet.type 
_struct_sheet.number_strands 
_struct_sheet.details 
AA1 ? 7 ? 
AA2 ? 7 ? 
# 
loop_
_struct_sheet_order.sheet_id 
_struct_sheet_order.range_id_1 
_struct_sheet_order.range_id_2 
_struct_sheet_order.offset 
_struct_sheet_order.sense 
AA1 1 2 ? anti-parallel 
AA1 2 3 ? anti-parallel 
AA1 3 4 ? anti-parallel 
AA1 4 5 ? anti-parallel 
AA1 5 6 ? anti-parallel 
AA1 6 7 ? anti-parallel 
AA2 1 2 ? anti-parallel 
AA2 2 3 ? anti-parallel 
AA2 3 4 ? anti-parallel 
AA2 4 5 ? anti-parallel 
AA2 5 6 ? anti-parallel 
AA2 6 7 ? anti-parallel 
# 
loop_
_struct_sheet_range.sheet_id 
_struct_sheet_range.id 
_struct_sheet_range.beg_label_comp_id 
_struct_sheet_range.beg_label_asym_id 
_struct_sheet_range.beg_label_seq_id 
_struct_sheet_range.pdbx_beg_PDB_ins_code 
_struct_sheet_range.end_label_comp_id 
_struct_sheet_range.end_label_asym_id 
_struct_sheet_range.end_label_seq_id 
_struct_sheet_range.pdbx_end_PDB_ins_code 
_struct_sheet_range.beg_auth_comp_id 
_struct_sheet_range.beg_auth_asym_id 
_struct_sheet_range.beg_auth_seq_id 
_struct_sheet_range.end_auth_comp_id 
_struct_sheet_range.end_auth_asym_id 
_struct_sheet_range.end_auth_seq_id 
AA1 1 VAL A 16  ? THR A 21  ? VAL A 15  THR A 20  
AA1 2 GLY A 24  ? ARG A 32  ? GLY A 23  ARG A 31  
AA1 3 LEU A 35  ? PRO A 39  ? LEU A 34  PRO A 38  
AA1 4 ASN A 70  ? LEU A 78  ? ASN A 69  LEU A 77  
AA1 5 LYS A 53  ? VAL A 64  ? LYS A 52  VAL A 63  
AA1 6 THR A 47  ? ILE A 50  ? THR A 46  ILE A 49  
AA1 7 VAL A 16  ? THR A 21  ? VAL A 15  THR A 20  
AA2 1 ALA A 98  ? ILE A 105 ? ALA A 97  ILE A 104 
AA2 2 MET A 113 ? LEU A 128 ? MET A 112 LEU A 127 
AA2 3 LYS A 131 ? TYR A 139 ? LYS A 130 TYR A 138 
AA2 4 GLY A 170 ? GLY A 174 ? GLY A 169 GLY A 173 
AA2 5 VAL A 158 ? GLY A 165 ? VAL A 157 GLY A 164 
AA2 6 VAL A 151 ? THR A 153 ? VAL A 150 THR A 152 
AA2 7 ALA A 98  ? ILE A 105 ? ALA A 97  ILE A 104 
# 
loop_
_pdbx_struct_sheet_hbond.sheet_id 
_pdbx_struct_sheet_hbond.range_id_1 
_pdbx_struct_sheet_hbond.range_id_2 
_pdbx_struct_sheet_hbond.range_1_label_atom_id 
_pdbx_struct_sheet_hbond.range_1_label_comp_id 
_pdbx_struct_sheet_hbond.range_1_label_asym_id 
_pdbx_struct_sheet_hbond.range_1_label_seq_id 
_pdbx_struct_sheet_hbond.range_1_PDB_ins_code 
_pdbx_struct_sheet_hbond.range_1_auth_atom_id 
_pdbx_struct_sheet_hbond.range_1_auth_comp_id 
_pdbx_struct_sheet_hbond.range_1_auth_asym_id 
_pdbx_struct_sheet_hbond.range_1_auth_seq_id 
_pdbx_struct_sheet_hbond.range_2_label_atom_id 
_pdbx_struct_sheet_hbond.range_2_label_comp_id 
_pdbx_struct_sheet_hbond.range_2_label_asym_id 
_pdbx_struct_sheet_hbond.range_2_label_seq_id 
_pdbx_struct_sheet_hbond.range_2_PDB_ins_code 
_pdbx_struct_sheet_hbond.range_2_auth_atom_id 
_pdbx_struct_sheet_hbond.range_2_auth_comp_id 
_pdbx_struct_sheet_hbond.range_2_auth_asym_id 
_pdbx_struct_sheet_hbond.range_2_auth_seq_id 
AA1 1 2 N ARG A 17  ? N ARG A 16  O MET A 28  ? O MET A 27  
AA1 2 3 N ARG A 32  ? N ARG A 31  O LEU A 35  ? O LEU A 34  
AA1 3 4 N ALA A 36  ? N ALA A 35  O ILE A 76  ? O ILE A 75  
AA1 4 5 O LEU A 73  ? O LEU A 72  N LEU A 63  ? N LEU A 62  
AA1 5 6 O LYS A 53  ? O LYS A 52  N ILE A 50  ? N ILE A 49  
AA1 6 7 O TRP A 49  ? O TRP A 48  N GLN A 20  ? N GLN A 19  
AA2 1 2 N ILE A 105 ? N ILE A 104 O MET A 113 ? O MET A 112 
AA2 2 3 N LEU A 128 ? N LEU A 127 O LYS A 131 ? O LYS A 130 
AA2 3 4 N TYR A 139 ? N TYR A 138 O GLY A 170 ? O GLY A 169 
AA2 4 5 O PHE A 171 ? O PHE A 170 N GLY A 164 ? N GLY A 163 
AA2 5 6 O GLY A 160 ? O GLY A 159 N VAL A 152 ? N VAL A 151 
AA2 6 7 O THR A 153 ? O THR A 152 N THR A 102 ? N THR A 101 
# 
_struct_site.id                   AC1 
_struct_site.pdbx_evidence_code   Software 
_struct_site.pdbx_auth_asym_id    A 
_struct_site.pdbx_auth_comp_id    5EC 
_struct_site.pdbx_auth_seq_id     201 
_struct_site.pdbx_auth_ins_code   ? 
_struct_site.pdbx_num_residues    14 
_struct_site.details              'binding site for residue 5EC A 201' 
# 
loop_
_struct_site_gen.id 
_struct_site_gen.site_id 
_struct_site_gen.pdbx_num_res 
_struct_site_gen.label_comp_id 
_struct_site_gen.label_asym_id 
_struct_site_gen.label_seq_id 
_struct_site_gen.pdbx_auth_ins_code 
_struct_site_gen.auth_comp_id 
_struct_site_gen.auth_asym_id 
_struct_site_gen.auth_seq_id 
_struct_site_gen.label_atom_id 
_struct_site_gen.label_alt_id 
_struct_site_gen.symmetry 
_struct_site_gen.details 
1  AC1 14 ARG A 40  ? ARG A 39  . ? 1_555 ? 
2  AC1 14 HIS A 41  ? HIS A 40  . ? 1_555 ? 
3  AC1 14 ASN A 127 ? ASN A 126 . ? 1_555 ? 
4  AC1 14 LEU A 128 ? LEU A 127 . ? 1_555 ? 
5  AC1 14 SER A 129 ? SER A 128 . ? 1_555 ? 
6  AC1 14 THR A 143 ? THR A 142 . ? 1_555 ? 
7  AC1 14 LYS A 144 ? LYS A 143 . ? 1_555 ? 
8  AC1 14 ALA A 145 ? ALA A 144 . ? 1_555 ? 
9  AC1 14 GLY A 146 ? GLY A 145 . ? 1_555 ? 
10 AC1 14 CYS A 148 ? CYS A 147 . ? 1_555 ? 
11 AC1 14 HIS A 162 ? HIS A 161 . ? 1_555 ? 
12 AC1 14 ILE A 163 ? ILE A 162 . ? 1_555 ? 
13 AC1 14 GLY A 164 ? GLY A 163 . ? 1_555 ? 
14 AC1 14 GLY A 165 ? GLY A 164 . ? 1_555 ? 
# 
_pdbx_entry_details.entry_id                   5DP7 
_pdbx_entry_details.compound_details           ? 
_pdbx_entry_details.source_details             ? 
_pdbx_entry_details.nonpolymer_details         ? 
_pdbx_entry_details.sequence_details           ? 
_pdbx_entry_details.has_ligand_of_interest     ? 
_pdbx_entry_details.has_protein_modification   Y 
# 
_pdbx_validate_symm_contact.id                1 
_pdbx_validate_symm_contact.PDB_model_num     1 
_pdbx_validate_symm_contact.auth_atom_id_1    OD1 
_pdbx_validate_symm_contact.auth_asym_id_1    A 
_pdbx_validate_symm_contact.auth_comp_id_1    ASN 
_pdbx_validate_symm_contact.auth_seq_id_1     93 
_pdbx_validate_symm_contact.PDB_ins_code_1    ? 
_pdbx_validate_symm_contact.label_alt_id_1    ? 
_pdbx_validate_symm_contact.site_symmetry_1   1_555 
_pdbx_validate_symm_contact.auth_atom_id_2    OD1 
_pdbx_validate_symm_contact.auth_asym_id_2    A 
_pdbx_validate_symm_contact.auth_comp_id_2    ASN 
_pdbx_validate_symm_contact.auth_seq_id_2     93 
_pdbx_validate_symm_contact.PDB_ins_code_2    ? 
_pdbx_validate_symm_contact.label_alt_id_2    ? 
_pdbx_validate_symm_contact.site_symmetry_2   4_565 
_pdbx_validate_symm_contact.dist              2.02 
# 
loop_
_pdbx_validate_torsion.id 
_pdbx_validate_torsion.PDB_model_num 
_pdbx_validate_torsion.auth_comp_id 
_pdbx_validate_torsion.auth_asym_id 
_pdbx_validate_torsion.auth_seq_id 
_pdbx_validate_torsion.PDB_ins_code 
_pdbx_validate_torsion.label_alt_id 
_pdbx_validate_torsion.phi 
_pdbx_validate_torsion.psi 
1 1 ASP A 32  ? ? 42.46 -119.31 
2 1 GLU A 50  ? ? 40.33 -69.19  
3 1 SER A 111 ? ? 38.25 56.72   
# 
loop_
_pdbx_struct_special_symmetry.id 
_pdbx_struct_special_symmetry.PDB_model_num 
_pdbx_struct_special_symmetry.auth_asym_id 
_pdbx_struct_special_symmetry.auth_comp_id 
_pdbx_struct_special_symmetry.auth_seq_id 
_pdbx_struct_special_symmetry.PDB_ins_code 
_pdbx_struct_special_symmetry.label_asym_id 
_pdbx_struct_special_symmetry.label_comp_id 
_pdbx_struct_special_symmetry.label_seq_id 
1 1 A HOH 362 ? C HOH . 
2 1 A HOH 378 ? C HOH . 
# 
loop_
_pdbx_unobs_or_zero_occ_residues.id 
_pdbx_unobs_or_zero_occ_residues.PDB_model_num 
_pdbx_unobs_or_zero_occ_residues.polymer_flag 
_pdbx_unobs_or_zero_occ_residues.occupancy_flag 
_pdbx_unobs_or_zero_occ_residues.auth_asym_id 
_pdbx_unobs_or_zero_occ_residues.auth_comp_id 
_pdbx_unobs_or_zero_occ_residues.auth_seq_id 
_pdbx_unobs_or_zero_occ_residues.PDB_ins_code 
_pdbx_unobs_or_zero_occ_residues.label_asym_id 
_pdbx_unobs_or_zero_occ_residues.label_comp_id 
_pdbx_unobs_or_zero_occ_residues.label_seq_id 
1  1 Y 1 A SER 181 ? A SER 182 
2  1 Y 1 A GLU 182 ? A GLU 183 
3  1 Y 1 A GLN 183 ? A GLN 184 
4  1 Y 1 A LEU 184 ? A LEU 185 
5  1 Y 1 A GLU 185 ? A GLU 186 
6  1 Y 1 A HIS 186 ? A HIS 187 
7  1 Y 1 A HIS 187 ? A HIS 188 
8  1 Y 1 A HIS 188 ? A HIS 189 
9  1 Y 1 A HIS 189 ? A HIS 190 
10 1 Y 1 A HIS 190 ? A HIS 191 
11 1 Y 1 A HIS 191 ? A HIS 192 
# 
loop_
_chem_comp_atom.comp_id 
_chem_comp_atom.atom_id 
_chem_comp_atom.type_symbol 
_chem_comp_atom.pdbx_aromatic_flag 
_chem_comp_atom.pdbx_stereo_config 
_chem_comp_atom.pdbx_ordinal 
5EC C2   C N S 1   
5EC C3   C N N 2   
5EC C4   C Y N 3   
5EC C5   C Y N 4   
5EC C6   C Y N 5   
5EC C7   C Y N 6   
5EC N1   N N N 7   
5EC C8   C Y N 8   
5EC C20  C N N 9   
5EC C22  C N N 10  
5EC C23  C N N 11  
5EC C24  C N N 12  
5EC C    C N N 13  
5EC O    O N N 14  
5EC N5   N N N 15  
5EC C9   C Y N 16  
5EC C17  C N N 17  
5EC O4   O N N 18  
5EC N    N N N 19  
5EC C10  C N S 20  
5EC C11  C N N 21  
5EC C12  C N S 22  
5EC C13  C N N 23  
5EC O1   O N N 24  
5EC C25  C N N 25  
5EC C26  C N N 26  
5EC C14  C N N 27  
5EC C15  C N N 28  
5EC C16  C N N 29  
5EC O3   O N N 30  
5EC O2   O N N 31  
5EC C18  C N N 32  
5EC C19  C N N 33  
5EC H1   H N N 34  
5EC H2   H N N 35  
5EC H3   H N N 36  
5EC H4   H N N 37  
5EC H5   H N N 38  
5EC H6   H N N 39  
5EC H7   H N N 40  
5EC H8   H N N 41  
5EC H9   H N N 42  
5EC H10  H N N 43  
5EC H11  H N N 44  
5EC H12  H N N 45  
5EC H13  H N N 46  
5EC H14  H N N 47  
5EC H15  H N N 48  
5EC H16  H N N 49  
5EC H17  H N N 50  
5EC H18  H N N 51  
5EC H19  H N N 52  
5EC H20  H N N 53  
5EC H21  H N N 54  
5EC H22  H N N 55  
5EC H23  H N N 56  
5EC H24  H N N 57  
5EC H25  H N N 58  
5EC H26  H N N 59  
5EC H27  H N N 60  
5EC H28  H N N 61  
5EC H29  H N N 62  
5EC H31  H N N 63  
5EC H33  H N N 64  
5EC H34  H N N 65  
5EC H35  H N N 66  
5EC H36  H N N 67  
5EC H37  H N N 68  
ALA N    N N N 69  
ALA CA   C N S 70  
ALA C    C N N 71  
ALA O    O N N 72  
ALA CB   C N N 73  
ALA OXT  O N N 74  
ALA H    H N N 75  
ALA H2   H N N 76  
ALA HA   H N N 77  
ALA HB1  H N N 78  
ALA HB2  H N N 79  
ALA HB3  H N N 80  
ALA HXT  H N N 81  
ARG N    N N N 82  
ARG CA   C N S 83  
ARG C    C N N 84  
ARG O    O N N 85  
ARG CB   C N N 86  
ARG CG   C N N 87  
ARG CD   C N N 88  
ARG NE   N N N 89  
ARG CZ   C N N 90  
ARG NH1  N N N 91  
ARG NH2  N N N 92  
ARG OXT  O N N 93  
ARG H    H N N 94  
ARG H2   H N N 95  
ARG HA   H N N 96  
ARG HB2  H N N 97  
ARG HB3  H N N 98  
ARG HG2  H N N 99  
ARG HG3  H N N 100 
ARG HD2  H N N 101 
ARG HD3  H N N 102 
ARG HE   H N N 103 
ARG HH11 H N N 104 
ARG HH12 H N N 105 
ARG HH21 H N N 106 
ARG HH22 H N N 107 
ARG HXT  H N N 108 
ASN N    N N N 109 
ASN CA   C N S 110 
ASN C    C N N 111 
ASN O    O N N 112 
ASN CB   C N N 113 
ASN CG   C N N 114 
ASN OD1  O N N 115 
ASN ND2  N N N 116 
ASN OXT  O N N 117 
ASN H    H N N 118 
ASN H2   H N N 119 
ASN HA   H N N 120 
ASN HB2  H N N 121 
ASN HB3  H N N 122 
ASN HD21 H N N 123 
ASN HD22 H N N 124 
ASN HXT  H N N 125 
ASP N    N N N 126 
ASP CA   C N S 127 
ASP C    C N N 128 
ASP O    O N N 129 
ASP CB   C N N 130 
ASP CG   C N N 131 
ASP OD1  O N N 132 
ASP OD2  O N N 133 
ASP OXT  O N N 134 
ASP H    H N N 135 
ASP H2   H N N 136 
ASP HA   H N N 137 
ASP HB2  H N N 138 
ASP HB3  H N N 139 
ASP HD2  H N N 140 
ASP HXT  H N N 141 
CYS N    N N N 142 
CYS CA   C N R 143 
CYS C    C N N 144 
CYS O    O N N 145 
CYS CB   C N N 146 
CYS SG   S N N 147 
CYS OXT  O N N 148 
CYS H    H N N 149 
CYS H2   H N N 150 
CYS HA   H N N 151 
CYS HB2  H N N 152 
CYS HB3  H N N 153 
CYS HG   H N N 154 
CYS HXT  H N N 155 
GLN N    N N N 156 
GLN CA   C N S 157 
GLN C    C N N 158 
GLN O    O N N 159 
GLN CB   C N N 160 
GLN CG   C N N 161 
GLN CD   C N N 162 
GLN OE1  O N N 163 
GLN NE2  N N N 164 
GLN OXT  O N N 165 
GLN H    H N N 166 
GLN H2   H N N 167 
GLN HA   H N N 168 
GLN HB2  H N N 169 
GLN HB3  H N N 170 
GLN HG2  H N N 171 
GLN HG3  H N N 172 
GLN HE21 H N N 173 
GLN HE22 H N N 174 
GLN HXT  H N N 175 
GLU N    N N N 176 
GLU CA   C N S 177 
GLU C    C N N 178 
GLU O    O N N 179 
GLU CB   C N N 180 
GLU CG   C N N 181 
GLU CD   C N N 182 
GLU OE1  O N N 183 
GLU OE2  O N N 184 
GLU OXT  O N N 185 
GLU H    H N N 186 
GLU H2   H N N 187 
GLU HA   H N N 188 
GLU HB2  H N N 189 
GLU HB3  H N N 190 
GLU HG2  H N N 191 
GLU HG3  H N N 192 
GLU HE2  H N N 193 
GLU HXT  H N N 194 
GLY N    N N N 195 
GLY CA   C N N 196 
GLY C    C N N 197 
GLY O    O N N 198 
GLY OXT  O N N 199 
GLY H    H N N 200 
GLY H2   H N N 201 
GLY HA2  H N N 202 
GLY HA3  H N N 203 
GLY HXT  H N N 204 
HIS N    N N N 205 
HIS CA   C N S 206 
HIS C    C N N 207 
HIS O    O N N 208 
HIS CB   C N N 209 
HIS CG   C Y N 210 
HIS ND1  N Y N 211 
HIS CD2  C Y N 212 
HIS CE1  C Y N 213 
HIS NE2  N Y N 214 
HIS OXT  O N N 215 
HIS H    H N N 216 
HIS H2   H N N 217 
HIS HA   H N N 218 
HIS HB2  H N N 219 
HIS HB3  H N N 220 
HIS HD1  H N N 221 
HIS HD2  H N N 222 
HIS HE1  H N N 223 
HIS HE2  H N N 224 
HIS HXT  H N N 225 
HOH O    O N N 226 
HOH H1   H N N 227 
HOH H2   H N N 228 
ILE N    N N N 229 
ILE CA   C N S 230 
ILE C    C N N 231 
ILE O    O N N 232 
ILE CB   C N S 233 
ILE CG1  C N N 234 
ILE CG2  C N N 235 
ILE CD1  C N N 236 
ILE OXT  O N N 237 
ILE H    H N N 238 
ILE H2   H N N 239 
ILE HA   H N N 240 
ILE HB   H N N 241 
ILE HG12 H N N 242 
ILE HG13 H N N 243 
ILE HG21 H N N 244 
ILE HG22 H N N 245 
ILE HG23 H N N 246 
ILE HD11 H N N 247 
ILE HD12 H N N 248 
ILE HD13 H N N 249 
ILE HXT  H N N 250 
LEU N    N N N 251 
LEU CA   C N S 252 
LEU C    C N N 253 
LEU O    O N N 254 
LEU CB   C N N 255 
LEU CG   C N N 256 
LEU CD1  C N N 257 
LEU CD2  C N N 258 
LEU OXT  O N N 259 
LEU H    H N N 260 
LEU H2   H N N 261 
LEU HA   H N N 262 
LEU HB2  H N N 263 
LEU HB3  H N N 264 
LEU HG   H N N 265 
LEU HD11 H N N 266 
LEU HD12 H N N 267 
LEU HD13 H N N 268 
LEU HD21 H N N 269 
LEU HD22 H N N 270 
LEU HD23 H N N 271 
LEU HXT  H N N 272 
LYS N    N N N 273 
LYS CA   C N S 274 
LYS C    C N N 275 
LYS O    O N N 276 
LYS CB   C N N 277 
LYS CG   C N N 278 
LYS CD   C N N 279 
LYS CE   C N N 280 
LYS NZ   N N N 281 
LYS OXT  O N N 282 
LYS H    H N N 283 
LYS H2   H N N 284 
LYS HA   H N N 285 
LYS HB2  H N N 286 
LYS HB3  H N N 287 
LYS HG2  H N N 288 
LYS HG3  H N N 289 
LYS HD2  H N N 290 
LYS HD3  H N N 291 
LYS HE2  H N N 292 
LYS HE3  H N N 293 
LYS HZ1  H N N 294 
LYS HZ2  H N N 295 
LYS HZ3  H N N 296 
LYS HXT  H N N 297 
MET N    N N N 298 
MET CA   C N S 299 
MET C    C N N 300 
MET O    O N N 301 
MET CB   C N N 302 
MET CG   C N N 303 
MET SD   S N N 304 
MET CE   C N N 305 
MET OXT  O N N 306 
MET H    H N N 307 
MET H2   H N N 308 
MET HA   H N N 309 
MET HB2  H N N 310 
MET HB3  H N N 311 
MET HG2  H N N 312 
MET HG3  H N N 313 
MET HE1  H N N 314 
MET HE2  H N N 315 
MET HE3  H N N 316 
MET HXT  H N N 317 
PHE N    N N N 318 
PHE CA   C N S 319 
PHE C    C N N 320 
PHE O    O N N 321 
PHE CB   C N N 322 
PHE CG   C Y N 323 
PHE CD1  C Y N 324 
PHE CD2  C Y N 325 
PHE CE1  C Y N 326 
PHE CE2  C Y N 327 
PHE CZ   C Y N 328 
PHE OXT  O N N 329 
PHE H    H N N 330 
PHE H2   H N N 331 
PHE HA   H N N 332 
PHE HB2  H N N 333 
PHE HB3  H N N 334 
PHE HD1  H N N 335 
PHE HD2  H N N 336 
PHE HE1  H N N 337 
PHE HE2  H N N 338 
PHE HZ   H N N 339 
PHE HXT  H N N 340 
PRO N    N N N 341 
PRO CA   C N S 342 
PRO C    C N N 343 
PRO O    O N N 344 
PRO CB   C N N 345 
PRO CG   C N N 346 
PRO CD   C N N 347 
PRO OXT  O N N 348 
PRO H    H N N 349 
PRO HA   H N N 350 
PRO HB2  H N N 351 
PRO HB3  H N N 352 
PRO HG2  H N N 353 
PRO HG3  H N N 354 
PRO HD2  H N N 355 
PRO HD3  H N N 356 
PRO HXT  H N N 357 
SER N    N N N 358 
SER CA   C N S 359 
SER C    C N N 360 
SER O    O N N 361 
SER CB   C N N 362 
SER OG   O N N 363 
SER OXT  O N N 364 
SER H    H N N 365 
SER H2   H N N 366 
SER HA   H N N 367 
SER HB2  H N N 368 
SER HB3  H N N 369 
SER HG   H N N 370 
SER HXT  H N N 371 
THR N    N N N 372 
THR CA   C N S 373 
THR C    C N N 374 
THR O    O N N 375 
THR CB   C N R 376 
THR OG1  O N N 377 
THR CG2  C N N 378 
THR OXT  O N N 379 
THR H    H N N 380 
THR H2   H N N 381 
THR HA   H N N 382 
THR HB   H N N 383 
THR HG1  H N N 384 
THR HG21 H N N 385 
THR HG22 H N N 386 
THR HG23 H N N 387 
THR HXT  H N N 388 
TRP N    N N N 389 
TRP CA   C N S 390 
TRP C    C N N 391 
TRP O    O N N 392 
TRP CB   C N N 393 
TRP CG   C Y N 394 
TRP CD1  C Y N 395 
TRP CD2  C Y N 396 
TRP NE1  N Y N 397 
TRP CE2  C Y N 398 
TRP CE3  C Y N 399 
TRP CZ2  C Y N 400 
TRP CZ3  C Y N 401 
TRP CH2  C Y N 402 
TRP OXT  O N N 403 
TRP H    H N N 404 
TRP H2   H N N 405 
TRP HA   H N N 406 
TRP HB2  H N N 407 
TRP HB3  H N N 408 
TRP HD1  H N N 409 
TRP HE1  H N N 410 
TRP HE3  H N N 411 
TRP HZ2  H N N 412 
TRP HZ3  H N N 413 
TRP HH2  H N N 414 
TRP HXT  H N N 415 
TYR N    N N N 416 
TYR CA   C N S 417 
TYR C    C N N 418 
TYR O    O N N 419 
TYR CB   C N N 420 
TYR CG   C Y N 421 
TYR CD1  C Y N 422 
TYR CD2  C Y N 423 
TYR CE1  C Y N 424 
TYR CE2  C Y N 425 
TYR CZ   C Y N 426 
TYR OH   O N N 427 
TYR OXT  O N N 428 
TYR H    H N N 429 
TYR H2   H N N 430 
TYR HA   H N N 431 
TYR HB2  H N N 432 
TYR HB3  H N N 433 
TYR HD1  H N N 434 
TYR HD2  H N N 435 
TYR HE1  H N N 436 
TYR HE2  H N N 437 
TYR HH   H N N 438 
TYR HXT  H N N 439 
VAL N    N N N 440 
VAL CA   C N S 441 
VAL C    C N N 442 
VAL O    O N N 443 
VAL CB   C N N 444 
VAL CG1  C N N 445 
VAL CG2  C N N 446 
VAL OXT  O N N 447 
VAL H    H N N 448 
VAL H2   H N N 449 
VAL HA   H N N 450 
VAL HB   H N N 451 
VAL HG11 H N N 452 
VAL HG12 H N N 453 
VAL HG13 H N N 454 
VAL HG21 H N N 455 
VAL HG22 H N N 456 
VAL HG23 H N N 457 
VAL HXT  H N N 458 
# 
loop_
_chem_comp_bond.comp_id 
_chem_comp_bond.atom_id_1 
_chem_comp_bond.atom_id_2 
_chem_comp_bond.value_order 
_chem_comp_bond.pdbx_aromatic_flag 
_chem_comp_bond.pdbx_stereo_config 
_chem_comp_bond.pdbx_ordinal 
5EC O3  C16  doub N N 1   
5EC C16 O2   sing N N 2   
5EC C16 C15  sing N N 3   
5EC O2  C18  sing N N 4   
5EC C19 C18  sing N N 5   
5EC C15 C14  doub N Z 6   
5EC C14 C10  sing N N 7   
5EC C11 C10  sing N N 8   
5EC C11 C12  sing N N 9   
5EC C10 N    sing N N 10  
5EC O1  C13  doub N N 11  
5EC C13 C12  sing N N 12  
5EC C13 N1   sing N N 13  
5EC C12 C26  sing N N 14  
5EC C26 C25  sing N N 15  
5EC N   C17  sing N N 16  
5EC N1  C25  sing N N 17  
5EC O4  C17  doub N N 18  
5EC C17 C2   sing N N 19  
5EC C3  C2   sing N N 20  
5EC C3  C4   sing N N 21  
5EC C2  N5   sing N N 22  
5EC C5  C4   doub Y N 23  
5EC C5  C6   sing Y N 24  
5EC C4  C9   sing Y N 25  
5EC O   C    doub N N 26  
5EC N5  C    sing N N 27  
5EC C6  C7   doub Y N 28  
5EC C9  C8   doub Y N 29  
5EC C   C20  sing N N 30  
5EC C8  C7   sing Y N 31  
5EC C20 C22  sing N N 32  
5EC C24 C22  sing N N 33  
5EC C22 C23  sing N N 34  
5EC C2  H1   sing N N 35  
5EC C3  H2   sing N N 36  
5EC C3  H3   sing N N 37  
5EC C5  H4   sing N N 38  
5EC C6  H5   sing N N 39  
5EC C7  H6   sing N N 40  
5EC N1  H7   sing N N 41  
5EC C8  H8   sing N N 42  
5EC C20 H9   sing N N 43  
5EC C20 H10  sing N N 44  
5EC C22 H11  sing N N 45  
5EC C23 H12  sing N N 46  
5EC C23 H13  sing N N 47  
5EC C23 H14  sing N N 48  
5EC C24 H15  sing N N 49  
5EC C24 H16  sing N N 50  
5EC C24 H17  sing N N 51  
5EC N5  H18  sing N N 52  
5EC C9  H19  sing N N 53  
5EC N   H20  sing N N 54  
5EC C10 H21  sing N N 55  
5EC C11 H22  sing N N 56  
5EC C11 H23  sing N N 57  
5EC C12 H24  sing N N 58  
5EC C25 H25  sing N N 59  
5EC C25 H26  sing N N 60  
5EC C26 H27  sing N N 61  
5EC C26 H28  sing N N 62  
5EC C14 H29  sing N N 63  
5EC C15 H31  sing N N 64  
5EC C18 H33  sing N N 65  
5EC C18 H34  sing N N 66  
5EC C19 H35  sing N N 67  
5EC C19 H36  sing N N 68  
5EC C19 H37  sing N N 69  
ALA N   CA   sing N N 70  
ALA N   H    sing N N 71  
ALA N   H2   sing N N 72  
ALA CA  C    sing N N 73  
ALA CA  CB   sing N N 74  
ALA CA  HA   sing N N 75  
ALA C   O    doub N N 76  
ALA C   OXT  sing N N 77  
ALA CB  HB1  sing N N 78  
ALA CB  HB2  sing N N 79  
ALA CB  HB3  sing N N 80  
ALA OXT HXT  sing N N 81  
ARG N   CA   sing N N 82  
ARG N   H    sing N N 83  
ARG N   H2   sing N N 84  
ARG CA  C    sing N N 85  
ARG CA  CB   sing N N 86  
ARG CA  HA   sing N N 87  
ARG C   O    doub N N 88  
ARG C   OXT  sing N N 89  
ARG CB  CG   sing N N 90  
ARG CB  HB2  sing N N 91  
ARG CB  HB3  sing N N 92  
ARG CG  CD   sing N N 93  
ARG CG  HG2  sing N N 94  
ARG CG  HG3  sing N N 95  
ARG CD  NE   sing N N 96  
ARG CD  HD2  sing N N 97  
ARG CD  HD3  sing N N 98  
ARG NE  CZ   sing N N 99  
ARG NE  HE   sing N N 100 
ARG CZ  NH1  sing N N 101 
ARG CZ  NH2  doub N N 102 
ARG NH1 HH11 sing N N 103 
ARG NH1 HH12 sing N N 104 
ARG NH2 HH21 sing N N 105 
ARG NH2 HH22 sing N N 106 
ARG OXT HXT  sing N N 107 
ASN N   CA   sing N N 108 
ASN N   H    sing N N 109 
ASN N   H2   sing N N 110 
ASN CA  C    sing N N 111 
ASN CA  CB   sing N N 112 
ASN CA  HA   sing N N 113 
ASN C   O    doub N N 114 
ASN C   OXT  sing N N 115 
ASN CB  CG   sing N N 116 
ASN CB  HB2  sing N N 117 
ASN CB  HB3  sing N N 118 
ASN CG  OD1  doub N N 119 
ASN CG  ND2  sing N N 120 
ASN ND2 HD21 sing N N 121 
ASN ND2 HD22 sing N N 122 
ASN OXT HXT  sing N N 123 
ASP N   CA   sing N N 124 
ASP N   H    sing N N 125 
ASP N   H2   sing N N 126 
ASP CA  C    sing N N 127 
ASP CA  CB   sing N N 128 
ASP CA  HA   sing N N 129 
ASP C   O    doub N N 130 
ASP C   OXT  sing N N 131 
ASP CB  CG   sing N N 132 
ASP CB  HB2  sing N N 133 
ASP CB  HB3  sing N N 134 
ASP CG  OD1  doub N N 135 
ASP CG  OD2  sing N N 136 
ASP OD2 HD2  sing N N 137 
ASP OXT HXT  sing N N 138 
CYS N   CA   sing N N 139 
CYS N   H    sing N N 140 
CYS N   H2   sing N N 141 
CYS CA  C    sing N N 142 
CYS CA  CB   sing N N 143 
CYS CA  HA   sing N N 144 
CYS C   O    doub N N 145 
CYS C   OXT  sing N N 146 
CYS CB  SG   sing N N 147 
CYS CB  HB2  sing N N 148 
CYS CB  HB3  sing N N 149 
CYS SG  HG   sing N N 150 
CYS OXT HXT  sing N N 151 
GLN N   CA   sing N N 152 
GLN N   H    sing N N 153 
GLN N   H2   sing N N 154 
GLN CA  C    sing N N 155 
GLN CA  CB   sing N N 156 
GLN CA  HA   sing N N 157 
GLN C   O    doub N N 158 
GLN C   OXT  sing N N 159 
GLN CB  CG   sing N N 160 
GLN CB  HB2  sing N N 161 
GLN CB  HB3  sing N N 162 
GLN CG  CD   sing N N 163 
GLN CG  HG2  sing N N 164 
GLN CG  HG3  sing N N 165 
GLN CD  OE1  doub N N 166 
GLN CD  NE2  sing N N 167 
GLN NE2 HE21 sing N N 168 
GLN NE2 HE22 sing N N 169 
GLN OXT HXT  sing N N 170 
GLU N   CA   sing N N 171 
GLU N   H    sing N N 172 
GLU N   H2   sing N N 173 
GLU CA  C    sing N N 174 
GLU CA  CB   sing N N 175 
GLU CA  HA   sing N N 176 
GLU C   O    doub N N 177 
GLU C   OXT  sing N N 178 
GLU CB  CG   sing N N 179 
GLU CB  HB2  sing N N 180 
GLU CB  HB3  sing N N 181 
GLU CG  CD   sing N N 182 
GLU CG  HG2  sing N N 183 
GLU CG  HG3  sing N N 184 
GLU CD  OE1  doub N N 185 
GLU CD  OE2  sing N N 186 
GLU OE2 HE2  sing N N 187 
GLU OXT HXT  sing N N 188 
GLY N   CA   sing N N 189 
GLY N   H    sing N N 190 
GLY N   H2   sing N N 191 
GLY CA  C    sing N N 192 
GLY CA  HA2  sing N N 193 
GLY CA  HA3  sing N N 194 
GLY C   O    doub N N 195 
GLY C   OXT  sing N N 196 
GLY OXT HXT  sing N N 197 
HIS N   CA   sing N N 198 
HIS N   H    sing N N 199 
HIS N   H2   sing N N 200 
HIS CA  C    sing N N 201 
HIS CA  CB   sing N N 202 
HIS CA  HA   sing N N 203 
HIS C   O    doub N N 204 
HIS C   OXT  sing N N 205 
HIS CB  CG   sing N N 206 
HIS CB  HB2  sing N N 207 
HIS CB  HB3  sing N N 208 
HIS CG  ND1  sing Y N 209 
HIS CG  CD2  doub Y N 210 
HIS ND1 CE1  doub Y N 211 
HIS ND1 HD1  sing N N 212 
HIS CD2 NE2  sing Y N 213 
HIS CD2 HD2  sing N N 214 
HIS CE1 NE2  sing Y N 215 
HIS CE1 HE1  sing N N 216 
HIS NE2 HE2  sing N N 217 
HIS OXT HXT  sing N N 218 
HOH O   H1   sing N N 219 
HOH O   H2   sing N N 220 
ILE N   CA   sing N N 221 
ILE N   H    sing N N 222 
ILE N   H2   sing N N 223 
ILE CA  C    sing N N 224 
ILE CA  CB   sing N N 225 
ILE CA  HA   sing N N 226 
ILE C   O    doub N N 227 
ILE C   OXT  sing N N 228 
ILE CB  CG1  sing N N 229 
ILE CB  CG2  sing N N 230 
ILE CB  HB   sing N N 231 
ILE CG1 CD1  sing N N 232 
ILE CG1 HG12 sing N N 233 
ILE CG1 HG13 sing N N 234 
ILE CG2 HG21 sing N N 235 
ILE CG2 HG22 sing N N 236 
ILE CG2 HG23 sing N N 237 
ILE CD1 HD11 sing N N 238 
ILE CD1 HD12 sing N N 239 
ILE CD1 HD13 sing N N 240 
ILE OXT HXT  sing N N 241 
LEU N   CA   sing N N 242 
LEU N   H    sing N N 243 
LEU N   H2   sing N N 244 
LEU CA  C    sing N N 245 
LEU CA  CB   sing N N 246 
LEU CA  HA   sing N N 247 
LEU C   O    doub N N 248 
LEU C   OXT  sing N N 249 
LEU CB  CG   sing N N 250 
LEU CB  HB2  sing N N 251 
LEU CB  HB3  sing N N 252 
LEU CG  CD1  sing N N 253 
LEU CG  CD2  sing N N 254 
LEU CG  HG   sing N N 255 
LEU CD1 HD11 sing N N 256 
LEU CD1 HD12 sing N N 257 
LEU CD1 HD13 sing N N 258 
LEU CD2 HD21 sing N N 259 
LEU CD2 HD22 sing N N 260 
LEU CD2 HD23 sing N N 261 
LEU OXT HXT  sing N N 262 
LYS N   CA   sing N N 263 
LYS N   H    sing N N 264 
LYS N   H2   sing N N 265 
LYS CA  C    sing N N 266 
LYS CA  CB   sing N N 267 
LYS CA  HA   sing N N 268 
LYS C   O    doub N N 269 
LYS C   OXT  sing N N 270 
LYS CB  CG   sing N N 271 
LYS CB  HB2  sing N N 272 
LYS CB  HB3  sing N N 273 
LYS CG  CD   sing N N 274 
LYS CG  HG2  sing N N 275 
LYS CG  HG3  sing N N 276 
LYS CD  CE   sing N N 277 
LYS CD  HD2  sing N N 278 
LYS CD  HD3  sing N N 279 
LYS CE  NZ   sing N N 280 
LYS CE  HE2  sing N N 281 
LYS CE  HE3  sing N N 282 
LYS NZ  HZ1  sing N N 283 
LYS NZ  HZ2  sing N N 284 
LYS NZ  HZ3  sing N N 285 
LYS OXT HXT  sing N N 286 
MET N   CA   sing N N 287 
MET N   H    sing N N 288 
MET N   H2   sing N N 289 
MET CA  C    sing N N 290 
MET CA  CB   sing N N 291 
MET CA  HA   sing N N 292 
MET C   O    doub N N 293 
MET C   OXT  sing N N 294 
MET CB  CG   sing N N 295 
MET CB  HB2  sing N N 296 
MET CB  HB3  sing N N 297 
MET CG  SD   sing N N 298 
MET CG  HG2  sing N N 299 
MET CG  HG3  sing N N 300 
MET SD  CE   sing N N 301 
MET CE  HE1  sing N N 302 
MET CE  HE2  sing N N 303 
MET CE  HE3  sing N N 304 
MET OXT HXT  sing N N 305 
PHE N   CA   sing N N 306 
PHE N   H    sing N N 307 
PHE N   H2   sing N N 308 
PHE CA  C    sing N N 309 
PHE CA  CB   sing N N 310 
PHE CA  HA   sing N N 311 
PHE C   O    doub N N 312 
PHE C   OXT  sing N N 313 
PHE CB  CG   sing N N 314 
PHE CB  HB2  sing N N 315 
PHE CB  HB3  sing N N 316 
PHE CG  CD1  doub Y N 317 
PHE CG  CD2  sing Y N 318 
PHE CD1 CE1  sing Y N 319 
PHE CD1 HD1  sing N N 320 
PHE CD2 CE2  doub Y N 321 
PHE CD2 HD2  sing N N 322 
PHE CE1 CZ   doub Y N 323 
PHE CE1 HE1  sing N N 324 
PHE CE2 CZ   sing Y N 325 
PHE CE2 HE2  sing N N 326 
PHE CZ  HZ   sing N N 327 
PHE OXT HXT  sing N N 328 
PRO N   CA   sing N N 329 
PRO N   CD   sing N N 330 
PRO N   H    sing N N 331 
PRO CA  C    sing N N 332 
PRO CA  CB   sing N N 333 
PRO CA  HA   sing N N 334 
PRO C   O    doub N N 335 
PRO C   OXT  sing N N 336 
PRO CB  CG   sing N N 337 
PRO CB  HB2  sing N N 338 
PRO CB  HB3  sing N N 339 
PRO CG  CD   sing N N 340 
PRO CG  HG2  sing N N 341 
PRO CG  HG3  sing N N 342 
PRO CD  HD2  sing N N 343 
PRO CD  HD3  sing N N 344 
PRO OXT HXT  sing N N 345 
SER N   CA   sing N N 346 
SER N   H    sing N N 347 
SER N   H2   sing N N 348 
SER CA  C    sing N N 349 
SER CA  CB   sing N N 350 
SER CA  HA   sing N N 351 
SER C   O    doub N N 352 
SER C   OXT  sing N N 353 
SER CB  OG   sing N N 354 
SER CB  HB2  sing N N 355 
SER CB  HB3  sing N N 356 
SER OG  HG   sing N N 357 
SER OXT HXT  sing N N 358 
THR N   CA   sing N N 359 
THR N   H    sing N N 360 
THR N   H2   sing N N 361 
THR CA  C    sing N N 362 
THR CA  CB   sing N N 363 
THR CA  HA   sing N N 364 
THR C   O    doub N N 365 
THR C   OXT  sing N N 366 
THR CB  OG1  sing N N 367 
THR CB  CG2  sing N N 368 
THR CB  HB   sing N N 369 
THR OG1 HG1  sing N N 370 
THR CG2 HG21 sing N N 371 
THR CG2 HG22 sing N N 372 
THR CG2 HG23 sing N N 373 
THR OXT HXT  sing N N 374 
TRP N   CA   sing N N 375 
TRP N   H    sing N N 376 
TRP N   H2   sing N N 377 
TRP CA  C    sing N N 378 
TRP CA  CB   sing N N 379 
TRP CA  HA   sing N N 380 
TRP C   O    doub N N 381 
TRP C   OXT  sing N N 382 
TRP CB  CG   sing N N 383 
TRP CB  HB2  sing N N 384 
TRP CB  HB3  sing N N 385 
TRP CG  CD1  doub Y N 386 
TRP CG  CD2  sing Y N 387 
TRP CD1 NE1  sing Y N 388 
TRP CD1 HD1  sing N N 389 
TRP CD2 CE2  doub Y N 390 
TRP CD2 CE3  sing Y N 391 
TRP NE1 CE2  sing Y N 392 
TRP NE1 HE1  sing N N 393 
TRP CE2 CZ2  sing Y N 394 
TRP CE3 CZ3  doub Y N 395 
TRP CE3 HE3  sing N N 396 
TRP CZ2 CH2  doub Y N 397 
TRP CZ2 HZ2  sing N N 398 
TRP CZ3 CH2  sing Y N 399 
TRP CZ3 HZ3  sing N N 400 
TRP CH2 HH2  sing N N 401 
TRP OXT HXT  sing N N 402 
TYR N   CA   sing N N 403 
TYR N   H    sing N N 404 
TYR N   H2   sing N N 405 
TYR CA  C    sing N N 406 
TYR CA  CB   sing N N 407 
TYR CA  HA   sing N N 408 
TYR C   O    doub N N 409 
TYR C   OXT  sing N N 410 
TYR CB  CG   sing N N 411 
TYR CB  HB2  sing N N 412 
TYR CB  HB3  sing N N 413 
TYR CG  CD1  doub Y N 414 
TYR CG  CD2  sing Y N 415 
TYR CD1 CE1  sing Y N 416 
TYR CD1 HD1  sing N N 417 
TYR CD2 CE2  doub Y N 418 
TYR CD2 HD2  sing N N 419 
TYR CE1 CZ   doub Y N 420 
TYR CE1 HE1  sing N N 421 
TYR CE2 CZ   sing Y N 422 
TYR CE2 HE2  sing N N 423 
TYR CZ  OH   sing N N 424 
TYR OH  HH   sing N N 425 
TYR OXT HXT  sing N N 426 
VAL N   CA   sing N N 427 
VAL N   H    sing N N 428 
VAL N   H2   sing N N 429 
VAL CA  C    sing N N 430 
VAL CA  CB   sing N N 431 
VAL CA  HA   sing N N 432 
VAL C   O    doub N N 433 
VAL C   OXT  sing N N 434 
VAL CB  CG1  sing N N 435 
VAL CB  CG2  sing N N 436 
VAL CB  HB   sing N N 437 
VAL CG1 HG11 sing N N 438 
VAL CG1 HG12 sing N N 439 
VAL CG1 HG13 sing N N 440 
VAL CG2 HG21 sing N N 441 
VAL CG2 HG22 sing N N 442 
VAL CG2 HG23 sing N N 443 
VAL OXT HXT  sing N N 444 
# 
_pdbx_initial_refinement_model.id               1 
_pdbx_initial_refinement_model.entity_id_list   ? 
_pdbx_initial_refinement_model.type             'experimental model' 
_pdbx_initial_refinement_model.source_name      PDB 
_pdbx_initial_refinement_model.accession_code   4GHQ 
_pdbx_initial_refinement_model.details          ? 
# 
_atom_sites.entry_id                    5DP7 
_atom_sites.fract_transf_matrix[1][1]   -0.00198195 
_atom_sites.fract_transf_matrix[1][2]   0.01544933 
_atom_sites.fract_transf_matrix[1][3]   -0.00004411 
_atom_sites.fract_transf_matrix[2][1]   0.01428780 
_atom_sites.fract_transf_matrix[2][2]   0.00184773 
_atom_sites.fract_transf_matrix[2][3]   0.00517785 
_atom_sites.fract_transf_matrix[3][1]   0.00439312 
_atom_sites.fract_transf_matrix[3][2]   0.00052843 
_atom_sites.fract_transf_matrix[3][3]   -0.01231097 
_atom_sites.fract_transf_vector[1]      0.195533 
_atom_sites.fract_transf_vector[2]      0.261216 
_atom_sites.fract_transf_vector[3]      -0.122007 
# 
loop_
_atom_type.symbol 
C 
N 
O 
S 
# 
loop_
_atom_site.group_PDB 
_atom_site.id 
_atom_site.type_symbol 
_atom_site.label_atom_id 
_atom_site.label_alt_id 
_atom_site.label_comp_id 
_atom_site.label_asym_id 
_atom_site.label_entity_id 
_atom_site.label_seq_id 
_atom_site.pdbx_PDB_ins_code 
_atom_site.Cartn_x 
_atom_site.Cartn_y 
_atom_site.Cartn_z 
_atom_site.occupancy 
_atom_site.B_iso_or_equiv 
_atom_site.pdbx_formal_charge 
_atom_site.auth_seq_id 
_atom_site.auth_comp_id 
_atom_site.auth_asym_id 
_atom_site.auth_atom_id 
_atom_site.pdbx_PDB_model_num 
ATOM   1    N N   . MET A 1 1   ? 10.426  -11.225 21.917  1.00 39.53 ? 0   MET A N   1 
ATOM   2    C CA  . MET A 1 1   ? 10.063  -11.134 20.478  1.00 38.12 ? 0   MET A CA  1 
ATOM   3    C C   . MET A 1 1   ? 11.149  -10.466 19.687  1.00 35.84 ? 0   MET A C   1 
ATOM   4    O O   . MET A 1 1   ? 11.741  -9.491  20.125  1.00 41.17 ? 0   MET A O   1 
ATOM   5    C CB  . MET A 1 1   ? 8.753   -10.355 20.288  1.00 37.84 ? 0   MET A CB  1 
ATOM   6    C CG  . MET A 1 1   ? 8.476   -9.988  18.841  1.00 37.95 ? 0   MET A CG  1 
ATOM   7    S SD  . MET A 1 1   ? 6.837   -9.311  18.511  1.00 43.49 ? 0   MET A SD  1 
ATOM   8    C CE  . MET A 1 1   ? 5.754   -10.287 19.567  1.00 41.73 ? 0   MET A CE  1 
ATOM   9    N N   . GLY A 1 2   ? 11.366  -10.972 18.489  1.00 35.87 ? 1   GLY A N   1 
ATOM   10   C CA  . GLY A 1 2   ? 12.343  -10.396 17.580  1.00 35.95 ? 1   GLY A CA  1 
ATOM   11   C C   . GLY A 1 2   ? 11.912  -9.106  16.893  1.00 33.84 ? 1   GLY A C   1 
ATOM   12   O O   . GLY A 1 2   ? 10.709  -8.772  16.794  1.00 32.46 ? 1   GLY A O   1 
ATOM   13   N N   . PRO A 1 3   ? 12.909  -8.373  16.409  1.00 31.96 ? 2   PRO A N   1 
ATOM   14   C CA  . PRO A 1 3   ? 12.734  -7.030  15.891  1.00 28.86 ? 2   PRO A CA  1 
ATOM   15   C C   . PRO A 1 3   ? 11.936  -6.974  14.590  1.00 28.51 ? 2   PRO A C   1 
ATOM   16   O O   . PRO A 1 3   ? 11.184  -6.005  14.368  1.00 26.78 ? 2   PRO A O   1 
ATOM   17   C CB  . PRO A 1 3   ? 14.171  -6.572  15.681  1.00 29.12 ? 2   PRO A CB  1 
ATOM   18   C CG  . PRO A 1 3   ? 14.922  -7.831  15.335  1.00 28.26 ? 2   PRO A CG  1 
ATOM   19   C CD  . PRO A 1 3   ? 14.297  -8.875  16.211  1.00 29.87 ? 2   PRO A CD  1 
ATOM   20   N N   . SER A 1 4   ? 12.072  -8.000  13.751  1.00 25.78 ? 3   SER A N   1 
ATOM   21   C CA  . SER A 1 4   ? 11.324  -8.074  12.499  1.00 24.40 ? 3   SER A CA  1 
ATOM   22   C C   . SER A 1 4   ? 9.828   -8.260  12.723  1.00 22.53 ? 3   SER A C   1 
ATOM   23   O O   . SER A 1 4   ? 8.976   -7.582  12.095  1.00 20.63 ? 3   SER A O   1 
ATOM   24   C CB  . SER A 1 4   ? 11.855  -9.233  11.637  1.00 28.51 ? 3   SER A CB  1 
ATOM   25   O OG  . SER A 1 4   ? 12.687  -8.776  10.577  1.00 27.96 ? 3   SER A OG  1 
ATOM   26   N N   . LEU A 1 5   ? 9.502   -9.205  13.600  1.00 20.63 ? 4   LEU A N   1 
ATOM   27   C CA  . LEU A 1 5   ? 8.116   -9.447  13.973  1.00 19.40 ? 4   LEU A CA  1 
ATOM   28   C C   . LEU A 1 5   ? 7.496   -8.254  14.725  1.00 19.15 ? 4   LEU A C   1 
ATOM   29   O O   . LEU A 1 5   ? 6.362   -7.880  14.473  1.00 17.93 ? 4   LEU A O   1 
ATOM   30   C CB  . LEU A 1 5   ? 8.000   -10.742 14.789  1.00 19.48 ? 4   LEU A CB  1 
ATOM   31   C CG  . LEU A 1 5   ? 6.620   -11.179 15.306  1.00 19.26 ? 4   LEU A CG  1 
ATOM   32   C CD1 . LEU A 1 5   ? 5.624   -11.440 14.157  1.00 18.76 ? 4   LEU A CD1 1 
ATOM   33   C CD2 . LEU A 1 5   ? 6.803   -12.450 16.177  1.00 19.63 ? 4   LEU A CD2 1 
ATOM   34   N N   . ASP A 1 6   ? 8.237   -7.670  15.650  1.00 20.27 ? 5   ASP A N   1 
ATOM   35   C CA  . ASP A 1 6   ? 7.821   -6.440  16.315  1.00 21.58 ? 5   ASP A CA  1 
ATOM   36   C C   . ASP A 1 6   ? 7.493   -5.311  15.350  1.00 22.35 ? 5   ASP A C   1 
ATOM   37   O O   . ASP A 1 6   ? 6.494   -4.618  15.541  1.00 23.50 ? 5   ASP A O   1 
ATOM   38   C CB  . ASP A 1 6   ? 8.912   -5.987  17.281  1.00 23.51 ? 5   ASP A CB  1 
ATOM   39   C CG  . ASP A 1 6   ? 8.540   -4.754  18.024  1.00 25.39 ? 5   ASP A CG  1 
ATOM   40   O OD1 . ASP A 1 6   ? 7.701   -4.856  18.930  1.00 27.32 ? 5   ASP A OD1 1 
ATOM   41   O OD2 . ASP A 1 6   ? 9.039   -3.678  17.656  1.00 25.43 ? 5   ASP A OD2 1 
ATOM   42   N N   . PHE A 1 7   ? 8.312   -5.127  14.311  1.00 23.35 ? 6   PHE A N   1 
ATOM   43   C CA  . PHE A 1 7   ? 8.071   -4.067  13.333  1.00 24.35 ? 6   PHE A CA  1 
ATOM   44   C C   . PHE A 1 7   ? 6.765   -4.240  12.551  1.00 23.86 ? 6   PHE A C   1 
ATOM   45   O O   . PHE A 1 7   ? 5.961   -3.294  12.439  1.00 23.51 ? 6   PHE A O   1 
ATOM   46   C CB  . PHE A 1 7   ? 9.254   -3.912  12.367  1.00 26.44 ? 6   PHE A CB  1 
ATOM   47   C CG  . PHE A 1 7   ? 9.122   -2.730  11.438  1.00 27.41 ? 6   PHE A CG  1 
ATOM   48   C CD1 . PHE A 1 7   ? 9.436   -1.443  11.877  1.00 28.12 ? 6   PHE A CD1 1 
ATOM   49   C CD2 . PHE A 1 7   ? 8.680   -2.909  10.135  1.00 25.07 ? 6   PHE A CD2 1 
ATOM   50   C CE1 . PHE A 1 7   ? 9.311   -0.360  11.025  1.00 28.38 ? 6   PHE A CE1 1 
ATOM   51   C CE2 . PHE A 1 7   ? 8.560   -1.842  9.290   1.00 27.51 ? 6   PHE A CE2 1 
ATOM   52   C CZ  . PHE A 1 7   ? 8.864   -0.562  9.736   1.00 28.19 ? 6   PHE A CZ  1 
ATOM   53   N N   . ALA A 1 8   ? 6.511   -5.446  12.068  1.00 23.01 ? 7   ALA A N   1 
ATOM   54   C CA  . ALA A 1 8   ? 5.322   -5.707  11.245  1.00 21.70 ? 7   ALA A CA  1 
ATOM   55   C C   . ALA A 1 8   ? 4.052   -5.645  12.091  1.00 19.72 ? 7   ALA A C   1 
ATOM   56   O O   . ALA A 1 8   ? 3.058   -5.068  11.677  1.00 21.40 ? 7   ALA A O   1 
ATOM   57   C CB  . ALA A 1 8   ? 5.456   -7.050  10.549  1.00 21.98 ? 7   ALA A CB  1 
ATOM   58   N N   . LEU A 1 9   ? 4.127   -6.166  13.306  1.00 18.22 ? 8   LEU A N   1 
ATOM   59   C CA  . LEU A 1 9   ? 2.999   -6.124  14.219  1.00 18.97 ? 8   LEU A CA  1 
ATOM   60   C C   . LEU A 1 9   ? 2.668   -4.703  14.591  1.00 19.58 ? 8   LEU A C   1 
ATOM   61   O O   . LEU A 1 9   ? 1.503   -4.325  14.621  1.00 17.26 ? 8   LEU A O   1 
ATOM   62   C CB  . LEU A 1 9   ? 3.277   -6.966  15.471  1.00 19.23 ? 8   LEU A CB  1 
ATOM   63   C CG  . LEU A 1 9   ? 3.252   -8.486  15.227  1.00 19.43 ? 8   LEU A CG  1 
ATOM   64   C CD1 . LEU A 1 9   ? 3.692   -9.180  16.507  1.00 21.67 ? 8   LEU A CD1 1 
ATOM   65   C CD2 . LEU A 1 9   ? 1.855   -8.959  14.805  1.00 19.33 ? 8   LEU A CD2 1 
ATOM   66   N N   . SER A 1 10  ? 3.693   -3.911  14.862  1.00 19.88 ? 9   SER A N   1 
ATOM   67   C CA  . SER A 1 10  ? 3.486   -2.507  15.164  1.00 22.51 ? 9   SER A CA  1 
ATOM   68   C C   . SER A 1 10  ? 2.924   -1.713  13.989  1.00 21.57 ? 9   SER A C   1 
ATOM   69   O O   . SER A 1 10  ? 2.082   -0.845  14.167  1.00 20.05 ? 9   SER A O   1 
ATOM   70   C CB  . SER A 1 10  ? 4.823   -1.876  15.603  1.00 23.85 ? 9   SER A CB  1 
ATOM   71   O OG  . SER A 1 10  ? 4.619   -0.495  15.732  1.00 30.41 ? 9   SER A OG  1 
ATOM   72   N N   . LEU A 1 11  ? 3.417   -1.976  12.788  1.00 21.61 ? 10  LEU A N   1 
ATOM   73   C CA  . LEU A 1 11  ? 2.786   -1.442  11.571  1.00 23.14 ? 10  LEU A CA  1 
ATOM   74   C C   . LEU A 1 11  ? 1.304   -1.763  11.482  1.00 22.14 ? 10  LEU A C   1 
ATOM   75   O O   . LEU A 1 11  ? 0.479   -0.885  11.201  1.00 24.25 ? 10  LEU A O   1 
ATOM   76   C CB  . LEU A 1 11  ? 3.433   -2.012  10.314  1.00 22.89 ? 10  LEU A CB  1 
ATOM   77   C CG  . LEU A 1 11  ? 4.479   -1.258  9.531   1.00 24.90 ? 10  LEU A CG  1 
ATOM   78   C CD1 . LEU A 1 11  ? 4.814   -2.073  8.269   1.00 24.12 ? 10  LEU A CD1 1 
ATOM   79   C CD2 . LEU A 1 11  ? 4.084   0.181   9.164   1.00 24.76 ? 10  LEU A CD2 1 
ATOM   80   N N   . LEU A 1 12  ? 0.971   -3.024  11.703  1.00 24.10 ? 11  LEU A N   1 
ATOM   81   C CA  . LEU A 1 12  ? -0.425  -3.510  11.703  1.00 24.75 ? 11  LEU A CA  1 
ATOM   82   C C   . LEU A 1 12  ? -1.298  -2.776  12.675  1.00 24.07 ? 11  LEU A C   1 
ATOM   83   O O   . LEU A 1 12  ? -2.449  -2.466  12.386  1.00 25.60 ? 11  LEU A O   1 
ATOM   84   C CB  . LEU A 1 12  ? -0.479  -4.988  12.095  1.00 25.39 ? 11  LEU A CB  1 
ATOM   85   C CG  . LEU A 1 12  ? -0.577  -6.053  11.016  1.00 27.94 ? 11  LEU A CG  1 
ATOM   86   C CD1 . LEU A 1 12  ? -0.564  -7.426  11.711  1.00 29.59 ? 11  LEU A CD1 1 
ATOM   87   C CD2 . LEU A 1 12  ? -1.826  -5.891  10.168  1.00 25.42 ? 11  LEU A CD2 1 
ATOM   88   N N   . ARG A 1 13  ? -0.761  -2.557  13.863  1.00 23.74 ? 12  ARG A N   1 
ATOM   89   C CA  . ARG A 1 13  ? -1.452  -1.863  14.955  1.00 22.78 ? 12  ARG A CA  1 
ATOM   90   C C   . ARG A 1 13  ? -1.583  -0.385  14.687  1.00 22.55 ? 12  ARG A C   1 
ATOM   91   O O   . ARG A 1 13  ? -2.628  0.180   14.906  1.00 21.95 ? 12  ARG A O   1 
ATOM   92   C CB  . ARG A 1 13  ? -0.675  -2.051  16.272  1.00 23.49 ? 12  ARG A CB  1 
ATOM   93   C CG  . ARG A 1 13  ? -1.397  -1.603  17.554  1.00 25.09 ? 12  ARG A CG  1 
ATOM   94   C CD  . ARG A 1 13  ? -0.593  -1.909  18.812  1.00 25.89 ? 12  ARG A CD  1 
ATOM   95   N NE  . ARG A 1 13  ? 0.617   -1.042  18.918  1.00 28.11 ? 12  ARG A NE  1 
ATOM   96   C CZ  . ARG A 1 13  ? 1.874   -1.418  18.662  1.00 27.25 ? 12  ARG A CZ  1 
ATOM   97   N NH1 . ARG A 1 13  ? 2.175   -2.667  18.343  1.00 29.14 ? 12  ARG A NH1 1 
ATOM   98   N NH2 . ARG A 1 13  ? 2.860   -0.551  18.793  1.00 26.63 ? 12  ARG A NH2 1 
ATOM   99   N N   . ARG A 1 14  ? -0.495  0.271   14.318  1.00 22.22 ? 13  ARG A N   1 
ATOM   100  C CA  . ARG A 1 14  ? -0.508  1.726   14.222  1.00 24.19 ? 13  ARG A CA  1 
ATOM   101  C C   . ARG A 1 14  ? -0.845  2.287   12.805  1.00 24.10 ? 13  ARG A C   1 
ATOM   102  O O   . ARG A 1 14  ? -1.323  3.428   12.669  1.00 23.53 ? 13  ARG A O   1 
ATOM   103  C CB  . ARG A 1 14  ? 0.839   2.254   14.688  1.00 26.55 ? 13  ARG A CB  1 
ATOM   104  C CG  . ARG A 1 14  ? 1.153   1.943   16.134  1.00 27.84 ? 13  ARG A CG  1 
ATOM   105  C CD  . ARG A 1 14  ? 0.447   2.908   17.048  1.00 31.30 ? 13  ARG A CD  1 
ATOM   106  N NE  . ARG A 1 14  ? 1.310   4.029   17.391  1.00 32.55 ? 13  ARG A NE  1 
ATOM   107  C CZ  . ARG A 1 14  ? 2.500   3.865   17.961  1.00 35.76 ? 13  ARG A CZ  1 
ATOM   108  N NH1 . ARG A 1 14  ? 2.980   2.640   18.205  1.00 36.60 ? 13  ARG A NH1 1 
ATOM   109  N NH2 . ARG A 1 14  ? 3.229   4.915   18.272  1.00 35.75 ? 13  ARG A NH2 1 
ATOM   110  N N   . ASN A 1 15  ? -0.564  1.533   11.738  1.00 20.66 ? 14  ASN A N   1 
ATOM   111  C CA  . ASN A 1 15  ? -0.586  2.167   10.409  1.00 18.97 ? 14  ASN A CA  1 
ATOM   112  C C   . ASN A 1 15  ? -1.338  1.442   9.284   1.00 19.14 ? 14  ASN A C   1 
ATOM   113  O O   . ASN A 1 15  ? -1.544  2.023   8.245   1.00 20.20 ? 14  ASN A O   1 
ATOM   114  C CB  . ASN A 1 15  ? 0.855   2.462   9.949   1.00 17.84 ? 14  ASN A CB  1 
ATOM   115  C CG  . ASN A 1 15  ? 1.543   3.472   10.822  1.00 17.43 ? 14  ASN A CG  1 
ATOM   116  O OD1 . ASN A 1 15  ? 2.234   3.108   11.793  1.00 16.79 ? 14  ASN A OD1 1 
ATOM   117  N ND2 . ASN A 1 15  ? 1.309   4.767   10.536  1.00 16.77 ? 14  ASN A ND2 1 
ATOM   118  N N   . VAL A 1 16  ? -1.798  0.219   9.488   1.00 17.47 ? 15  VAL A N   1 
ATOM   119  C CA  . VAL A 1 16  ? -2.344  -0.541  8.403   1.00 17.24 ? 15  VAL A CA  1 
ATOM   120  C C   . VAL A 1 16  ? -3.763  -0.952  8.746   1.00 18.55 ? 15  VAL A C   1 
ATOM   121  O O   . VAL A 1 16  ? -3.970  -1.748  9.661   1.00 18.35 ? 15  VAL A O   1 
ATOM   122  C CB  . VAL A 1 16  ? -1.489  -1.798  8.090   1.00 16.93 ? 15  VAL A CB  1 
ATOM   123  C CG1 . VAL A 1 16  ? -2.079  -2.513  6.894   1.00 16.54 ? 15  VAL A CG1 1 
ATOM   124  C CG2 . VAL A 1 16  ? -0.039  -1.415  7.804   1.00 15.50 ? 15  VAL A CG2 1 
ATOM   125  N N   . ARG A 1 17  ? -4.715  -0.436  7.969   1.00 18.55 ? 16  ARG A N   1 
ATOM   126  C CA  . ARG A 1 17  ? -6.122  -0.563  8.271   1.00 18.30 ? 16  ARG A CA  1 
ATOM   127  C C   . ARG A 1 17  ? -6.951  -1.286  7.227   1.00 16.26 ? 16  ARG A C   1 
ATOM   128  O O   . ARG A 1 17  ? -6.680  -1.289  6.044   1.00 14.07 ? 16  ARG A O   1 
ATOM   129  C CB  . ARG A 1 17  ? -6.732  0.811   8.394   1.00 20.03 ? 16  ARG A CB  1 
ATOM   130  C CG  . ARG A 1 17  ? -5.925  1.716   9.268   1.00 22.75 ? 16  ARG A CG  1 
ATOM   131  C CD  . ARG A 1 17  ? -6.080  1.314   10.696  1.00 26.75 ? 16  ARG A CD  1 
ATOM   132  N NE  . ARG A 1 17  ? -5.764  2.482   11.481  1.00 31.51 ? 16  ARG A NE  1 
ATOM   133  C CZ  . ARG A 1 17  ? -4.789  2.561   12.375  1.00 34.54 ? 16  ARG A CZ  1 
ATOM   134  N NH1 . ARG A 1 17  ? -4.045  1.489   12.692  1.00 36.46 ? 16  ARG A NH1 1 
ATOM   135  N NH2 . ARG A 1 17  ? -4.591  3.728   12.980  1.00 36.03 ? 16  ARG A NH2 1 
ATOM   136  N N   . GLN A 1 18  ? -8.031  -1.839  7.751   1.00 16.32 ? 17  GLN A N   1 
ATOM   137  C CA  . GLN A 1 18  ? -9.081  -2.503  7.014   1.00 15.84 ? 17  GLN A CA  1 
ATOM   138  C C   . GLN A 1 18  ? -10.010 -1.449  6.506   1.00 16.35 ? 17  GLN A C   1 
ATOM   139  O O   . GLN A 1 18  ? -10.590 -0.663  7.304   1.00 15.93 ? 17  GLN A O   1 
ATOM   140  C CB  . GLN A 1 18  ? -9.850  -3.450  7.936   1.00 16.98 ? 17  GLN A CB  1 
ATOM   141  C CG  . GLN A 1 18  ? -8.970  -4.410  8.767   1.00 16.50 ? 17  GLN A CG  1 
ATOM   142  C CD  . GLN A 1 18  ? -9.797  -5.442  9.527   1.00 17.25 ? 17  GLN A CD  1 
ATOM   143  O OE1 . GLN A 1 18  ? -10.977 -5.303  9.642   1.00 17.21 ? 17  GLN A OE1 1 
ATOM   144  N NE2 . GLN A 1 18  ? -9.145  -6.451  10.085  1.00 18.04 ? 17  GLN A NE2 1 
ATOM   145  N N   . VAL A 1 19  ? -10.158 -1.418  5.177   1.00 16.83 ? 18  VAL A N   1 
ATOM   146  C CA  . VAL A 1 19  ? -11.102 -0.490  4.547   1.00 16.10 ? 18  VAL A CA  1 
ATOM   147  C C   . VAL A 1 19  ? -11.969 -1.135  3.438   1.00 16.86 ? 18  VAL A C   1 
ATOM   148  O O   . VAL A 1 19  ? -11.770 -2.291  3.005   1.00 16.44 ? 18  VAL A O   1 
ATOM   149  C CB  . VAL A 1 19  ? -10.375 0.768   4.032   1.00 14.31 ? 18  VAL A CB  1 
ATOM   150  C CG1 . VAL A 1 19  ? -9.353  1.255   5.067   1.00 13.36 ? 18  VAL A CG1 1 
ATOM   151  C CG2 . VAL A 1 19  ? -9.722  0.503   2.679   1.00 14.72 ? 18  VAL A CG2 1 
ATOM   152  N N   . GLN A 1 20  ? -12.970 -0.366  3.037   1.00 17.90 ? 19  GLN A N   1 
ATOM   153  C CA  . GLN A 1 20  ? -13.906 -0.780  2.006   1.00 19.45 ? 19  GLN A CA  1 
ATOM   154  C C   . GLN A 1 20  ? -14.301 0.431   1.241   1.00 18.15 ? 19  GLN A C   1 
ATOM   155  O O   . GLN A 1 20  ? -14.669 1.444   1.825   1.00 16.03 ? 19  GLN A O   1 
ATOM   156  C CB  . GLN A 1 20  ? -15.183 -1.392  2.618   1.00 21.23 ? 19  GLN A CB  1 
ATOM   157  C CG  . GLN A 1 20  ? -15.113 -2.849  3.030   1.00 22.45 ? 19  GLN A CG  1 
ATOM   158  C CD  . GLN A 1 20  ? -16.427 -3.273  3.688   1.00 23.29 ? 19  GLN A CD  1 
ATOM   159  O OE1 . GLN A 1 20  ? -17.464 -3.332  3.031   1.00 22.42 ? 19  GLN A OE1 1 
ATOM   160  N NE2 . GLN A 1 20  ? -16.389 -3.504  5.018   1.00 22.48 ? 19  GLN A NE2 1 
ATOM   161  N N   . THR A 1 21  ? -14.231 0.326   -0.077  1.00 19.98 ? 20  THR A N   1 
ATOM   162  C CA  . THR A 1 21  ? -14.740 1.339   -0.940  1.00 18.78 ? 20  THR A CA  1 
ATOM   163  C C   . THR A 1 21  ? -15.914 0.686   -1.662  1.00 21.71 ? 20  THR A C   1 
ATOM   164  O O   . THR A 1 21  ? -16.225 -0.475  -1.413  1.00 19.12 ? 20  THR A O   1 
ATOM   165  C CB  . THR A 1 21  ? -13.684 1.763   -1.957  1.00 17.88 ? 20  THR A CB  1 
ATOM   166  O OG1 . THR A 1 21  ? -13.229 0.623   -2.727  1.00 16.77 ? 20  THR A OG1 1 
ATOM   167  C CG2 . THR A 1 21  ? -12.481 2.438   -1.229  1.00 17.78 ? 20  THR A CG2 1 
ATOM   168  N N   . ASP A 1 22  ? -16.515 1.402   -2.603  1.00 23.39 ? 21  ASP A N   1 
ATOM   169  C CA  . ASP A 1 22  ? -17.463 0.779   -3.547  1.00 24.37 ? 21  ASP A CA  1 
ATOM   170  C C   . ASP A 1 22  ? -16.871 -0.383  -4.340  1.00 25.13 ? 21  ASP A C   1 
ATOM   171  O O   . ASP A 1 22  ? -17.606 -1.280  -4.716  1.00 24.97 ? 21  ASP A O   1 
ATOM   172  C CB  . ASP A 1 22  ? -17.971 1.809   -4.513  1.00 26.24 ? 21  ASP A CB  1 
ATOM   173  C CG  . ASP A 1 22  ? -18.905 2.732   -3.858  1.00 27.32 ? 21  ASP A CG  1 
ATOM   174  O OD1 . ASP A 1 22  ? -19.422 2.336   -2.820  1.00 29.49 ? 21  ASP A OD1 1 
ATOM   175  O OD2 . ASP A 1 22  ? -19.096 3.857   -4.315  1.00 28.96 ? 21  ASP A OD2 1 
ATOM   176  N N   . GLN A 1 23  ? -15.551 -0.365  -4.578  1.00 24.07 ? 22  GLN A N   1 
ATOM   177  C CA  . GLN A 1 23  ? -14.866 -1.449  -5.339  1.00 21.91 ? 22  GLN A CA  1 
ATOM   178  C C   . GLN A 1 23  ? -14.603 -2.687  -4.487  1.00 20.56 ? 22  GLN A C   1 
ATOM   179  O O   . GLN A 1 23  ? -14.215 -3.703  -5.011  1.00 19.57 ? 22  GLN A O   1 
ATOM   180  C CB  . GLN A 1 23  ? -13.509 -0.978  -5.876  1.00 21.78 ? 22  GLN A CB  1 
ATOM   181  C CG  . GLN A 1 23  ? -13.584 0.046   -6.972  1.00 23.03 ? 22  GLN A CG  1 
ATOM   182  C CD  . GLN A 1 23  ? -14.718 -0.224  -7.904  1.00 25.98 ? 22  GLN A CD  1 
ATOM   183  O OE1 . GLN A 1 23  ? -15.668 0.534   -7.942  1.00 31.41 ? 22  GLN A OE1 1 
ATOM   184  N NE2 . GLN A 1 23  ? -14.659 -1.331  -8.619  1.00 27.44 ? 22  GLN A NE2 1 
ATOM   185  N N   . GLY A 1 24  ? -14.801 -2.599  -3.175  1.00 19.70 ? 23  GLY A N   1 
ATOM   186  C CA  . GLY A 1 24  ? -14.677 -3.758  -2.284  1.00 19.94 ? 23  GLY A CA  1 
ATOM   187  C C   . GLY A 1 24  ? -13.605 -3.554  -1.191  1.00 19.85 ? 23  GLY A C   1 
ATOM   188  O O   . GLY A 1 24  ? -13.355 -2.459  -0.712  1.00 20.06 ? 23  GLY A O   1 
ATOM   189  N N   . HIS A 1 25  ? -12.960 -4.624  -0.825  1.00 20.29 ? 24  HIS A N   1 
ATOM   190  C CA  . HIS A 1 25  ? -12.113 -4.644  0.346   1.00 20.78 ? 24  HIS A CA  1 
ATOM   191  C C   . HIS A 1 25  ? -10.654 -4.365  0.003   1.00 19.61 ? 24  HIS A C   1 
ATOM   192  O O   . HIS A 1 25  ? -10.135 -4.904  -0.966  1.00 21.13 ? 24  HIS A O   1 
ATOM   193  C CB  . HIS A 1 25  ? -12.285 -5.994  1.014   1.00 21.88 ? 24  HIS A CB  1 
ATOM   194  C CG  . HIS A 1 25  ? -13.539 -6.104  1.801   1.00 23.08 ? 24  HIS A CG  1 
ATOM   195  N ND1 . HIS A 1 25  ? -14.707 -6.655  1.302   1.00 24.91 ? 24  HIS A ND1 1 
ATOM   196  C CD2 . HIS A 1 25  ? -13.810 -5.726  3.063   1.00 23.73 ? 24  HIS A CD2 1 
ATOM   197  C CE1 . HIS A 1 25  ? -15.635 -6.621  2.237   1.00 25.32 ? 24  HIS A CE1 1 
ATOM   198  N NE2 . HIS A 1 25  ? -15.114 -6.061  3.320   1.00 24.60 ? 24  HIS A NE2 1 
ATOM   199  N N   . PHE A 1 26  ? -10.008 -3.497  0.788   1.00 18.53 ? 25  PHE A N   1 
ATOM   200  C CA  . PHE A 1 26  ? -8.601  -3.111  0.591   1.00 17.36 ? 25  PHE A CA  1 
ATOM   201  C C   . PHE A 1 26  ? -7.906  -2.848  1.939   1.00 17.11 ? 25  PHE A C   1 
ATOM   202  O O   . PHE A 1 26  ? -8.534  -2.534  2.928   1.00 18.37 ? 25  PHE A O   1 
ATOM   203  C CB  . PHE A 1 26  ? -8.503  -1.820  -0.211  1.00 16.59 ? 25  PHE A CB  1 
ATOM   204  C CG  . PHE A 1 26  ? -8.979  -1.955  -1.581  1.00 16.02 ? 25  PHE A CG  1 
ATOM   205  C CD1 . PHE A 1 26  ? -8.088  -2.260  -2.605  1.00 15.13 ? 25  PHE A CD1 1 
ATOM   206  C CD2 . PHE A 1 26  ? -10.349 -1.838  -1.869  1.00 15.09 ? 25  PHE A CD2 1 
ATOM   207  C CE1 . PHE A 1 26  ? -8.564  -2.443  -3.886  1.00 15.86 ? 25  PHE A CE1 1 
ATOM   208  C CE2 . PHE A 1 26  ? -10.811 -1.996  -3.161  1.00 15.66 ? 25  PHE A CE2 1 
ATOM   209  C CZ  . PHE A 1 26  ? -9.928  -2.303  -4.160  1.00 15.83 ? 25  PHE A CZ  1 
ATOM   210  N N   . THR A 1 27  ? -6.592  -3.008  1.927   1.00 18.79 ? 26  THR A N   1 
ATOM   211  C CA  . THR A 1 27  ? -5.693  -2.597  2.994   1.00 16.83 ? 26  THR A CA  1 
ATOM   212  C C   . THR A 1 27  ? -5.258  -1.183  2.745   1.00 16.52 ? 26  THR A C   1 
ATOM   213  O O   . THR A 1 27  ? -4.847  -0.886  1.632   1.00 17.35 ? 26  THR A O   1 
ATOM   214  C CB  . THR A 1 27  ? -4.440  -3.475  2.965   1.00 17.32 ? 26  THR A CB  1 
ATOM   215  O OG1 . THR A 1 27  ? -4.770  -4.843  3.265   1.00 18.14 ? 26  THR A OG1 1 
ATOM   216  C CG2 . THR A 1 27  ? -3.424  -3.010  3.949   1.00 17.40 ? 26  THR A CG2 1 
ATOM   217  N N   . MET A 1 28  ? -5.294  -0.323  3.769   1.00 15.92 ? 27  MET A N   1 
ATOM   218  C CA  . MET A 1 28  ? -4.948  1.110   3.640   1.00 16.62 ? 27  MET A CA  1 
ATOM   219  C C   . MET A 1 28  ? -3.687  1.407   4.455   1.00 16.53 ? 27  MET A C   1 
ATOM   220  O O   . MET A 1 28  ? -3.580  0.956   5.598   1.00 18.99 ? 27  MET A O   1 
ATOM   221  C CB  . MET A 1 28  ? -6.076  2.004   4.188   1.00 17.33 ? 27  MET A CB  1 
ATOM   222  C CG  . MET A 1 28  ? -5.771  3.515   4.024   1.00 17.81 ? 27  MET A CG  1 
ATOM   223  S SD  . MET A 1 28  ? -7.000  4.662   4.673   1.00 19.40 ? 27  MET A SD  1 
ATOM   224  C CE  . MET A 1 28  ? -6.632  4.568   6.415   1.00 18.26 ? 27  MET A CE  1 
ATOM   225  N N   . LEU A 1 29  ? -2.719  2.114   3.904   1.00 16.72 ? 28  LEU A N   1 
ATOM   226  C CA  . LEU A 1 29  ? -1.531  2.499   4.698   1.00 16.42 ? 28  LEU A CA  1 
ATOM   227  C C   . LEU A 1 29  ? -1.655  3.945   5.166   1.00 16.68 ? 28  LEU A C   1 
ATOM   228  O O   . LEU A 1 29  ? -1.762  4.838   4.363   1.00 15.92 ? 28  LEU A O   1 
ATOM   229  C CB  . LEU A 1 29  ? -0.240  2.305   3.926   1.00 15.58 ? 28  LEU A CB  1 
ATOM   230  C CG  . LEU A 1 29  ? 1.044   2.706   4.642   1.00 16.08 ? 28  LEU A CG  1 
ATOM   231  C CD1 . LEU A 1 29  ? 1.399   1.861   5.893   1.00 15.53 ? 28  LEU A CD1 1 
ATOM   232  C CD2 . LEU A 1 29  ? 2.207   2.636   3.652   1.00 16.18 ? 28  LEU A CD2 1 
ATOM   233  N N   . GLY A 1 30  ? -1.624  4.139   6.474   1.00 16.32 ? 29  GLY A N   1 
ATOM   234  C CA  . GLY A 1 30  ? -1.601  5.437   7.117   1.00 17.22 ? 29  GLY A CA  1 
ATOM   235  C C   . GLY A 1 30  ? -0.162  5.890   7.320   1.00 18.70 ? 29  GLY A C   1 
ATOM   236  O O   . GLY A 1 30  ? 0.639   5.238   8.028   1.00 18.06 ? 29  GLY A O   1 
ATOM   237  N N   . VAL A 1 31  ? 0.169   7.008   6.688   1.00 19.19 ? 30  VAL A N   1 
ATOM   238  C CA  . VAL A 1 31  ? 1.545   7.455   6.610   1.00 21.34 ? 30  VAL A CA  1 
ATOM   239  C C   . VAL A 1 31  ? 1.935   8.474   7.698   1.00 21.21 ? 30  VAL A C   1 
ATOM   240  O O   . VAL A 1 31  ? 2.926   8.298   8.367   1.00 22.42 ? 30  VAL A O   1 
ATOM   241  C CB  . VAL A 1 31  ? 1.870   7.920   5.173   1.00 22.16 ? 30  VAL A CB  1 
ATOM   242  C CG1 . VAL A 1 31  ? 3.287   8.480   5.076   1.00 21.51 ? 30  VAL A CG1 1 
ATOM   243  C CG2 . VAL A 1 31  ? 1.738   6.711   4.246   1.00 21.63 ? 30  VAL A CG2 1 
ATOM   244  N N   . ARG A 1 32  ? 1.176   9.534   7.863   1.00 20.31 ? 31  ARG A N   1 
ATOM   245  C CA  . ARG A 1 32  ? 1.440   10.552  8.894   1.00 18.47 ? 31  ARG A CA  1 
ATOM   246  C C   . ARG A 1 32  ? 0.236   11.459  8.969   1.00 18.18 ? 31  ARG A C   1 
ATOM   247  O O   . ARG A 1 32  ? -0.509  11.535  7.977   1.00 16.18 ? 31  ARG A O   1 
ATOM   248  C CB  . ARG A 1 32  ? 2.627   11.423  8.494   1.00 20.13 ? 31  ARG A CB  1 
ATOM   249  C CG  . ARG A 1 32  ? 2.387   12.273  7.247   1.00 20.91 ? 31  ARG A CG  1 
ATOM   250  C CD  . ARG A 1 32  ? 3.621   13.112  6.981   1.00 22.26 ? 31  ARG A CD  1 
ATOM   251  N NE  . ARG A 1 32  ? 3.476   13.877  5.749   1.00 23.81 ? 31  ARG A NE  1 
ATOM   252  C CZ  . ARG A 1 32  ? 2.562   14.828  5.551   1.00 26.23 ? 31  ARG A CZ  1 
ATOM   253  N NH1 . ARG A 1 32  ? 1.678   15.146  6.494   1.00 28.55 ? 31  ARG A NH1 1 
ATOM   254  N NH2 . ARG A 1 32  ? 2.503   15.452  4.387   1.00 28.76 ? 31  ARG A NH2 1 
ATOM   255  N N   . ASP A 1 33  ? 0.079   12.204  10.062  1.00 16.88 ? 32  ASP A N   1 
ATOM   256  C CA  . ASP A 1 33  ? -1.010  13.187  10.211  1.00 19.45 ? 32  ASP A CA  1 
ATOM   257  C C   . ASP A 1 33  ? -2.336  12.595  9.677   1.00 18.11 ? 32  ASP A C   1 
ATOM   258  O O   . ASP A 1 33  ? -2.764  11.570  10.162  1.00 16.53 ? 32  ASP A O   1 
ATOM   259  C CB  . ASP A 1 33  ? -0.645  14.522  9.515   1.00 20.94 ? 32  ASP A CB  1 
ATOM   260  C CG  . ASP A 1 33  ? 0.651   15.037  9.986   1.00 22.64 ? 32  ASP A CG  1 
ATOM   261  O OD1 . ASP A 1 33  ? 0.727   15.415  11.182  1.00 25.04 ? 32  ASP A OD1 1 
ATOM   262  O OD2 . ASP A 1 33  ? 1.633   14.964  9.203   1.00 25.59 ? 32  ASP A OD2 1 
ATOM   263  N N   . ARG A 1 34  ? -2.960  13.189  8.669   1.00 18.80 ? 33  ARG A N   1 
ATOM   264  C CA  . ARG A 1 34  ? -4.205  12.607  8.189   1.00 20.79 ? 33  ARG A CA  1 
ATOM   265  C C   . ARG A 1 34  ? -4.051  11.968  6.832   1.00 17.42 ? 33  ARG A C   1 
ATOM   266  O O   . ARG A 1 34  ? -5.026  11.760  6.110   1.00 16.05 ? 33  ARG A O   1 
ATOM   267  C CB  . ARG A 1 34  ? -5.324  13.655  8.135   1.00 24.21 ? 33  ARG A CB  1 
ATOM   268  C CG  . ARG A 1 34  ? -6.029  13.792  9.447   1.00 29.28 ? 33  ARG A CG  1 
ATOM   269  C CD  . ARG A 1 34  ? -5.795  15.143  10.076  1.00 34.41 ? 33  ARG A CD  1 
ATOM   270  N NE  . ARG A 1 34  ? -6.051  14.971  11.501  1.00 44.98 ? 33  ARG A NE  1 
ATOM   271  C CZ  . ARG A 1 34  ? -5.521  15.698  12.474  1.00 48.06 ? 33  ARG A CZ  1 
ATOM   272  N NH1 . ARG A 1 34  ? -4.704  16.724  12.212  1.00 47.46 ? 33  ARG A NH1 1 
ATOM   273  N NH2 . ARG A 1 34  ? -5.837  15.394  13.725  1.00 51.01 ? 33  ARG A NH2 1 
ATOM   274  N N   . LEU A 1 35  ? -2.826  11.678  6.491   1.00 15.07 ? 34  LEU A N   1 
ATOM   275  C CA  . LEU A 1 35  ? -2.485  11.284  5.173   1.00 15.76 ? 34  LEU A CA  1 
ATOM   276  C C   . LEU A 1 35  ? -2.335  9.771   5.115   1.00 15.34 ? 34  LEU A C   1 
ATOM   277  O O   . LEU A 1 35  ? -1.518  9.231   5.820   1.00 13.72 ? 34  LEU A O   1 
ATOM   278  C CB  . LEU A 1 35  ? -1.161  11.906  4.823   1.00 16.08 ? 34  LEU A CB  1 
ATOM   279  C CG  . LEU A 1 35  ? -0.802  11.603  3.383   1.00 16.58 ? 34  LEU A CG  1 
ATOM   280  C CD1 . LEU A 1 35  ? -1.775  12.296  2.429   1.00 16.46 ? 34  LEU A CD1 1 
ATOM   281  C CD2 . LEU A 1 35  ? 0.628   12.021  3.208   1.00 16.47 ? 34  LEU A CD2 1 
ATOM   282  N N   . ALA A 1 36  ? -3.124  9.147   4.251   1.00 15.26 ? 35  ALA A N   1 
ATOM   283  C CA  . ALA A 1 36  ? -3.051  7.713   3.899   1.00 14.08 ? 35  ALA A CA  1 
ATOM   284  C C   . ALA A 1 36  ? -2.973  7.476   2.399   1.00 13.12 ? 35  ALA A C   1 
ATOM   285  O O   . ALA A 1 36  ? -3.245  8.361   1.583   1.00 11.94 ? 35  ALA A O   1 
ATOM   286  C CB  . ALA A 1 36  ? -4.246  6.943   4.455   1.00 14.72 ? 35  ALA A CB  1 
ATOM   287  N N   . VAL A 1 37  ? -2.552  6.276   2.045   1.00 13.84 ? 36  VAL A N   1 
ATOM   288  C CA  . VAL A 1 37  ? -2.447  5.845   0.658   1.00 15.50 ? 36  VAL A CA  1 
ATOM   289  C C   . VAL A 1 37  ? -3.194  4.521   0.411   1.00 16.49 ? 36  VAL A C   1 
ATOM   290  O O   . VAL A 1 37  ? -3.196  3.601   1.267   1.00 15.80 ? 36  VAL A O   1 
ATOM   291  C CB  . VAL A 1 37  ? -0.973  5.741   0.254   1.00 16.28 ? 36  VAL A CB  1 
ATOM   292  C CG1 . VAL A 1 37  ? -0.253  4.686   1.031   1.00 17.08 ? 36  VAL A CG1 1 
ATOM   293  C CG2 . VAL A 1 37  ? -0.779  5.534   -1.258  1.00 17.51 ? 36  VAL A CG2 1 
ATOM   294  N N   . LEU A 1 38  ? -3.850  4.483   -0.761  1.00 16.90 ? 37  LEU A N   1 
ATOM   295  C CA  . LEU A 1 38  ? -4.588  3.341   -1.274  1.00 16.40 ? 37  LEU A CA  1 
ATOM   296  C C   . LEU A 1 38  ? -4.143  3.082   -2.720  1.00 16.09 ? 37  LEU A C   1 
ATOM   297  O O   . LEU A 1 38  ? -3.657  3.974   -3.402  1.00 16.24 ? 37  LEU A O   1 
ATOM   298  C CB  . LEU A 1 38  ? -6.123  3.622   -1.300  1.00 17.02 ? 37  LEU A CB  1 
ATOM   299  C CG  . LEU A 1 38  ? -6.929  3.520   -0.007  1.00 19.05 ? 37  LEU A CG  1 
ATOM   300  C CD1 . LEU A 1 38  ? -8.330  4.062   -0.219  1.00 20.96 ? 37  LEU A CD1 1 
ATOM   301  C CD2 . LEU A 1 38  ? -7.046  2.128   0.578   1.00 19.41 ? 37  LEU A CD2 1 
ATOM   302  N N   . PRO A 1 39  ? -4.375  1.867   -3.222  1.00 16.60 ? 38  PRO A N   1 
ATOM   303  C CA  . PRO A 1 39  ? -4.245  1.651   -4.668  1.00 17.82 ? 38  PRO A CA  1 
ATOM   304  C C   . PRO A 1 39  ? -5.272  2.471   -5.387  1.00 18.82 ? 38  PRO A C   1 
ATOM   305  O O   . PRO A 1 39  ? -6.421  2.585   -4.904  1.00 20.77 ? 38  PRO A O   1 
ATOM   306  C CB  . PRO A 1 39  ? -4.548  0.157   -4.855  1.00 16.64 ? 38  PRO A CB  1 
ATOM   307  C CG  . PRO A 1 39  ? -4.480  -0.431  -3.500  1.00 17.06 ? 38  PRO A CG  1 
ATOM   308  C CD  . PRO A 1 39  ? -4.856  0.669   -2.535  1.00 16.61 ? 38  PRO A CD  1 
ATOM   309  N N   . ARG A 1 40  ? -4.880  3.021   -6.526  1.00 21.10 ? 39  ARG A N   1 
ATOM   310  C CA  . ARG A 1 40  ? -5.761  3.854   -7.330  1.00 21.86 ? 39  ARG A CA  1 
ATOM   311  C C   . ARG A 1 40  ? -7.056  3.186   -7.713  1.00 22.19 ? 39  ARG A C   1 
ATOM   312  O O   . ARG A 1 40  ? -8.128  3.826   -7.642  1.00 23.80 ? 39  ARG A O   1 
ATOM   313  C CB  . ARG A 1 40  ? -5.067  4.347   -8.590  1.00 24.83 ? 39  ARG A CB  1 
ATOM   314  C CG  . ARG A 1 40  ? -5.883  5.433   -9.294  1.00 25.49 ? 39  ARG A CG  1 
ATOM   315  C CD  . ARG A 1 40  ? -5.648  5.476   -10.789 1.00 28.42 ? 39  ARG A CD  1 
ATOM   316  N NE  . ARG A 1 40  ? -5.629  4.121   -11.338 1.00 32.23 ? 39  ARG A NE  1 
ATOM   317  C CZ  . ARG A 1 40  ? -6.688  3.454   -11.811 1.00 35.92 ? 39  ARG A CZ  1 
ATOM   318  N NH1 . ARG A 1 40  ? -7.910  4.015   -11.824 1.00 37.62 ? 39  ARG A NH1 1 
ATOM   319  N NH2 . ARG A 1 40  ? -6.518  2.207   -12.268 1.00 33.61 ? 39  ARG A NH2 1 
ATOM   320  N N   . HIS A 1 41  ? -6.992  1.915   -8.103  0.50 18.88 ? 40  HIS A N   1 
ATOM   321  C CA  . HIS A 1 41  ? -8.179  1.226   -8.574  0.50 16.67 ? 40  HIS A CA  1 
ATOM   322  C C   . HIS A 1 41  ? -9.215  1.003   -7.483  0.50 15.64 ? 40  HIS A C   1 
ATOM   323  O O   . HIS A 1 41  ? -10.324 0.689   -7.794  0.50 14.19 ? 40  HIS A O   1 
ATOM   324  C CB  . HIS A 1 41  ? -7.836  -0.097  -9.277  0.50 16.24 ? 40  HIS A CB  1 
ATOM   325  C CG  . HIS A 1 41  ? -7.168  -1.104  -8.401  0.50 16.01 ? 40  HIS A CG  1 
ATOM   326  N ND1 . HIS A 1 41  ? -5.799  -1.299  -8.401  0.50 15.99 ? 40  HIS A ND1 1 
ATOM   327  C CD2 . HIS A 1 41  ? -7.676  -2.005  -7.532  0.50 15.22 ? 40  HIS A CD2 1 
ATOM   328  C CE1 . HIS A 1 41  ? -5.489  -2.260  -7.556  0.50 15.69 ? 40  HIS A CE1 1 
ATOM   329  N NE2 . HIS A 1 41  ? -6.609  -2.702  -7.013  0.50 17.06 ? 40  HIS A NE2 1 
ATOM   330  N N   . SER A 1 42  ? -8.878  1.187   -6.210  1.00 16.93 ? 41  SER A N   1 
ATOM   331  C CA  . SER A 1 42  ? -9.934  1.205   -5.161  1.00 17.67 ? 41  SER A CA  1 
ATOM   332  C C   . SER A 1 42  ? -11.004 2.320   -5.300  1.00 18.75 ? 41  SER A C   1 
ATOM   333  O O   . SER A 1 42  ? -12.078 2.226   -4.679  1.00 17.75 ? 41  SER A O   1 
ATOM   334  C CB  . SER A 1 42  ? -9.351  1.243   -3.752  1.00 18.50 ? 41  SER A CB  1 
ATOM   335  O OG  . SER A 1 42  ? -8.875  2.522   -3.398  1.00 17.68 ? 41  SER A OG  1 
ATOM   336  N N   . GLN A 1 43  ? -10.696 3.385   -6.061  1.00 20.15 ? 42  GLN A N   1 
ATOM   337  C CA  . GLN A 1 43  ? -11.669 4.494   -6.344  1.00 20.97 ? 42  GLN A CA  1 
ATOM   338  C C   . GLN A 1 43  ? -12.450 4.994   -5.122  1.00 18.92 ? 42  GLN A C   1 
ATOM   339  O O   . GLN A 1 43  ? -13.686 4.969   -5.101  1.00 19.25 ? 42  GLN A O   1 
ATOM   340  C CB  . GLN A 1 43  ? -12.644 4.108   -7.442  1.00 22.84 ? 42  GLN A CB  1 
ATOM   341  C CG  . GLN A 1 43  ? -12.043 3.301   -8.591  1.00 26.72 ? 42  GLN A CG  1 
ATOM   342  C CD  . GLN A 1 43  ? -11.284 4.106   -9.648  1.00 31.84 ? 42  GLN A CD  1 
ATOM   343  O OE1 . GLN A 1 43  ? -10.647 5.137   -9.375  1.00 34.96 ? 42  GLN A OE1 1 
ATOM   344  N NE2 . GLN A 1 43  ? -11.315 3.597   -10.891 1.00 38.91 ? 42  GLN A NE2 1 
ATOM   345  N N   . PRO A 1 44  ? -11.733 5.490   -4.108  1.00 20.28 ? 43  PRO A N   1 
ATOM   346  C CA  . PRO A 1 44  ? -12.378 5.998   -2.899  1.00 19.30 ? 43  PRO A CA  1 
ATOM   347  C C   . PRO A 1 44  ? -13.208 7.173   -3.240  1.00 18.97 ? 43  PRO A C   1 
ATOM   348  O O   . PRO A 1 44  ? -12.861 7.933   -4.102  1.00 17.17 ? 43  PRO A O   1 
ATOM   349  C CB  . PRO A 1 44  ? -11.211 6.437   -2.028  1.00 19.59 ? 43  PRO A CB  1 
ATOM   350  C CG  . PRO A 1 44  ? -10.078 6.643   -2.927  1.00 19.12 ? 43  PRO A CG  1 
ATOM   351  C CD  . PRO A 1 44  ? -10.275 5.756   -4.101  1.00 19.74 ? 43  PRO A CD  1 
ATOM   352  N N   . GLY A 1 45  ? -14.367 7.260   -2.619  1.00 22.03 ? 44  GLY A N   1 
ATOM   353  C CA  . GLY A 1 45  ? -15.314 8.292   -2.925  1.00 20.92 ? 44  GLY A CA  1 
ATOM   354  C C   . GLY A 1 45  ? -15.159 9.401   -1.928  1.00 22.13 ? 44  GLY A C   1 
ATOM   355  O O   . GLY A 1 45  ? -14.024 9.756   -1.554  1.00 20.40 ? 44  GLY A O   1 
ATOM   356  N N   . LYS A 1 46  ? -16.299 9.926   -1.475  1.00 22.05 ? 45  LYS A N   1 
ATOM   357  C CA  . LYS A 1 46  ? -16.341 11.074  -0.582  1.00 23.29 ? 45  LYS A CA  1 
ATOM   358  C C   . LYS A 1 46  ? -16.256 10.607  0.852   1.00 22.53 ? 45  LYS A C   1 
ATOM   359  O O   . LYS A 1 46  ? -15.885 11.398  1.761   1.00 21.04 ? 45  LYS A O   1 
ATOM   360  C CB  . LYS A 1 46  ? -17.617 11.877  -0.793  1.00 26.42 ? 45  LYS A CB  1 
ATOM   361  C CG  . LYS A 1 46  ? -17.843 12.314  -2.241  1.00 29.53 ? 45  LYS A CG  1 
ATOM   362  C CD  . LYS A 1 46  ? -16.749 13.229  -2.762  1.00 33.21 ? 45  LYS A CD  1 
ATOM   363  C CE  . LYS A 1 46  ? -16.345 12.906  -4.195  1.00 37.31 ? 45  LYS A CE  1 
ATOM   364  N NZ  . LYS A 1 46  ? -14.880 13.154  -4.385  1.00 38.07 ? 45  LYS A NZ  1 
ATOM   365  N N   . THR A 1 47  ? -16.629 9.334   1.044   1.00 19.61 ? 46  THR A N   1 
ATOM   366  C CA  . THR A 1 47  ? -16.468 8.618   2.331   1.00 18.88 ? 46  THR A CA  1 
ATOM   367  C C   . THR A 1 47  ? -15.821 7.296   2.019   1.00 16.45 ? 46  THR A C   1 
ATOM   368  O O   . THR A 1 47  ? -15.886 6.839   0.896   1.00 16.09 ? 46  THR A O   1 
ATOM   369  C CB  . THR A 1 47  ? -17.796 8.281   3.015   1.00 18.73 ? 46  THR A CB  1 
ATOM   370  O OG1 . THR A 1 47  ? -18.585 7.483   2.120   1.00 17.58 ? 46  THR A OG1 1 
ATOM   371  C CG2 . THR A 1 47  ? -18.529 9.555   3.454   1.00 20.68 ? 46  THR A CG2 1 
ATOM   372  N N   . ILE A 1 48  ? -15.167 6.720   3.006   1.00 16.39 ? 47  ILE A N   1 
ATOM   373  C CA  . ILE A 1 48  ? -14.595 5.401   2.909   1.00 16.25 ? 47  ILE A CA  1 
ATOM   374  C C   . ILE A 1 48  ? -14.878 4.780   4.241   1.00 17.00 ? 47  ILE A C   1 
ATOM   375  O O   . ILE A 1 48  ? -14.805 5.469   5.272   1.00 17.26 ? 47  ILE A O   1 
ATOM   376  C CB  . ILE A 1 48  ? -13.056 5.460   2.616   1.00 16.12 ? 47  ILE A CB  1 
ATOM   377  C CG1 . ILE A 1 48  ? -12.454 4.051   2.511   1.00 15.89 ? 47  ILE A CG1 1 
ATOM   378  C CG2 . ILE A 1 48  ? -12.337 6.328   3.616   1.00 15.61 ? 47  ILE A CG2 1 
ATOM   379  C CD1 . ILE A 1 48  ? -11.014 4.044   2.056   1.00 16.18 ? 47  ILE A CD1 1 
ATOM   380  N N   . TRP A 1 49  ? -15.227 3.500   4.252   1.00 16.85 ? 48  TRP A N   1 
ATOM   381  C CA  . TRP A 1 49  ? -15.389 2.790   5.513   1.00 18.33 ? 48  TRP A CA  1 
ATOM   382  C C   . TRP A 1 49  ? -14.020 2.401   6.100   1.00 17.94 ? 48  TRP A C   1 
ATOM   383  O O   . TRP A 1 49  ? -13.230 1.773   5.445   1.00 18.96 ? 48  TRP A O   1 
ATOM   384  C CB  . TRP A 1 49  ? -16.246 1.567   5.283   1.00 19.61 ? 48  TRP A CB  1 
ATOM   385  C CG  . TRP A 1 49  ? -16.546 0.775   6.526   1.00 21.00 ? 48  TRP A CG  1 
ATOM   386  C CD1 . TRP A 1 49  ? -15.936 -0.390  6.901   1.00 21.02 ? 48  TRP A CD1 1 
ATOM   387  C CD2 . TRP A 1 49  ? -17.514 1.069   7.545   1.00 20.82 ? 48  TRP A CD2 1 
ATOM   388  N NE1 . TRP A 1 49  ? -16.485 -0.852  8.078   1.00 22.59 ? 48  TRP A NE1 1 
ATOM   389  C CE2 . TRP A 1 49  ? -17.432 0.037   8.510   1.00 21.50 ? 48  TRP A CE2 1 
ATOM   390  C CE3 . TRP A 1 49  ? -18.443 2.093   7.738   1.00 22.01 ? 48  TRP A CE3 1 
ATOM   391  C CZ2 . TRP A 1 49  ? -18.239 -0.004  9.639   1.00 21.35 ? 48  TRP A CZ2 1 
ATOM   392  C CZ3 . TRP A 1 49  ? -19.250 2.054   8.891   1.00 21.80 ? 48  TRP A CZ3 1 
ATOM   393  C CH2 . TRP A 1 49  ? -19.130 1.011   9.819   1.00 22.67 ? 48  TRP A CH2 1 
ATOM   394  N N   . ILE A 1 50  ? -13.723 2.783   7.326   1.00 18.61 ? 49  ILE A N   1 
ATOM   395  C CA  . ILE A 1 50  ? -12.421 2.460   7.921   1.00 19.38 ? 49  ILE A CA  1 
ATOM   396  C C   . ILE A 1 50  ? -12.624 1.793   9.249   1.00 20.57 ? 49  ILE A C   1 
ATOM   397  O O   . ILE A 1 50  ? -13.204 2.364   10.177  1.00 19.04 ? 49  ILE A O   1 
ATOM   398  C CB  . ILE A 1 50  ? -11.470 3.646   8.086   1.00 20.16 ? 49  ILE A CB  1 
ATOM   399  C CG1 . ILE A 1 50  ? -11.283 4.367   6.748   1.00 19.67 ? 49  ILE A CG1 1 
ATOM   400  C CG2 . ILE A 1 50  ? -10.109 3.137   8.603   1.00 19.90 ? 49  ILE A CG2 1 
ATOM   401  C CD1 . ILE A 1 50  ? -10.417 5.602   6.870   1.00 19.99 ? 49  ILE A CD1 1 
ATOM   402  N N   . GLU A 1 51  ? -12.148 0.550   9.259   1.00 23.65 ? 50  GLU A N   1 
ATOM   403  C CA  . GLU A 1 51  ? -12.458 -0.509  10.239  1.00 26.32 ? 50  GLU A CA  1 
ATOM   404  C C   . GLU A 1 51  ? -13.872 -0.660  10.736  1.00 27.28 ? 50  GLU A C   1 
ATOM   405  O O   . GLU A 1 51  ? -14.529 -1.687  10.465  1.00 23.31 ? 50  GLU A O   1 
ATOM   406  C CB  . GLU A 1 51  ? -11.562 -0.421  11.457  1.00 26.53 ? 50  GLU A CB  1 
ATOM   407  C CG  . GLU A 1 51  ? -10.613 -1.585  11.522  1.00 30.03 ? 50  GLU A CG  1 
ATOM   408  C CD  . GLU A 1 51  ? -9.252  -1.044  11.416  1.00 30.51 ? 50  GLU A CD  1 
ATOM   409  O OE1 . GLU A 1 51  ? -9.092  0.086   11.919  1.00 36.34 ? 50  GLU A OE1 1 
ATOM   410  O OE2 . GLU A 1 51  ? -8.399  -1.680  10.812  1.00 26.10 ? 50  GLU A OE2 1 
ATOM   411  N N   . HIS A 1 52  ? -14.328 0.314   11.521  1.00 27.03 ? 51  HIS A N   1 
ATOM   412  C CA  . HIS A 1 52  ? -15.701 0.184   12.059  1.00 32.34 ? 51  HIS A CA  1 
ATOM   413  C C   . HIS A 1 52  ? -16.499 1.450   11.917  1.00 27.43 ? 51  HIS A C   1 
ATOM   414  O O   . HIS A 1 52  ? -17.490 1.605   12.591  1.00 25.39 ? 51  HIS A O   1 
ATOM   415  C CB  . HIS A 1 52  ? -15.683 -0.285  13.533  1.00 36.13 ? 51  HIS A CB  1 
ATOM   416  C CG  . HIS A 1 52  ? -14.940 -1.574  13.749  1.00 42.83 ? 51  HIS A CG  1 
ATOM   417  N ND1 . HIS A 1 52  ? -15.329 -2.766  13.172  1.00 44.63 ? 51  HIS A ND1 1 
ATOM   418  C CD2 . HIS A 1 52  ? -13.831 -1.857  14.476  1.00 44.05 ? 51  HIS A CD2 1 
ATOM   419  C CE1 . HIS A 1 52  ? -14.489 -3.721  13.525  1.00 41.64 ? 51  HIS A CE1 1 
ATOM   420  N NE2 . HIS A 1 52  ? -13.573 -3.198  14.317  1.00 44.54 ? 51  HIS A NE2 1 
ATOM   421  N N   . LYS A 1 53  ? -16.080 2.348   11.022  1.00 26.67 ? 52  LYS A N   1 
ATOM   422  C CA  . LYS A 1 53  ? -16.832 3.561   10.809  1.00 26.88 ? 52  LYS A CA  1 
ATOM   423  C C   . LYS A 1 53  ? -16.575 4.293   9.500   1.00 25.35 ? 52  LYS A C   1 
ATOM   424  O O   . LYS A 1 53  ? -15.497 4.204   8.909   1.00 23.40 ? 52  LYS A O   1 
ATOM   425  C CB  . LYS A 1 53  ? -16.610 4.490   11.974  1.00 27.87 ? 52  LYS A CB  1 
ATOM   426  C CG  . LYS A 1 53  ? -15.308 5.212   11.964  1.00 29.55 ? 52  LYS A CG  1 
ATOM   427  C CD  . LYS A 1 53  ? -15.565 6.628   12.439  1.00 31.57 ? 52  LYS A CD  1 
ATOM   428  C CE  . LYS A 1 53  ? -15.824 6.676   13.923  1.00 33.35 ? 52  LYS A CE  1 
ATOM   429  N NZ  . LYS A 1 53  ? -14.574 7.131   14.581  1.00 34.51 ? 52  LYS A NZ  1 
ATOM   430  N N   . LEU A 1 54  ? -17.584 5.034   9.069   1.00 22.62 ? 53  LEU A N   1 
ATOM   431  C CA  . LEU A 1 54  ? -17.507 5.797   7.826   1.00 22.61 ? 53  LEU A CA  1 
ATOM   432  C C   . LEU A 1 54  ? -16.745 7.079   8.057   1.00 22.91 ? 53  LEU A C   1 
ATOM   433  O O   . LEU A 1 54  ? -17.140 7.889   8.892   1.00 23.07 ? 53  LEU A O   1 
ATOM   434  C CB  . LEU A 1 54  ? -18.904 6.127   7.328   1.00 22.53 ? 53  LEU A CB  1 
ATOM   435  C CG  . LEU A 1 54  ? -19.025 6.432   5.856   1.00 24.46 ? 53  LEU A CG  1 
ATOM   436  C CD1 . LEU A 1 54  ? -18.371 5.357   4.972   1.00 24.15 ? 53  LEU A CD1 1 
ATOM   437  C CD2 . LEU A 1 54  ? -20.505 6.604   5.564   1.00 25.15 ? 53  LEU A CD2 1 
ATOM   438  N N   . VAL A 1 55  ? -15.678 7.266   7.287   1.00 21.36 ? 54  VAL A N   1 
ATOM   439  C CA  . VAL A 1 55  ? -14.779 8.389   7.419   1.00 20.25 ? 54  VAL A CA  1 
ATOM   440  C C   . VAL A 1 55  ? -14.878 9.268   6.174   1.00 21.25 ? 54  VAL A C   1 
ATOM   441  O O   . VAL A 1 55  ? -14.876 8.798   5.055   1.00 22.54 ? 54  VAL A O   1 
ATOM   442  C CB  . VAL A 1 55  ? -13.360 7.867   7.655   1.00 19.99 ? 54  VAL A CB  1 
ATOM   443  C CG1 . VAL A 1 55  ? -12.365 9.013   7.777   1.00 20.94 ? 54  VAL A CG1 1 
ATOM   444  C CG2 . VAL A 1 55  ? -13.341 7.004   8.921   1.00 20.30 ? 54  VAL A CG2 1 
ATOM   445  N N   . ASN A 1 56  ? -14.996 10.560  6.392   1.00 23.03 ? 55  ASN A N   1 
ATOM   446  C CA  . ASN A 1 56  ? -15.049 11.537  5.332   1.00 22.10 ? 55  ASN A CA  1 
ATOM   447  C C   . ASN A 1 56  ? -13.694 11.733  4.736   1.00 19.64 ? 55  ASN A C   1 
ATOM   448  O O   . ASN A 1 56  ? -12.706 11.859  5.460   1.00 19.98 ? 55  ASN A O   1 
ATOM   449  C CB  . ASN A 1 56  ? -15.585 12.871  5.878   1.00 24.12 ? 55  ASN A CB  1 
ATOM   450  C CG  . ASN A 1 56  ? -16.991 12.737  6.364   1.00 30.03 ? 55  ASN A CG  1 
ATOM   451  O OD1 . ASN A 1 56  ? -17.735 11.948  5.805   1.00 40.13 ? 55  ASN A OD1 1 
ATOM   452  N ND2 . ASN A 1 56  ? -17.377 13.482  7.406   1.00 33.35 ? 55  ASN A ND2 1 
ATOM   453  N N   . ILE A 1 57  ? -13.632 11.737  3.409   1.00 18.40 ? 56  ILE A N   1 
ATOM   454  C CA  . ILE A 1 57  ? -12.402 12.005  2.697   1.00 17.78 ? 56  ILE A CA  1 
ATOM   455  C C   . ILE A 1 57  ? -12.391 13.446  2.267   1.00 18.54 ? 56  ILE A C   1 
ATOM   456  O O   . ILE A 1 57  ? -13.275 13.873  1.553   1.00 18.44 ? 56  ILE A O   1 
ATOM   457  C CB  . ILE A 1 57  ? -12.223 11.144  1.455   1.00 16.80 ? 56  ILE A CB  1 
ATOM   458  C CG1 . ILE A 1 57  ? -12.058 9.672   1.886   1.00 16.73 ? 56  ILE A CG1 1 
ATOM   459  C CG2 . ILE A 1 57  ? -11.061 11.708  0.608   1.00 16.06 ? 56  ILE A CG2 1 
ATOM   460  C CD1 . ILE A 1 57  ? -11.861 8.706   0.765   1.00 16.51 ? 56  ILE A CD1 1 
ATOM   461  N N   . LEU A 1 58  ? -11.396 14.184  2.716   1.00 18.06 ? 57  LEU A N   1 
ATOM   462  C CA  . LEU A 1 58  ? -11.318 15.622  2.463   1.00 19.22 ? 57  LEU A CA  1 
ATOM   463  C C   . LEU A 1 58  ? -10.675 15.895  1.089   1.00 20.29 ? 57  LEU A C   1 
ATOM   464  O O   . LEU A 1 58  ? -10.978 16.860  0.429   1.00 19.33 ? 57  LEU A O   1 
ATOM   465  C CB  . LEU A 1 58  ? -10.492 16.286  3.582   1.00 19.74 ? 57  LEU A CB  1 
ATOM   466  C CG  . LEU A 1 58  ? -11.277 16.326  4.886   1.00 20.47 ? 57  LEU A CG  1 
ATOM   467  C CD1 . LEU A 1 58  ? -10.418 16.882  6.013   1.00 19.51 ? 57  LEU A CD1 1 
ATOM   468  C CD2 . LEU A 1 58  ? -12.524 17.171  4.689   1.00 21.63 ? 57  LEU A CD2 1 
ATOM   469  N N   . ASP A 1 59  ? -9.739  15.056  0.676   1.00 20.81 ? 58  ASP A N   1 
ATOM   470  C CA  . ASP A 1 59  ? -9.163  15.221  -0.617  1.00 21.32 ? 58  ASP A CA  1 
ATOM   471  C C   . ASP A 1 59  ? -8.564  13.948  -1.094  1.00 19.19 ? 58  ASP A C   1 
ATOM   472  O O   . ASP A 1 59  ? -8.201  13.115  -0.284  1.00 17.94 ? 58  ASP A O   1 
ATOM   473  C CB  . ASP A 1 59  ? -8.097  16.277  -0.576  1.00 27.05 ? 58  ASP A CB  1 
ATOM   474  C CG  . ASP A 1 59  ? -7.938  16.904  -1.885  1.00 31.85 ? 58  ASP A CG  1 
ATOM   475  O OD1 . ASP A 1 59  ? -8.985  17.247  -2.497  1.00 37.08 ? 58  ASP A OD1 1 
ATOM   476  O OD2 . ASP A 1 59  ? -6.791  16.984  -2.340  1.00 35.15 ? 58  ASP A OD2 1 
ATOM   477  N N   . ALA A 1 60  ? -8.463  13.810  -2.411  1.00 17.42 ? 59  ALA A N   1 
ATOM   478  C CA  . ALA A 1 60  ? -7.877  12.616  -3.041  1.00 18.74 ? 59  ALA A CA  1 
ATOM   479  C C   . ALA A 1 60  ? -6.972  13.056  -4.194  1.00 20.59 ? 59  ALA A C   1 
ATOM   480  O O   . ALA A 1 60  ? -7.366  13.929  -4.987  1.00 22.20 ? 59  ALA A O   1 
ATOM   481  C CB  . ALA A 1 60  ? -8.990  11.641  -3.511  1.00 17.43 ? 59  ALA A CB  1 
ATOM   482  N N   . VAL A 1 61  ? -5.737  12.544  -4.209  1.00 20.02 ? 60  VAL A N   1 
ATOM   483  C CA  . VAL A 1 61  ? -4.756  12.849  -5.234  1.00 21.77 ? 60  VAL A CA  1 
ATOM   484  C C   . VAL A 1 61  ? -4.289  11.514  -5.873  1.00 21.52 ? 60  VAL A C   1 
ATOM   485  O O   . VAL A 1 61  ? -3.692  10.671  -5.219  1.00 21.44 ? 60  VAL A O   1 
ATOM   486  C CB  . VAL A 1 61  ? -3.613  13.743  -4.671  1.00 21.27 ? 60  VAL A CB  1 
ATOM   487  C CG1 . VAL A 1 61  ? -2.450  13.944  -5.655  1.00 20.02 ? 60  VAL A CG1 1 
ATOM   488  C CG2 . VAL A 1 61  ? -4.198  15.091  -4.251  1.00 20.87 ? 60  VAL A CG2 1 
ATOM   489  N N   . GLU A 1 62  ? -4.633  11.327  -7.149  1.00 22.84 ? 61  GLU A N   1 
ATOM   490  C CA  . GLU A 1 62  ? -4.171  10.174  -7.968  1.00 23.47 ? 61  GLU A CA  1 
ATOM   491  C C   . GLU A 1 62  ? -2.796  10.477  -8.536  1.00 23.28 ? 61  GLU A C   1 
ATOM   492  O O   . GLU A 1 62  ? -2.585  11.520  -9.207  1.00 22.87 ? 61  GLU A O   1 
ATOM   493  C CB  . GLU A 1 62  ? -5.182  9.842   -9.070  1.00 26.17 ? 61  GLU A CB  1 
ATOM   494  C CG  . GLU A 1 62  ? -6.589  9.588   -8.519  1.00 27.34 ? 61  GLU A CG  1 
ATOM   495  C CD  . GLU A 1 62  ? -7.543  8.912   -9.487  1.00 29.57 ? 61  GLU A CD  1 
ATOM   496  O OE1 . GLU A 1 62  ? -7.189  8.697   -10.653 1.00 32.10 ? 61  GLU A OE1 1 
ATOM   497  O OE2 . GLU A 1 62  ? -8.657  8.562   -9.051  1.00 32.17 ? 61  GLU A OE2 1 
ATOM   498  N N   . LEU A 1 63  ? -1.806  9.651   -8.194  1.00 21.35 ? 62  LEU A N   1 
ATOM   499  C CA  . LEU A 1 63  ? -0.418  10.007  -8.562  1.00 19.86 ? 62  LEU A CA  1 
ATOM   500  C C   . LEU A 1 63  ? -0.072  9.553   -10.012 1.00 22.00 ? 62  LEU A C   1 
ATOM   501  O O   . LEU A 1 63  ? -0.296  8.396   -10.390 1.00 20.75 ? 62  LEU A O   1 
ATOM   502  C CB  . LEU A 1 63  ? 0.586   9.473   -7.510  1.00 19.50 ? 62  LEU A CB  1 
ATOM   503  C CG  . LEU A 1 63  ? 0.379   9.910   -6.061  1.00 19.09 ? 62  LEU A CG  1 
ATOM   504  C CD1 . LEU A 1 63  ? 1.387   9.205   -5.155  1.00 21.16 ? 62  LEU A CD1 1 
ATOM   505  C CD2 . LEU A 1 63  ? 0.477   11.446  -5.926  1.00 19.40 ? 62  LEU A CD2 1 
ATOM   506  N N   . VAL A 1 64  ? 0.421   10.487  -10.833 1.00 23.26 ? 63  VAL A N   1 
ATOM   507  C CA  . VAL A 1 64  ? 0.947   10.159  -12.179 1.00 21.99 ? 63  VAL A CA  1 
ATOM   508  C C   . VAL A 1 64  ? 2.376   10.599  -12.264 1.00 21.98 ? 63  VAL A C   1 
ATOM   509  O O   . VAL A 1 64  ? 2.836   11.388  -11.443 1.00 24.51 ? 63  VAL A O   1 
ATOM   510  C CB  . VAL A 1 64  ? 0.135   10.768  -13.341 1.00 21.76 ? 63  VAL A CB  1 
ATOM   511  C CG1 . VAL A 1 64  ? -1.266  10.145  -13.386 1.00 22.39 ? 63  VAL A CG1 1 
ATOM   512  C CG2 . VAL A 1 64  ? 0.052   12.297  -13.299 1.00 21.93 ? 63  VAL A CG2 1 
ATOM   513  N N   . ASP A 1 65  ? 3.108   10.061  -13.220 1.00 21.47 ? 64  ASP A N   1 
ATOM   514  C CA  . ASP A 1 65  ? 4.476   10.536  -13.408 1.00 24.53 ? 64  ASP A CA  1 
ATOM   515  C C   . ASP A 1 65  ? 4.515   11.692  -14.419 1.00 27.81 ? 64  ASP A C   1 
ATOM   516  O O   . ASP A 1 65  ? 3.471   12.257  -14.740 1.00 27.34 ? 64  ASP A O   1 
ATOM   517  C CB  . ASP A 1 65  ? 5.419   9.390   -13.792 1.00 24.70 ? 64  ASP A CB  1 
ATOM   518  C CG  . ASP A 1 65  ? 5.255   8.940   -15.216 1.00 24.97 ? 64  ASP A CG  1 
ATOM   519  O OD1 . ASP A 1 65  ? 4.363   9.414   -15.953 1.00 22.79 ? 64  ASP A OD1 1 
ATOM   520  O OD2 . ASP A 1 65  ? 6.011   8.040   -15.591 1.00 30.23 ? 64  ASP A OD2 1 
ATOM   521  N N   . GLU A 1 66  ? 5.718   12.053  -14.880 1.00 31.81 ? 65  GLU A N   1 
ATOM   522  C CA  . GLU A 1 66  ? 5.915   13.160  -15.834 1.00 31.69 ? 65  GLU A CA  1 
ATOM   523  C C   . GLU A 1 66  ? 5.326   12.858  -17.177 1.00 31.48 ? 65  GLU A C   1 
ATOM   524  O O   . GLU A 1 66  ? 4.875   13.741  -17.869 1.00 34.91 ? 65  GLU A O   1 
ATOM   525  C CB  . GLU A 1 66  ? 7.403   13.433  -16.065 1.00 36.40 ? 65  GLU A CB  1 
ATOM   526  C CG  . GLU A 1 66  ? 7.997   12.696  -17.297 1.00 40.32 ? 65  GLU A CG  1 
ATOM   527  C CD  . GLU A 1 66  ? 8.661   11.350  -16.993 1.00 42.82 ? 65  GLU A CD  1 
ATOM   528  O OE1 . GLU A 1 66  ? 9.031   11.104  -15.828 1.00 50.79 ? 65  GLU A OE1 1 
ATOM   529  O OE2 . GLU A 1 66  ? 8.875   10.539  -17.923 1.00 44.41 ? 65  GLU A OE2 1 
ATOM   530  N N   . GLN A 1 67  ? 5.364   11.613  -17.595 1.00 31.64 ? 66  GLN A N   1 
ATOM   531  C CA  . GLN A 1 67  ? 4.750   11.295  -18.864 1.00 32.18 ? 66  GLN A CA  1 
ATOM   532  C C   . GLN A 1 67  ? 3.240   11.214  -18.721 1.00 27.97 ? 66  GLN A C   1 
ATOM   533  O O   . GLN A 1 67  ? 2.571   10.856  -19.654 1.00 33.29 ? 66  GLN A O   1 
ATOM   534  C CB  . GLN A 1 67  ? 5.267   9.973   -19.393 1.00 35.22 ? 66  GLN A CB  1 
ATOM   535  C CG  . GLN A 1 67  ? 6.772   9.876   -19.511 1.00 38.15 ? 66  GLN A CG  1 
ATOM   536  C CD  . GLN A 1 67  ? 7.221   8.426   -19.358 1.00 41.98 ? 66  GLN A CD  1 
ATOM   537  O OE1 . GLN A 1 67  ? 6.947   7.588   -20.234 1.00 38.10 ? 66  GLN A OE1 1 
ATOM   538  N NE2 . GLN A 1 67  ? 7.896   8.114   -18.233 1.00 43.60 ? 66  GLN A NE2 1 
ATOM   539  N N   . GLY A 1 68  ? 2.696   11.499  -17.548 1.00 25.24 ? 67  GLY A N   1 
ATOM   540  C CA  . GLY A 1 68  ? 1.258   11.378  -17.327 1.00 24.23 ? 67  GLY A CA  1 
ATOM   541  C C   . GLY A 1 68  ? 0.772   9.948   -17.154 1.00 22.31 ? 67  GLY A C   1 
ATOM   542  O O   . GLY A 1 68  ? -0.421  9.678   -17.257 1.00 23.35 ? 67  GLY A O   1 
ATOM   543  N N   . VAL A 1 69  ? 1.678   9.033   -16.880 1.00 20.51 ? 68  VAL A N   1 
ATOM   544  C CA  . VAL A 1 69  ? 1.295   7.640   -16.773 1.00 22.56 ? 68  VAL A CA  1 
ATOM   545  C C   . VAL A 1 69  ? 0.938   7.326   -15.296 1.00 21.97 ? 68  VAL A C   1 
ATOM   546  O O   . VAL A 1 69  ? 1.580   7.795   -14.383 1.00 21.31 ? 68  VAL A O   1 
ATOM   547  C CB  . VAL A 1 69  ? 2.408   6.729   -17.308 1.00 22.92 ? 68  VAL A CB  1 
ATOM   548  C CG1 . VAL A 1 69  ? 2.053   5.253   -17.141 1.00 24.74 ? 68  VAL A CG1 1 
ATOM   549  C CG2 . VAL A 1 69  ? 2.708   7.078   -18.768 1.00 21.66 ? 68  VAL A CG2 1 
ATOM   550  N N   . ASN A 1 70  ? -0.145  6.576   -15.128 1.00 20.28 ? 69  ASN A N   1 
ATOM   551  C CA  . ASN A 1 70  ? -0.563  5.998   -13.866 1.00 20.09 ? 69  ASN A CA  1 
ATOM   552  C C   . ASN A 1 70  ? 0.516   5.406   -12.991 1.00 18.60 ? 69  ASN A C   1 
ATOM   553  O O   . ASN A 1 70  ? 1.290   4.578   -13.422 1.00 17.42 ? 69  ASN A O   1 
ATOM   554  C CB  . ASN A 1 70  ? -1.561  4.905   -14.158 1.00 20.40 ? 69  ASN A CB  1 
ATOM   555  C CG  . ASN A 1 70  ? -2.086  4.253   -12.907 1.00 20.56 ? 69  ASN A CG  1 
ATOM   556  O OD1 . ASN A 1 70  ? -2.487  4.924   -11.964 1.00 18.74 ? 69  ASN A OD1 1 
ATOM   557  N ND2 . ASN A 1 70  ? -2.097  2.930   -12.901 1.00 19.73 ? 69  ASN A ND2 1 
ATOM   558  N N   . LEU A 1 71  ? 0.534   5.834   -11.724 1.00 20.13 ? 70  LEU A N   1 
ATOM   559  C CA  . LEU A 1 71  ? 1.391   5.219   -10.732 1.00 19.01 ? 70  LEU A CA  1 
ATOM   560  C C   . LEU A 1 71  ? 0.613   4.304   -9.801  1.00 18.05 ? 70  LEU A C   1 
ATOM   561  O O   . LEU A 1 71  ? 1.219   3.601   -8.969  1.00 15.30 ? 70  LEU A O   1 
ATOM   562  C CB  . LEU A 1 71  ? 2.183   6.263   -9.939  1.00 21.81 ? 70  LEU A CB  1 
ATOM   563  C CG  . LEU A 1 71  ? 3.116   7.097   -10.837 1.00 21.77 ? 70  LEU A CG  1 
ATOM   564  C CD1 . LEU A 1 71  ? 3.870   8.114   -10.010 1.00 21.58 ? 70  LEU A CD1 1 
ATOM   565  C CD2 . LEU A 1 71  ? 4.046   6.175   -11.632 1.00 22.85 ? 70  LEU A CD2 1 
ATOM   566  N N   . GLU A 1 72  ? -0.718  4.282   -9.959  1.00 15.98 ? 71  GLU A N   1 
ATOM   567  C CA  . GLU A 1 72  ? -1.562  3.379   -9.188  1.00 15.31 ? 71  GLU A CA  1 
ATOM   568  C C   . GLU A 1 72  ? -1.586  3.661   -7.678  1.00 15.48 ? 71  GLU A C   1 
ATOM   569  O O   . GLU A 1 72  ? -1.856  2.790   -6.843  1.00 14.93 ? 71  GLU A O   1 
ATOM   570  C CB  . GLU A 1 72  ? -1.258  1.906   -9.512  1.00 15.74 ? 71  GLU A CB  1 
ATOM   571  C CG  . GLU A 1 72  ? -2.302  0.907   -9.069  1.00 16.06 ? 71  GLU A CG  1 
ATOM   572  C CD  . GLU A 1 72  ? -3.695  1.168   -9.621  1.00 17.12 ? 71  GLU A CD  1 
ATOM   573  O OE1 . GLU A 1 72  ? -3.858  1.660   -10.763 1.00 17.07 ? 71  GLU A OE1 1 
ATOM   574  O OE2 . GLU A 1 72  ? -4.656  0.857   -8.897  1.00 16.22 ? 71  GLU A OE2 1 
ATOM   575  N N   . LEU A 1 73  ? -1.459  4.936   -7.328  1.00 15.19 ? 72  LEU A N   1 
ATOM   576  C CA  . LEU A 1 73  ? -1.591  5.308   -5.962  1.00 14.35 ? 72  LEU A CA  1 
ATOM   577  C C   . LEU A 1 73  ? -2.479  6.487   -5.850  1.00 14.60 ? 72  LEU A C   1 
ATOM   578  O O   . LEU A 1 73  ? -2.412  7.377   -6.666  1.00 15.42 ? 72  LEU A O   1 
ATOM   579  C CB  . LEU A 1 73  ? -0.213  5.647   -5.379  1.00 14.44 ? 72  LEU A CB  1 
ATOM   580  C CG  . LEU A 1 73  ? 0.745   4.438   -5.295  1.00 14.18 ? 72  LEU A CG  1 
ATOM   581  C CD1 . LEU A 1 73  ? 2.162   4.909   -5.038  1.00 15.42 ? 72  LEU A CD1 1 
ATOM   582  C CD2 . LEU A 1 73  ? 0.336   3.458   -4.199  1.00 13.46 ? 72  LEU A CD2 1 
ATOM   583  N N   . THR A 1 74  ? -3.310  6.464   -4.812  1.00 14.85 ? 73  THR A N   1 
ATOM   584  C CA  . THR A 1 74  ? -4.099  7.587   -4.433  1.00 15.57 ? 73  THR A CA  1 
ATOM   585  C C   . THR A 1 74  ? -3.811  8.014   -2.980  1.00 15.82 ? 73  THR A C   1 
ATOM   586  O O   . THR A 1 74  ? -3.939  7.247   -1.998  1.00 14.59 ? 73  THR A O   1 
ATOM   587  C CB  . THR A 1 74  ? -5.584  7.293   -4.680  1.00 15.49 ? 73  THR A CB  1 
ATOM   588  O OG1 . THR A 1 74  ? -5.737  6.972   -6.069  1.00 16.79 ? 73  THR A OG1 1 
ATOM   589  C CG2 . THR A 1 74  ? -6.422  8.468   -4.383  1.00 15.04 ? 73  THR A CG2 1 
ATOM   590  N N   . LEU A 1 75  ? -3.438  9.267   -2.872  1.00 17.15 ? 74  LEU A N   1 
ATOM   591  C CA  . LEU A 1 75  ? -3.231  9.905   -1.589  1.00 19.84 ? 74  LEU A CA  1 
ATOM   592  C C   . LEU A 1 75  ? -4.564  10.462  -1.120  1.00 18.60 ? 74  LEU A C   1 
ATOM   593  O O   . LEU A 1 75  ? -5.236  11.156  -1.865  1.00 18.91 ? 74  LEU A O   1 
ATOM   594  C CB  . LEU A 1 75  ? -2.253  11.061  -1.708  1.00 20.80 ? 74  LEU A CB  1 
ATOM   595  C CG  . LEU A 1 75  ? -0.784  10.717  -1.522  1.00 22.68 ? 74  LEU A CG  1 
ATOM   596  C CD1 . LEU A 1 75  ? -0.421  9.474   -2.280  1.00 25.63 ? 74  LEU A CD1 1 
ATOM   597  C CD2 . LEU A 1 75  ? 0.084   11.877  -1.941  1.00 22.14 ? 74  LEU A CD2 1 
ATOM   598  N N   . ILE A 1 76  ? -4.921  10.174  0.123   1.00 18.40 ? 75  ILE A N   1 
ATOM   599  C CA  . ILE A 1 76  ? -6.168  10.693  0.711   1.00 17.97 ? 75  ILE A CA  1 
ATOM   600  C C   . ILE A 1 76  ? -5.935  11.329  2.077   1.00 17.42 ? 75  ILE A C   1 
ATOM   601  O O   . ILE A 1 76  ? -5.184  10.825  2.909   1.00 17.30 ? 75  ILE A O   1 
ATOM   602  C CB  . ILE A 1 76  ? -7.236  9.597   0.805   1.00 17.58 ? 75  ILE A CB  1 
ATOM   603  C CG1 . ILE A 1 76  ? -6.781  8.488   1.752   1.00 18.21 ? 75  ILE A CG1 1 
ATOM   604  C CG2 . ILE A 1 76  ? -7.506  9.031   -0.590  1.00 17.86 ? 75  ILE A CG2 1 
ATOM   605  C CD1 . ILE A 1 76  ? -7.765  7.375   1.998   1.00 17.41 ? 75  ILE A CD1 1 
ATOM   606  N N   . THR A 1 77  ? -6.538  12.494  2.252   1.00 17.49 ? 76  THR A N   1 
ATOM   607  C CA  . THR A 1 77  ? -6.551  13.205  3.492   1.00 16.42 ? 76  THR A CA  1 
ATOM   608  C C   . THR A 1 77  ? -7.881  12.941  4.164   1.00 16.48 ? 76  THR A C   1 
ATOM   609  O O   . THR A 1 77  ? -8.930  13.118  3.572   1.00 15.74 ? 76  THR A O   1 
ATOM   610  C CB  . THR A 1 77  ? -6.402  14.676  3.233   1.00 16.56 ? 76  THR A CB  1 
ATOM   611  O OG1 . THR A 1 77  ? -5.294  14.835  2.382   1.00 18.75 ? 76  THR A OG1 1 
ATOM   612  C CG2 . THR A 1 77  ? -6.133  15.441  4.528   1.00 17.25 ? 76  THR A CG2 1 
ATOM   613  N N   . LEU A 1 78  ? -7.821  12.442  5.397   1.00 16.91 ? 77  LEU A N   1 
ATOM   614  C CA  . LEU A 1 78  ? -8.989  12.016  6.130   1.00 16.72 ? 77  LEU A CA  1 
ATOM   615  C C   . LEU A 1 78  ? -9.461  13.104  7.112   1.00 17.52 ? 77  LEU A C   1 
ATOM   616  O O   . LEU A 1 78  ? -8.641  13.890  7.657   1.00 15.40 ? 77  LEU A O   1 
ATOM   617  C CB  . LEU A 1 78  ? -8.614  10.763  6.928   1.00 17.05 ? 77  LEU A CB  1 
ATOM   618  C CG  . LEU A 1 78  ? -8.059  9.621   6.095   1.00 17.23 ? 77  LEU A CG  1 
ATOM   619  C CD1 . LEU A 1 78  ? -7.772  8.468   7.018   1.00 17.35 ? 77  LEU A CD1 1 
ATOM   620  C CD2 . LEU A 1 78  ? -9.117  9.196   5.062   1.00 17.26 ? 77  LEU A CD2 1 
ATOM   621  N N   . ASP A 1 79  ? -10.777 13.137  7.360   1.00 16.53 ? 78  ASP A N   1 
ATOM   622  C CA  . ASP A 1 79  ? -11.350 14.017  8.388   1.00 18.29 ? 78  ASP A CA  1 
ATOM   623  C C   . ASP A 1 79  ? -11.440 13.203  9.667   1.00 20.84 ? 78  ASP A C   1 
ATOM   624  O O   . ASP A 1 79  ? -12.420 12.504  9.905   1.00 22.78 ? 78  ASP A O   1 
ATOM   625  C CB  . ASP A 1 79  ? -12.742 14.471  7.941   1.00 18.36 ? 78  ASP A CB  1 
ATOM   626  C CG  . ASP A 1 79  ? -13.434 15.364  8.926   1.00 17.54 ? 78  ASP A CG  1 
ATOM   627  O OD1 . ASP A 1 79  ? -12.868 15.773  9.952   1.00 15.57 ? 78  ASP A OD1 1 
ATOM   628  O OD2 . ASP A 1 79  ? -14.589 15.683  8.633   1.00 17.39 ? 78  ASP A OD2 1 
ATOM   629  N N   . THR A 1 80  ? -10.396 13.260  10.472  1.00 22.76 ? 79  THR A N   1 
ATOM   630  C CA  . THR A 1 80  ? -10.328 12.544  11.740  1.00 24.56 ? 79  THR A CA  1 
ATOM   631  C C   . THR A 1 80  ? -9.415  13.301  12.704  1.00 24.84 ? 79  THR A C   1 
ATOM   632  O O   . THR A 1 80  ? -8.586  14.099  12.301  1.00 26.69 ? 79  THR A O   1 
ATOM   633  C CB  . THR A 1 80  ? -9.666  11.155  11.610  1.00 25.54 ? 79  THR A CB  1 
ATOM   634  O OG1 . THR A 1 80  ? -8.395  11.317  10.976  1.00 24.09 ? 79  THR A OG1 1 
ATOM   635  C CG2 . THR A 1 80  ? -10.528 10.205  10.792  1.00 28.39 ? 79  THR A CG2 1 
ATOM   636  N N   . ASN A 1 81  ? -9.558  12.975  13.979  1.00 26.41 ? 80  ASN A N   1 
ATOM   637  C CA  . ASN A 1 81  ? -8.711  13.475  15.037  1.00 27.08 ? 80  ASN A CA  1 
ATOM   638  C C   . ASN A 1 81  ? -7.387  12.721  15.117  1.00 29.74 ? 80  ASN A C   1 
ATOM   639  O O   . ASN A 1 81  ? -6.383  13.285  15.529  1.00 36.29 ? 80  ASN A O   1 
ATOM   640  C CB  . ASN A 1 81  ? -9.425  13.253  16.355  1.00 28.14 ? 80  ASN A CB  1 
ATOM   641  C CG  . ASN A 1 81  ? -10.771 13.908  16.395  1.00 25.93 ? 80  ASN A CG  1 
ATOM   642  O OD1 . ASN A 1 81  ? -11.756 13.312  16.834  1.00 32.81 ? 80  ASN A OD1 1 
ATOM   643  N ND2 . ASN A 1 81  ? -10.827 15.133  15.942  1.00 24.61 ? 80  ASN A ND2 1 
ATOM   644  N N   . GLU A 1 82  ? -7.374  11.443  14.749  1.00 30.76 ? 81  GLU A N   1 
ATOM   645  C CA  . GLU A 1 82  ? -6.125  10.674  14.796  1.00 28.58 ? 81  GLU A CA  1 
ATOM   646  C C   . GLU A 1 82  ? -5.074  11.282  13.898  1.00 26.24 ? 81  GLU A C   1 
ATOM   647  O O   . GLU A 1 82  ? -5.385  11.776  12.841  1.00 27.94 ? 81  GLU A O   1 
ATOM   648  C CB  . GLU A 1 82  ? -6.341  9.234   14.357  1.00 28.29 ? 81  GLU A CB  1 
ATOM   649  C CG  . GLU A 1 82  ? -5.065  8.426   14.484  1.00 28.03 ? 81  GLU A CG  1 
ATOM   650  C CD  . GLU A 1 82  ? -5.278  6.948   14.244  1.00 30.40 ? 81  GLU A CD  1 
ATOM   651  O OE1 . GLU A 1 82  ? -4.297  6.169   14.448  1.00 26.87 ? 81  GLU A OE1 1 
ATOM   652  O OE2 . GLU A 1 82  ? -6.414  6.599   13.836  1.00 29.71 ? 81  GLU A OE2 1 
ATOM   653  N N   . LYS A 1 83  ? -3.832  11.277  14.355  1.00 27.31 ? 82  LYS A N   1 
ATOM   654  C CA  . LYS A 1 83  ? -2.704  11.442  13.492  1.00 26.11 ? 82  LYS A CA  1 
ATOM   655  C C   . LYS A 1 83  ? -1.975  10.126  13.495  1.00 24.20 ? 82  LYS A C   1 
ATOM   656  O O   . LYS A 1 83  ? -1.679  9.623   14.567  1.00 24.97 ? 82  LYS A O   1 
ATOM   657  C CB  . LYS A 1 83  ? -1.791  12.520  14.009  1.00 29.57 ? 82  LYS A CB  1 
ATOM   658  C CG  . LYS A 1 83  ? -2.441  13.885  14.046  1.00 33.18 ? 82  LYS A CG  1 
ATOM   659  C CD  . LYS A 1 83  ? -1.418  14.952  13.717  1.00 37.72 ? 82  LYS A CD  1 
ATOM   660  C CE  . LYS A 1 83  ? -1.036  15.773  14.920  1.00 40.71 ? 82  LYS A CE  1 
ATOM   661  N NZ  . LYS A 1 83  ? -2.255  16.522  15.342  1.00 43.43 ? 82  LYS A NZ  1 
ATOM   662  N N   . PHE A 1 84  ? -1.690  9.576   12.304  1.00 19.88 ? 83  PHE A N   1 
ATOM   663  C CA  . PHE A 1 84  ? -1.059  8.285   12.177  1.00 18.91 ? 83  PHE A CA  1 
ATOM   664  C C   . PHE A 1 84  ? 0.328   8.405   12.756  1.00 20.03 ? 83  PHE A C   1 
ATOM   665  O O   . PHE A 1 84  ? 0.949   9.424   12.583  1.00 18.27 ? 83  PHE A O   1 
ATOM   666  C CB  . PHE A 1 84  ? -0.927  7.878   10.695  1.00 17.64 ? 83  PHE A CB  1 
ATOM   667  C CG  . PHE A 1 84  ? -2.245  7.605   10.029  1.00 16.78 ? 83  PHE A CG  1 
ATOM   668  C CD1 . PHE A 1 84  ? -3.050  6.563   10.470  1.00 16.81 ? 83  PHE A CD1 1 
ATOM   669  C CD2 . PHE A 1 84  ? -2.684  8.383   8.991   1.00 16.95 ? 83  PHE A CD2 1 
ATOM   670  C CE1 . PHE A 1 84  ? -4.282  6.313   9.892   1.00 15.64 ? 83  PHE A CE1 1 
ATOM   671  C CE2 . PHE A 1 84  ? -3.894  8.135   8.389   1.00 16.39 ? 83  PHE A CE2 1 
ATOM   672  C CZ  . PHE A 1 84  ? -4.698  7.083   8.846   1.00 16.73 ? 83  PHE A CZ  1 
ATOM   673  N N   . ARG A 1 85  ? 0.812   7.372   13.438  1.00 20.68 ? 84  ARG A N   1 
ATOM   674  C CA  . ARG A 1 85  ? 2.208   7.354   13.776  1.00 21.41 ? 84  ARG A CA  1 
ATOM   675  C C   . ARG A 1 85  ? 2.989   7.681   12.485  1.00 21.55 ? 84  ARG A C   1 
ATOM   676  O O   . ARG A 1 85  ? 2.698   7.129   11.420  1.00 20.11 ? 84  ARG A O   1 
ATOM   677  C CB  . ARG A 1 85  ? 2.644   5.994   14.310  1.00 21.03 ? 84  ARG A CB  1 
ATOM   678  C CG  . ARG A 1 85  ? 4.169   5.954   14.372  1.00 22.08 ? 84  ARG A CG  1 
ATOM   679  C CD  . ARG A 1 85  ? 4.759   4.620   14.704  1.00 22.89 ? 84  ARG A CD  1 
ATOM   680  N NE  . ARG A 1 85  ? 4.377   3.589   13.753  1.00 24.67 ? 84  ARG A NE  1 
ATOM   681  C CZ  . ARG A 1 85  ? 4.895   2.373   13.759  1.00 26.12 ? 84  ARG A CZ  1 
ATOM   682  N NH1 . ARG A 1 85  ? 5.821   2.049   14.658  1.00 27.41 ? 84  ARG A NH1 1 
ATOM   683  N NH2 . ARG A 1 85  ? 4.525   1.491   12.861  1.00 24.03 ? 84  ARG A NH2 1 
ATOM   684  N N   . ASP A 1 86  ? 3.953   8.580   12.564  1.00 20.59 ? 85  ASP A N   1 
ATOM   685  C CA  . ASP A 1 86  ? 4.622   9.064   11.352  1.00 21.98 ? 85  ASP A CA  1 
ATOM   686  C C   . ASP A 1 86  ? 5.646   8.025   10.961  1.00 21.65 ? 85  ASP A C   1 
ATOM   687  O O   . ASP A 1 86  ? 6.608   7.833   11.652  1.00 22.29 ? 85  ASP A O   1 
ATOM   688  C CB  . ASP A 1 86  ? 5.304   10.416  11.580  1.00 22.61 ? 85  ASP A CB  1 
ATOM   689  C CG  . ASP A 1 86  ? 5.936   10.998  10.305  1.00 24.14 ? 85  ASP A CG  1 
ATOM   690  O OD1 . ASP A 1 86  ? 6.093   10.291  9.303   1.00 26.75 ? 85  ASP A OD1 1 
ATOM   691  O OD2 . ASP A 1 86  ? 6.280   12.191  10.303  1.00 23.73 ? 85  ASP A OD2 1 
ATOM   692  N N   . ILE A 1 87  ? 5.434   7.367   9.832   1.00 21.32 ? 86  ILE A N   1 
ATOM   693  C CA  . ILE A 1 87  ? 6.384   6.365   9.339   1.00 20.40 ? 86  ILE A CA  1 
ATOM   694  C C   . ILE A 1 87  ? 7.179   6.773   8.090   1.00 17.79 ? 86  ILE A C   1 
ATOM   695  O O   . ILE A 1 87  ? 7.771   5.938   7.455   1.00 15.83 ? 86  ILE A O   1 
ATOM   696  C CB  . ILE A 1 87  ? 5.644   5.028   9.047   1.00 22.01 ? 86  ILE A CB  1 
ATOM   697  C CG1 . ILE A 1 87  ? 4.616   5.262   7.957   1.00 22.23 ? 86  ILE A CG1 1 
ATOM   698  C CG2 . ILE A 1 87  ? 5.088   4.458   10.352  1.00 20.90 ? 86  ILE A CG2 1 
ATOM   699  C CD1 . ILE A 1 87  ? 3.827   4.062   7.524   1.00 26.17 ? 86  ILE A CD1 1 
ATOM   700  N N   . THR A 1 88  ? 7.231   8.044   7.743   1.00 17.75 ? 87  THR A N   1 
ATOM   701  C CA  . THR A 1 88  ? 7.932   8.476   6.497   1.00 18.49 ? 87  THR A CA  1 
ATOM   702  C C   . THR A 1 88  ? 9.434   8.150   6.441   1.00 19.22 ? 87  THR A C   1 
ATOM   703  O O   . THR A 1 88  ? 10.018  7.909   5.374   1.00 18.04 ? 87  THR A O   1 
ATOM   704  C CB  . THR A 1 88  ? 7.715   9.987   6.246   1.00 17.94 ? 87  THR A CB  1 
ATOM   705  O OG1 . THR A 1 88  ? 8.060   10.755  7.407   1.00 17.45 ? 87  THR A OG1 1 
ATOM   706  C CG2 . THR A 1 88  ? 6.270   10.229  5.978   1.00 18.48 ? 87  THR A CG2 1 
ATOM   707  N N   . LYS A 1 89  ? 10.044  8.072   7.599   1.00 20.41 ? 88  LYS A N   1 
ATOM   708  C CA  . LYS A 1 89  ? 11.424  7.765   7.669   1.00 20.27 ? 88  LYS A CA  1 
ATOM   709  C C   . LYS A 1 89  ? 11.683  6.314   7.404   1.00 21.22 ? 88  LYS A C   1 
ATOM   710  O O   . LYS A 1 89  ? 12.813  5.957   7.226   1.00 21.61 ? 88  LYS A O   1 
ATOM   711  C CB  . LYS A 1 89  ? 11.873  8.050   9.051   1.00 22.00 ? 88  LYS A CB  1 
ATOM   712  C CG  . LYS A 1 89  ? 11.319  7.057   10.048  1.00 23.00 ? 88  LYS A CG  1 
ATOM   713  C CD  . LYS A 1 89  ? 11.077  7.797   11.298  1.00 24.25 ? 88  LYS A CD  1 
ATOM   714  C CE  . LYS A 1 89  ? 11.379  7.017   12.537  1.00 25.66 ? 88  LYS A CE  1 
ATOM   715  N NZ  . LYS A 1 89  ? 11.148  8.030   13.593  1.00 26.11 ? 88  LYS A NZ  1 
ATOM   716  N N   . PHE A 1 90  ? 10.652  5.461   7.409   1.00 20.97 ? 89  PHE A N   1 
ATOM   717  C CA  . PHE A 1 90  ? 10.868  4.070   7.038   1.00 19.79 ? 89  PHE A CA  1 
ATOM   718  C C   . PHE A 1 90  ? 10.656  3.846   5.542   1.00 20.67 ? 89  PHE A C   1 
ATOM   719  O O   . PHE A 1 90  ? 11.006  2.786   5.003   1.00 20.31 ? 89  PHE A O   1 
ATOM   720  C CB  . PHE A 1 90  ? 9.950   3.136   7.810   1.00 20.38 ? 89  PHE A CB  1 
ATOM   721  C CG  . PHE A 1 90  ? 10.011  3.271   9.292   1.00 21.01 ? 89  PHE A CG  1 
ATOM   722  C CD1 . PHE A 1 90  ? 11.225  3.295   9.969   1.00 21.62 ? 89  PHE A CD1 1 
ATOM   723  C CD2 . PHE A 1 90  ? 8.835   3.298   10.044  1.00 21.38 ? 89  PHE A CD2 1 
ATOM   724  C CE1 . PHE A 1 90  ? 11.248  3.359   11.347  1.00 19.93 ? 89  PHE A CE1 1 
ATOM   725  C CE2 . PHE A 1 90  ? 8.863   3.362   11.428  1.00 19.81 ? 89  PHE A CE2 1 
ATOM   726  C CZ  . PHE A 1 90  ? 10.084  3.405   12.078  1.00 20.20 ? 89  PHE A CZ  1 
ATOM   727  N N   . ILE A 1 91  ? 10.103  4.855   4.875   1.00 22.20 ? 90  ILE A N   1 
ATOM   728  C CA  . ILE A 1 91  ? 9.959   4.893   3.426   1.00 21.01 ? 90  ILE A CA  1 
ATOM   729  C C   . ILE A 1 91  ? 11.245  5.438   2.764   1.00 21.56 ? 90  ILE A C   1 
ATOM   730  O O   . ILE A 1 91  ? 11.669  6.584   3.048   1.00 19.88 ? 90  ILE A O   1 
ATOM   731  C CB  . ILE A 1 91  ? 8.814   5.811   3.068   1.00 19.75 ? 90  ILE A CB  1 
ATOM   732  C CG1 . ILE A 1 91  ? 7.517   5.276   3.692   1.00 21.03 ? 90  ILE A CG1 1 
ATOM   733  C CG2 . ILE A 1 91  ? 8.681   5.943   1.562   1.00 22.01 ? 90  ILE A CG2 1 
ATOM   734  C CD1 . ILE A 1 91  ? 6.370   6.229   3.575   1.00 21.01 ? 90  ILE A CD1 1 
ATOM   735  N N   . PRO A 1 92  ? 11.847  4.659   1.851   1.00 23.43 ? 91  PRO A N   1 
ATOM   736  C CA  . PRO A 1 92  ? 13.068  5.133   1.183   1.00 23.30 ? 91  PRO A CA  1 
ATOM   737  C C   . PRO A 1 92  ? 12.876  6.359   0.288   1.00 23.49 ? 91  PRO A C   1 
ATOM   738  O O   . PRO A 1 92  ? 11.788  6.575   -0.247  1.00 21.99 ? 91  PRO A O   1 
ATOM   739  C CB  . PRO A 1 92  ? 13.493  3.930   0.372   1.00 23.66 ? 91  PRO A CB  1 
ATOM   740  C CG  . PRO A 1 92  ? 12.217  3.246   0.067   1.00 24.73 ? 91  PRO A CG  1 
ATOM   741  C CD  . PRO A 1 92  ? 11.476  3.322   1.371   1.00 23.50 ? 91  PRO A CD  1 
ATOM   742  N N   . GLU A 1 93  ? 13.930  7.163   0.132   1.00 24.33 ? 92  GLU A N   1 
ATOM   743  C CA  . GLU A 1 93  ? 13.844  8.368   -0.687  1.00 26.13 ? 92  GLU A CA  1 
ATOM   744  C C   . GLU A 1 93  ? 13.564  7.976   -2.158  1.00 28.28 ? 92  GLU A C   1 
ATOM   745  O O   . GLU A 1 93  ? 12.893  8.712   -2.917  1.00 26.41 ? 92  GLU A O   1 
ATOM   746  C CB  . GLU A 1 93  ? 15.135  9.163   -0.588  1.00 30.31 ? 92  GLU A CB  1 
ATOM   747  C CG  . GLU A 1 93  ? 15.653  9.354   0.833   1.00 32.85 ? 92  GLU A CG  1 
ATOM   748  C CD  . GLU A 1 93  ? 16.264  10.721  1.027   1.00 36.81 ? 92  GLU A CD  1 
ATOM   749  O OE1 . GLU A 1 93  ? 15.494  11.699  1.001   1.00 41.38 ? 92  GLU A OE1 1 
ATOM   750  O OE2 . GLU A 1 93  ? 17.500  10.832  1.168   1.00 38.93 ? 92  GLU A OE2 1 
ATOM   751  N N   . ASN A 1 94  ? 14.070  6.804   -2.549  1.00 27.15 ? 93  ASN A N   1 
ATOM   752  C CA  . ASN A 1 94  ? 13.833  6.273   -3.879  1.00 26.25 ? 93  ASN A CA  1 
ATOM   753  C C   . ASN A 1 94  ? 13.346  4.871   -3.813  1.00 24.88 ? 93  ASN A C   1 
ATOM   754  O O   . ASN A 1 94  ? 13.602  4.169   -2.873  1.00 26.12 ? 93  ASN A O   1 
ATOM   755  C CB  . ASN A 1 94  ? 15.120  6.356   -4.708  1.00 25.99 ? 93  ASN A CB  1 
ATOM   756  C CG  . ASN A 1 94  ? 15.493  7.799   -5.005  1.00 28.89 ? 93  ASN A CG  1 
ATOM   757  O OD1 . ASN A 1 94  ? 16.428  8.359   -4.409  1.00 28.00 ? 93  ASN A OD1 1 
ATOM   758  N ND2 . ASN A 1 94  ? 14.713  8.431   -5.868  1.00 27.80 ? 93  ASN A ND2 1 
ATOM   759  N N   . ILE A 1 95  ? 12.694  4.461   -4.867  1.00 24.56 ? 94  ILE A N   1 
ATOM   760  C CA  . ILE A 1 95  ? 12.051  3.181   -4.901  1.00 24.39 ? 94  ILE A CA  1 
ATOM   761  C C   . ILE A 1 95  ? 13.106  2.127   -4.904  1.00 25.10 ? 94  ILE A C   1 
ATOM   762  O O   . ILE A 1 95  ? 13.951  2.117   -5.782  1.00 22.83 ? 94  ILE A O   1 
ATOM   763  C CB  . ILE A 1 95  ? 11.144  3.071   -6.133  1.00 23.65 ? 94  ILE A CB  1 
ATOM   764  C CG1 . ILE A 1 95  ? 10.050  4.106   -5.979  1.00 23.39 ? 94  ILE A CG1 1 
ATOM   765  C CG2 . ILE A 1 95  ? 10.622  1.630   -6.313  1.00 23.41 ? 94  ILE A CG2 1 
ATOM   766  C CD1 . ILE A 1 95  ? 9.051   4.151   -7.097  1.00 24.35 ? 94  ILE A CD1 1 
ATOM   767  N N   . SER A 1 96  ? 13.037  1.228   -3.924  1.00 25.80 ? 95  SER A N   1 
ATOM   768  C CA  . SER A 1 96  ? 14.181  0.403   -3.555  1.00 27.53 ? 95  SER A CA  1 
ATOM   769  C C   . SER A 1 96  ? 13.773  -1.043  -3.449  1.00 28.41 ? 95  SER A C   1 
ATOM   770  O O   . SER A 1 96  ? 12.656  -1.370  -3.015  1.00 29.70 ? 95  SER A O   1 
ATOM   771  C CB  . SER A 1 96  ? 14.738  0.816   -2.203  1.00 26.89 ? 95  SER A CB  1 
ATOM   772  O OG  . SER A 1 96  ? 15.109  2.167   -2.201  1.00 27.61 ? 95  SER A OG  1 
ATOM   773  N N   . THR A 1 97  ? 14.717  -1.900  -3.796  1.00 25.60 ? 96  THR A N   1 
ATOM   774  C CA  . THR A 1 97  ? 14.568  -3.351  -3.755  1.00 23.17 ? 96  THR A CA  1 
ATOM   775  C C   . THR A 1 97  ? 14.741  -3.828  -2.327  1.00 23.30 ? 96  THR A C   1 
ATOM   776  O O   . THR A 1 97  ? 15.133  -3.049  -1.486  1.00 23.17 ? 96  THR A O   1 
ATOM   777  C CB  . THR A 1 97  ? 15.661  -3.961  -4.635  1.00 22.27 ? 96  THR A CB  1 
ATOM   778  O OG1 . THR A 1 97  ? 16.970  -3.570  -4.147  1.00 23.62 ? 96  THR A OG1 1 
ATOM   779  C CG2 . THR A 1 97  ? 15.523  -3.434  -5.985  1.00 20.89 ? 96  THR A CG2 1 
ATOM   780  N N   . ALA A 1 98  ? 14.462  -5.110  -2.059  1.00 24.06 ? 97  ALA A N   1 
ATOM   781  C CA  . ALA A 1 98  ? 14.689  -5.729  -0.735  1.00 22.01 ? 97  ALA A CA  1 
ATOM   782  C C   . ALA A 1 98  ? 14.859  -7.225  -0.875  1.00 20.81 ? 97  ALA A C   1 
ATOM   783  O O   . ALA A 1 98  ? 14.465  -7.820  -1.873  1.00 21.05 ? 97  ALA A O   1 
ATOM   784  C CB  . ALA A 1 98  ? 13.536  -5.435  0.243   1.00 22.55 ? 97  ALA A CB  1 
ATOM   785  N N   . SER A 1 99  ? 15.455  -7.858  0.123   1.00 21.07 ? 98  SER A N   1 
ATOM   786  C CA  . SER A 1 99  ? 15.522  -9.305  0.120   1.00 23.99 ? 98  SER A CA  1 
ATOM   787  C C   . SER A 1 99  ? 14.483  -9.772  1.101   1.00 23.57 ? 98  SER A C   1 
ATOM   788  O O   . SER A 1 99  ? 14.231  -9.121  2.116   1.00 23.43 ? 98  SER A O   1 
ATOM   789  C CB  . SER A 1 99  ? 16.871  -9.830  0.530   1.00 22.92 ? 98  SER A CB  1 
ATOM   790  O OG  . SER A 1 99  ? 17.788  -9.673  -0.525  1.00 27.41 ? 98  SER A OG  1 
ATOM   791  N N   . ASP A 1 100 ? 13.878  -10.888 0.784   1.00 25.75 ? 99  ASP A N   1 
ATOM   792  C CA  . ASP A 1 100 ? 13.017  -11.516 1.742   1.00 27.63 ? 99  ASP A CA  1 
ATOM   793  C C   . ASP A 1 100 ? 12.007  -10.609 2.358   1.00 23.95 ? 99  ASP A C   1 
ATOM   794  O O   . ASP A 1 100 ? 11.878  -10.584 3.581   1.00 22.71 ? 99  ASP A O   1 
ATOM   795  C CB  . ASP A 1 100 ? 13.885  -12.056 2.851   1.00 28.99 ? 99  ASP A CB  1 
ATOM   796  C CG  . ASP A 1 100 ? 13.873  -13.511 2.872   1.00 34.52 ? 99  ASP A CG  1 
ATOM   797  O OD1 . ASP A 1 100 ? 14.211  -14.116 1.833   1.00 38.91 ? 99  ASP A OD1 1 
ATOM   798  O OD2 . ASP A 1 100 ? 13.473  -14.046 3.918   1.00 40.44 ? 99  ASP A OD2 1 
ATOM   799  N N   . ALA A 1 101 ? 11.275  -9.893  1.518   1.00 23.34 ? 100 ALA A N   1 
ATOM   800  C CA  . ALA A 1 101 ? 10.261  -8.980  1.991   1.00 22.09 ? 100 ALA A CA  1 
ATOM   801  C C   . ALA A 1 101 ? 9.104   -9.757  2.587   1.00 22.36 ? 100 ALA A C   1 
ATOM   802  O O   . ALA A 1 101 ? 8.923   -10.943 2.308   1.00 22.79 ? 100 ALA A O   1 
ATOM   803  C CB  . ALA A 1 101 ? 9.751   -8.124  0.846   1.00 22.02 ? 100 ALA A CB  1 
ATOM   804  N N   . THR A 1 102 ? 8.286   -9.055  3.361   1.00 21.12 ? 101 THR A N   1 
ATOM   805  C CA  . THR A 1 102 ? 7.030   -9.569  3.806   1.00 20.33 ? 101 THR A CA  1 
ATOM   806  C C   . THR A 1 102 ? 5.901   -8.591  3.452   1.00 19.86 ? 101 THR A C   1 
ATOM   807  O O   . THR A 1 102 ? 6.010   -7.348  3.650   1.00 17.70 ? 101 THR A O   1 
ATOM   808  C CB  . THR A 1 102 ? 7.041   -9.867  5.317   1.00 20.68 ? 101 THR A CB  1 
ATOM   809  O OG1 . THR A 1 102 ? 7.977   -10.921 5.603   1.00 20.90 ? 101 THR A OG1 1 
ATOM   810  C CG2 . THR A 1 102 ? 5.638   -10.305 5.790   1.00 19.57 ? 101 THR A CG2 1 
ATOM   811  N N   . LEU A 1 103 ? 4.818   -9.168  2.939   1.00 19.52 ? 102 LEU A N   1 
ATOM   812  C CA  . LEU A 1 103 ? 3.628   -8.425  2.570   1.00 18.55 ? 102 LEU A CA  1 
ATOM   813  C C   . LEU A 1 103 ? 2.598   -8.506  3.668   1.00 19.65 ? 102 LEU A C   1 
ATOM   814  O O   . LEU A 1 103 ? 2.091   -9.601  4.041   1.00 18.41 ? 102 LEU A O   1 
ATOM   815  C CB  . LEU A 1 103 ? 3.060   -8.961  1.285   1.00 18.76 ? 102 LEU A CB  1 
ATOM   816  C CG  . LEU A 1 103 ? 1.801   -8.329  0.708   1.00 18.41 ? 102 LEU A CG  1 
ATOM   817  C CD1 . LEU A 1 103 ? 2.039   -6.870  0.338   1.00 19.16 ? 102 LEU A CD1 1 
ATOM   818  C CD2 . LEU A 1 103 ? 1.455   -9.126  -0.512  1.00 18.26 ? 102 LEU A CD2 1 
ATOM   819  N N   . VAL A 1 104 ? 2.296   -7.335  4.196   1.00 19.24 ? 103 VAL A N   1 
ATOM   820  C CA  . VAL A 1 104 ? 1.410   -7.234  5.337   1.00 18.68 ? 103 VAL A CA  1 
ATOM   821  C C   . VAL A 1 104 ? 0.041   -6.747  4.859   1.00 16.85 ? 103 VAL A C   1 
ATOM   822  O O   . VAL A 1 104 ? -0.114  -5.609  4.420   1.00 15.30 ? 103 VAL A O   1 
ATOM   823  C CB  . VAL A 1 104 ? 1.964   -6.284  6.396   1.00 18.96 ? 103 VAL A CB  1 
ATOM   824  C CG1 . VAL A 1 104 ? 1.000   -6.236  7.595   1.00 19.90 ? 103 VAL A CG1 1 
ATOM   825  C CG2 . VAL A 1 104 ? 3.371   -6.736  6.782   1.00 20.48 ? 103 VAL A CG2 1 
ATOM   826  N N   . ILE A 1 105 ? -0.942  -7.643  4.969   1.00 16.01 ? 104 ILE A N   1 
ATOM   827  C CA  . ILE A 1 105 ? -2.288  -7.373  4.513   1.00 15.62 ? 104 ILE A CA  1 
ATOM   828  C C   . ILE A 1 105 ? -3.229  -7.291  5.715   1.00 14.90 ? 104 ILE A C   1 
ATOM   829  O O   . ILE A 1 105 ? -3.102  -8.056  6.698   1.00 13.86 ? 104 ILE A O   1 
ATOM   830  C CB  . ILE A 1 105 ? -2.738  -8.484  3.569   1.00 15.77 ? 104 ILE A CB  1 
ATOM   831  C CG1 . ILE A 1 105 ? -1.808  -8.521  2.338   1.00 15.84 ? 104 ILE A CG1 1 
ATOM   832  C CG2 . ILE A 1 105 ? -4.228  -8.370  3.209   1.00 15.60 ? 104 ILE A CG2 1 
ATOM   833  C CD1 . ILE A 1 105 ? -1.540  -9.907  1.825   1.00 14.93 ? 104 ILE A CD1 1 
ATOM   834  N N   . ASN A 1 106 ? -4.163  -6.336  5.641   1.00 14.30 ? 105 ASN A N   1 
ATOM   835  C CA  . ASN A 1 106 ? -5.170  -6.158  6.683   1.00 14.52 ? 105 ASN A CA  1 
ATOM   836  C C   . ASN A 1 106 ? -6.547  -5.716  6.158   1.00 15.97 ? 105 ASN A C   1 
ATOM   837  O O   . ASN A 1 106 ? -6.828  -4.512  6.036   1.00 15.18 ? 105 ASN A O   1 
ATOM   838  C CB  . ASN A 1 106 ? -4.698  -5.209  7.774   1.00 13.57 ? 105 ASN A CB  1 
ATOM   839  C CG  . ASN A 1 106 ? -5.605  -5.251  8.993   1.00 13.32 ? 105 ASN A CG  1 
ATOM   840  O OD1 . ASN A 1 106 ? -6.134  -6.308  9.376   1.00 13.42 ? 105 ASN A OD1 1 
ATOM   841  N ND2 . ASN A 1 106 ? -5.772  -4.121  9.624   1.00 13.36 ? 105 ASN A ND2 1 
ATOM   842  N N   . THR A 1 107 ? -7.406  -6.710  5.948   1.00 16.29 ? 106 THR A N   1 
ATOM   843  C CA  . THR A 1 107 ? -8.749  -6.524  5.354   1.00 16.36 ? 106 THR A CA  1 
ATOM   844  C C   . THR A 1 107 ? -9.749  -7.238  6.278   1.00 17.18 ? 106 THR A C   1 
ATOM   845  O O   . THR A 1 107 ? -9.337  -8.105  7.037   1.00 15.66 ? 106 THR A O   1 
ATOM   846  C CB  . THR A 1 107 ? -8.696  -7.217  3.970   1.00 15.97 ? 106 THR A CB  1 
ATOM   847  O OG1 . THR A 1 107 ? -8.266  -6.295  2.942   1.00 16.17 ? 106 THR A OG1 1 
ATOM   848  C CG2 . THR A 1 107 ? -9.901  -7.869  3.631   1.00 15.00 ? 106 THR A CG2 1 
ATOM   849  N N   . GLU A 1 108 ? -11.056 -6.950  6.169   1.00 18.41 ? 107 GLU A N   1 
ATOM   850  C CA  . GLU A 1 108 ? -12.063 -7.714  6.933   1.00 20.14 ? 107 GLU A CA  1 
ATOM   851  C C   . GLU A 1 108 ? -11.998 -9.206  6.595   1.00 19.33 ? 107 GLU A C   1 
ATOM   852  O O   . GLU A 1 108 ? -12.180 -10.064 7.454   1.00 15.67 ? 107 GLU A O   1 
ATOM   853  C CB  . GLU A 1 108 ? -13.497 -7.198  6.623   1.00 21.91 ? 107 GLU A CB  1 
ATOM   854  C CG  . GLU A 1 108 ? -14.582 -8.079  7.209   1.00 24.35 ? 107 GLU A CG  1 
ATOM   855  C CD  . GLU A 1 108 ? -15.984 -7.603  6.950   1.00 24.79 ? 107 GLU A CD  1 
ATOM   856  O OE1 . GLU A 1 108 ? -16.205 -6.386  6.737   1.00 24.44 ? 107 GLU A OE1 1 
ATOM   857  O OE2 . GLU A 1 108 ? -16.868 -8.479  6.997   1.00 28.90 ? 107 GLU A OE2 1 
ATOM   858  N N   . HIS A 1 109 ? -11.800 -9.498  5.316   1.00 19.92 ? 108 HIS A N   1 
ATOM   859  C CA  . HIS A 1 109 ? -11.702 -10.855 4.828   1.00 20.72 ? 108 HIS A CA  1 
ATOM   860  C C   . HIS A 1 109 ? -10.333 -11.543 5.085   1.00 18.98 ? 108 HIS A C   1 
ATOM   861  O O   . HIS A 1 109 ? -10.271 -12.752 5.221   1.00 18.14 ? 108 HIS A O   1 
ATOM   862  C CB  . HIS A 1 109 ? -12.020 -10.871 3.327   1.00 24.32 ? 108 HIS A CB  1 
ATOM   863  C CG  . HIS A 1 109 ? -13.421 -10.445 3.001   1.00 27.24 ? 108 HIS A CG  1 
ATOM   864  N ND1 . HIS A 1 109 ? -14.496 -10.719 3.825   1.00 28.12 ? 108 HIS A ND1 1 
ATOM   865  C CD2 . HIS A 1 109 ? -13.930 -9.807  1.924   1.00 27.54 ? 108 HIS A CD2 1 
ATOM   866  C CE1 . HIS A 1 109 ? -15.606 -10.270 3.270   1.00 27.98 ? 108 HIS A CE1 1 
ATOM   867  N NE2 . HIS A 1 109 ? -15.291 -9.707  2.119   1.00 29.70 ? 108 HIS A NE2 1 
ATOM   868  N N   . MET A 1 110 ? -9.269  -10.761 5.179   1.00 17.73 ? 109 MET A N   1 
ATOM   869  C CA  . MET A 1 110 ? -7.871  -11.257 5.364   1.00 17.69 ? 109 MET A CA  1 
ATOM   870  C C   . MET A 1 110 ? -7.200  -10.381 6.443   1.00 16.19 ? 109 MET A C   1 
ATOM   871  O O   . MET A 1 110 ? -6.312  -9.560  6.167   1.00 16.43 ? 109 MET A O   1 
ATOM   872  C CB  . MET A 1 110 ? -7.114  -11.206 4.032   1.00 18.93 ? 109 MET A CB  1 
ATOM   873  C CG  . MET A 1 110 ? -7.510  -12.309 3.039   1.00 20.32 ? 109 MET A CG  1 
ATOM   874  S SD  . MET A 1 110 ? -6.556  -12.394 1.478   1.00 23.05 ? 109 MET A SD  1 
ATOM   875  C CE  . MET A 1 110 ? -7.667  -11.650 0.330   1.00 24.26 ? 109 MET A CE  1 
ATOM   876  N N   . PRO A 1 111 ? -7.654  -10.515 7.680   1.00 15.77 ? 110 PRO A N   1 
ATOM   877  C CA  . PRO A 1 111 ? -7.124  -9.680  8.758   1.00 16.69 ? 110 PRO A CA  1 
ATOM   878  C C   . PRO A 1 111 ? -5.736  -10.091 9.209   1.00 16.62 ? 110 PRO A C   1 
ATOM   879  O O   . PRO A 1 111 ? -5.448  -11.293 9.298   1.00 16.99 ? 110 PRO A O   1 
ATOM   880  C CB  . PRO A 1 111 ? -8.111  -9.930  9.895   1.00 16.92 ? 110 PRO A CB  1 
ATOM   881  C CG  . PRO A 1 111 ? -8.605  -11.330 9.653   1.00 16.47 ? 110 PRO A CG  1 
ATOM   882  C CD  . PRO A 1 111 ? -8.723  -11.415 8.153   1.00 16.25 ? 110 PRO A CD  1 
ATOM   883  N N   . SER A 1 112 ? -4.908  -9.088  9.518   1.00 17.40 ? 111 SER A N   1 
ATOM   884  C CA  . SER A 1 112 ? -3.581  -9.257  10.034  1.00 17.46 ? 111 SER A CA  1 
ATOM   885  C C   . SER A 1 112 ? -2.846  -10.436 9.395   1.00 17.54 ? 111 SER A C   1 
ATOM   886  O O   . SER A 1 112 ? -2.382  -11.336 10.095  1.00 18.33 ? 111 SER A O   1 
ATOM   887  C CB  . SER A 1 112 ? -3.658  -9.416  11.535  1.00 18.27 ? 111 SER A CB  1 
ATOM   888  O OG  . SER A 1 112 ? -4.317  -8.303  12.086  1.00 20.43 ? 111 SER A OG  1 
ATOM   889  N N   . MET A 1 113 ? -2.735  -10.412 8.063   1.00 18.56 ? 112 MET A N   1 
ATOM   890  C CA  . MET A 1 113 ? -2.205  -11.520 7.272   1.00 18.71 ? 112 MET A CA  1 
ATOM   891  C C   . MET A 1 113 ? -0.775  -11.214 6.810   1.00 20.05 ? 112 MET A C   1 
ATOM   892  O O   . MET A 1 113 ? -0.507  -10.174 6.222   1.00 20.05 ? 112 MET A O   1 
ATOM   893  C CB  . MET A 1 113 ? -3.082  -11.769 6.043   1.00 18.52 ? 112 MET A CB  1 
ATOM   894  C CG  . MET A 1 113 ? -2.587  -12.863 5.101   1.00 17.15 ? 112 MET A CG  1 
ATOM   895  S SD  . MET A 1 113 ? -3.677  -12.995 3.678   1.00 15.73 ? 112 MET A SD  1 
ATOM   896  C CE  . MET A 1 113 ? -3.116  -14.608 3.122   1.00 17.85 ? 112 MET A CE  1 
ATOM   897  N N   . PHE A 1 114 ? 0.115   -12.155 7.048   1.00 22.35 ? 113 PHE A N   1 
ATOM   898  C CA  . PHE A 1 114 ? 1.525   -12.023 6.641   1.00 23.44 ? 113 PHE A CA  1 
ATOM   899  C C   . PHE A 1 114 ? 1.855   -13.001 5.575   1.00 23.11 ? 113 PHE A C   1 
ATOM   900  O O   . PHE A 1 114 ? 1.814   -14.221 5.797   1.00 22.14 ? 113 PHE A O   1 
ATOM   901  C CB  . PHE A 1 114 ? 2.428   -12.350 7.790   1.00 26.11 ? 113 PHE A CB  1 
ATOM   902  C CG  . PHE A 1 114 ? 2.485   -11.294 8.809   1.00 31.63 ? 113 PHE A CG  1 
ATOM   903  C CD1 . PHE A 1 114 ? 3.678   -10.765 9.166   1.00 36.59 ? 113 PHE A CD1 1 
ATOM   904  C CD2 . PHE A 1 114 ? 1.325   -10.817 9.419   1.00 37.34 ? 113 PHE A CD2 1 
ATOM   905  C CE1 . PHE A 1 114 ? 3.737   -9.777  10.127  1.00 40.49 ? 113 PHE A CE1 1 
ATOM   906  C CE2 . PHE A 1 114 ? 1.378   -9.835  10.375  1.00 38.50 ? 113 PHE A CE2 1 
ATOM   907  C CZ  . PHE A 1 114 ? 2.590   -9.302  10.727  1.00 38.37 ? 113 PHE A CZ  1 
ATOM   908  N N   . VAL A 1 115 ? 2.271   -12.459 4.448   1.00 22.77 ? 114 VAL A N   1 
ATOM   909  C CA  . VAL A 1 115 ? 2.610   -13.260 3.304   1.00 23.38 ? 114 VAL A CA  1 
ATOM   910  C C   . VAL A 1 115 ? 4.074   -13.055 2.884   1.00 23.42 ? 114 VAL A C   1 
ATOM   911  O O   . VAL A 1 115 ? 4.461   -11.953 2.464   1.00 24.02 ? 114 VAL A O   1 
ATOM   912  C CB  . VAL A 1 115 ? 1.660   -12.900 2.183   1.00 22.38 ? 114 VAL A CB  1 
ATOM   913  C CG1 . VAL A 1 115 ? 2.068   -13.604 0.916   1.00 24.95 ? 114 VAL A CG1 1 
ATOM   914  C CG2 . VAL A 1 115 ? 0.252   -13.265 2.604   1.00 24.19 ? 114 VAL A CG2 1 
ATOM   915  N N   . PRO A 1 116 ? 4.902   -14.120 3.008   1.00 25.25 ? 115 PRO A N   1 
ATOM   916  C CA  . PRO A 1 116 ? 6.328   -14.087 2.755   1.00 22.87 ? 115 PRO A CA  1 
ATOM   917  C C   . PRO A 1 116 ? 6.628   -14.063 1.251   1.00 21.51 ? 115 PRO A C   1 
ATOM   918  O O   . PRO A 1 116 ? 6.793   -15.096 0.658   1.00 24.29 ? 115 PRO A O   1 
ATOM   919  C CB  . PRO A 1 116 ? 6.805   -15.406 3.379   1.00 23.55 ? 115 PRO A CB  1 
ATOM   920  C CG  . PRO A 1 116 ? 5.690   -16.347 3.134   1.00 26.06 ? 115 PRO A CG  1 
ATOM   921  C CD  . PRO A 1 116 ? 4.417   -15.518 2.989   1.00 26.03 ? 115 PRO A CD  1 
ATOM   922  N N   . VAL A 1 117 ? 6.679   -12.904 0.613   1.00 20.95 ? 116 VAL A N   1 
ATOM   923  C CA  . VAL A 1 117 ? 6.696   -12.908 -0.885  1.00 20.31 ? 116 VAL A CA  1 
ATOM   924  C C   . VAL A 1 117 ? 8.102   -13.089 -1.472  1.00 19.41 ? 116 VAL A C   1 
ATOM   925  O O   . VAL A 1 117 ? 8.231   -13.250 -2.643  1.00 17.37 ? 116 VAL A O   1 
ATOM   926  C CB  . VAL A 1 117 ? 6.069   -11.667 -1.521  1.00 19.85 ? 116 VAL A CB  1 
ATOM   927  C CG1 . VAL A 1 117 ? 4.564   -11.618 -1.269  1.00 18.81 ? 116 VAL A CG1 1 
ATOM   928  C CG2 . VAL A 1 117 ? 6.808   -10.396 -1.065  1.00 20.49 ? 116 VAL A CG2 1 
ATOM   929  N N   . GLY A 1 118 ? 9.140   -13.066 -0.643  1.00 20.06 ? 117 GLY A N   1 
ATOM   930  C CA  . GLY A 1 118 ? 10.495  -13.230 -1.128  1.00 20.74 ? 117 GLY A CA  1 
ATOM   931  C C   . GLY A 1 118 ? 11.106  -11.911 -1.584  1.00 23.44 ? 117 GLY A C   1 
ATOM   932  O O   . GLY A 1 118 ? 10.696  -10.821 -1.164  1.00 23.70 ? 117 GLY A O   1 
ATOM   933  N N   . ASP A 1 119 ? 12.108  -12.002 -2.450  1.00 21.34 ? 118 ASP A N   1 
ATOM   934  C CA  . ASP A 1 119 ? 12.839  -10.819 -2.824  1.00 19.95 ? 118 ASP A CA  1 
ATOM   935  C C   . ASP A 1 119 ? 11.954  -9.979  -3.725  1.00 18.89 ? 118 ASP A C   1 
ATOM   936  O O   . ASP A 1 119 ? 11.192  -10.491 -4.534  1.00 17.78 ? 118 ASP A O   1 
ATOM   937  C CB  . ASP A 1 119 ? 14.115  -11.144 -3.587  1.00 20.69 ? 118 ASP A CB  1 
ATOM   938  C CG  . ASP A 1 119 ? 15.081  -12.054 -2.838  1.00 21.64 ? 118 ASP A CG  1 
ATOM   939  O OD1 . ASP A 1 119 ? 15.039  -12.187 -1.618  1.00 20.73 ? 118 ASP A OD1 1 
ATOM   940  O OD2 . ASP A 1 119 ? 15.942  -12.609 -3.535  1.00 22.57 ? 118 ASP A OD2 1 
ATOM   941  N N   . VAL A 1 120 ? 12.138  -8.681  -3.629  1.00 17.43 ? 119 VAL A N   1 
ATOM   942  C CA  . VAL A 1 120 ? 11.389  -7.702  -4.410  1.00 18.38 ? 119 VAL A CA  1 
ATOM   943  C C   . VAL A 1 120 ? 12.321  -7.000  -5.388  1.00 18.52 ? 119 VAL A C   1 
ATOM   944  O O   . VAL A 1 120 ? 13.275  -6.308  -4.972  1.00 19.54 ? 119 VAL A O   1 
ATOM   945  C CB  . VAL A 1 120 ? 10.779  -6.667  -3.424  1.00 16.95 ? 119 VAL A CB  1 
ATOM   946  C CG1 . VAL A 1 120 ? 10.186  -5.478  -4.164  1.00 16.88 ? 119 VAL A CG1 1 
ATOM   947  C CG2 . VAL A 1 120 ? 9.752   -7.374  -2.507  1.00 17.25 ? 119 VAL A CG2 1 
ATOM   948  N N   . VAL A 1 121 ? 12.087  -7.154  -6.678  1.00 19.06 ? 120 VAL A N   1 
ATOM   949  C CA  . VAL A 1 121 ? 13.030  -6.624  -7.678  1.00 21.91 ? 120 VAL A CA  1 
ATOM   950  C C   . VAL A 1 121 ? 12.421  -5.481  -8.506  1.00 23.66 ? 120 VAL A C   1 
ATOM   951  O O   . VAL A 1 121 ? 11.191  -5.355  -8.588  1.00 23.24 ? 120 VAL A O   1 
ATOM   952  C CB  . VAL A 1 121 ? 13.521  -7.721  -8.664  1.00 22.00 ? 120 VAL A CB  1 
ATOM   953  C CG1 . VAL A 1 121 ? 14.215  -8.851  -7.926  1.00 22.55 ? 120 VAL A CG1 1 
ATOM   954  C CG2 . VAL A 1 121 ? 12.372  -8.251  -9.507  1.00 20.49 ? 120 VAL A CG2 1 
ATOM   955  N N   . GLN A 1 122 ? 13.265  -4.686  -9.171  1.00 25.41 ? 121 GLN A N   1 
ATOM   956  C CA  . GLN A 1 122 ? 12.725  -3.602  -10.030 1.00 26.56 ? 121 GLN A CA  1 
ATOM   957  C C   . GLN A 1 122 ? 11.965  -4.229  -11.140 1.00 24.99 ? 121 GLN A C   1 
ATOM   958  O O   . GLN A 1 122 ? 12.409  -5.211  -11.680 1.00 25.56 ? 121 GLN A O   1 
ATOM   959  C CB  . GLN A 1 122 ? 13.821  -2.727  -10.647 1.00 29.29 ? 121 GLN A CB  1 
ATOM   960  C CG  . GLN A 1 122 ? 14.739  -2.073  -9.631  1.00 31.59 ? 121 GLN A CG  1 
ATOM   961  C CD  . GLN A 1 122 ? 14.018  -1.118  -8.665  1.00 35.38 ? 121 GLN A CD  1 
ATOM   962  O OE1 . GLN A 1 122 ? 12.782  -0.949  -8.692  1.00 33.95 ? 121 GLN A OE1 1 
ATOM   963  N NE2 . GLN A 1 122 ? 14.800  -0.478  -7.812  1.00 37.51 ? 121 GLN A NE2 1 
ATOM   964  N N   . TYR A 1 123 ? 10.816  -3.675  -11.480 1.00 24.58 ? 122 TYR A N   1 
ATOM   965  C CA  . TYR A 1 123 ? 10.058  -4.193  -12.616 1.00 25.42 ? 122 TYR A CA  1 
ATOM   966  C C   . TYR A 1 123 ? 9.791   -3.068  -13.586 1.00 25.42 ? 122 TYR A C   1 
ATOM   967  O O   . TYR A 1 123 ? 10.057  -3.225  -14.759 1.00 24.15 ? 122 TYR A O   1 
ATOM   968  C CB  . TYR A 1 123 ? 8.777   -4.903  -12.206 1.00 25.10 ? 122 TYR A CB  1 
ATOM   969  C CG  . TYR A 1 123 ? 8.182   -5.859  -13.273 1.00 25.40 ? 122 TYR A CG  1 
ATOM   970  C CD1 . TYR A 1 123 ? 8.763   -7.100  -13.539 1.00 26.08 ? 122 TYR A CD1 1 
ATOM   971  C CD2 . TYR A 1 123 ? 7.058   -5.515  -13.995 1.00 25.51 ? 122 TYR A CD2 1 
ATOM   972  C CE1 . TYR A 1 123 ? 8.233   -7.966  -14.496 1.00 26.04 ? 122 TYR A CE1 1 
ATOM   973  C CE2 . TYR A 1 123 ? 6.506   -6.381  -14.948 1.00 26.72 ? 122 TYR A CE2 1 
ATOM   974  C CZ  . TYR A 1 123 ? 7.099   -7.597  -15.185 1.00 25.58 ? 122 TYR A CZ  1 
ATOM   975  O OH  . TYR A 1 123 ? 6.566   -8.427  -16.138 1.00 27.91 ? 122 TYR A OH  1 
ATOM   976  N N   . GLY A 1 124 ? 9.292   -1.923  -13.122 1.00 25.77 ? 123 GLY A N   1 
ATOM   977  C CA  . GLY A 1 124 ? 9.055   -0.766  -14.021 1.00 23.33 ? 123 GLY A CA  1 
ATOM   978  C C   . GLY A 1 124 ? 7.643   -0.713  -14.581 1.00 24.47 ? 123 GLY A C   1 
ATOM   979  O O   . GLY A 1 124 ? 6.641   -0.523  -13.823 1.00 22.87 ? 123 GLY A O   1 
ATOM   980  N N   . PHE A 1 125 ? 7.535   -0.918  -15.895 1.00 21.40 ? 124 PHE A N   1 
ATOM   981  C CA  . PHE A 1 125 ? 6.266   -0.964  -16.578 1.00 20.44 ? 124 PHE A CA  1 
ATOM   982  C C   . PHE A 1 125 ? 5.394   -2.188  -16.270 1.00 21.92 ? 124 PHE A C   1 
ATOM   983  O O   . PHE A 1 125 ? 5.885   -3.338  -16.266 1.00 23.98 ? 124 PHE A O   1 
ATOM   984  C CB  . PHE A 1 125 ? 6.511   -0.891  -18.097 1.00 22.59 ? 124 PHE A CB  1 
ATOM   985  C CG  . PHE A 1 125 ? 5.254   -0.892  -18.880 1.00 21.86 ? 124 PHE A CG  1 
ATOM   986  C CD1 . PHE A 1 125 ? 4.709   0.299   -19.291 1.00 21.61 ? 124 PHE A CD1 1 
ATOM   987  C CD2 . PHE A 1 125 ? 4.562   -2.087  -19.115 1.00 21.64 ? 124 PHE A CD2 1 
ATOM   988  C CE1 . PHE A 1 125 ? 3.524   0.320   -19.965 1.00 23.33 ? 124 PHE A CE1 1 
ATOM   989  C CE2 . PHE A 1 125 ? 3.380   -2.074  -19.796 1.00 22.67 ? 124 PHE A CE2 1 
ATOM   990  C CZ  . PHE A 1 125 ? 2.855   -0.860  -20.225 1.00 24.56 ? 124 PHE A CZ  1 
ATOM   991  N N   . LEU A 1 126 ? 4.091   -1.964  -16.054 1.00 20.82 ? 125 LEU A N   1 
ATOM   992  C CA  . LEU A 1 126 ? 3.139   -3.062  -15.929 1.00 22.30 ? 125 LEU A CA  1 
ATOM   993  C C   . LEU A 1 126 ? 1.845   -2.726  -16.622 1.00 22.70 ? 125 LEU A C   1 
ATOM   994  O O   . LEU A 1 126 ? 1.411   -1.605  -16.499 1.00 25.26 ? 125 LEU A O   1 
ATOM   995  C CB  . LEU A 1 126 ? 2.894   -3.388  -14.456 1.00 22.78 ? 125 LEU A CB  1 
ATOM   996  C CG  . LEU A 1 126 ? 2.072   -4.623  -14.103 1.00 24.00 ? 125 LEU A CG  1 
ATOM   997  C CD1 . LEU A 1 126 ? 2.828   -5.916  -14.423 1.00 25.02 ? 125 LEU A CD1 1 
ATOM   998  C CD2 . LEU A 1 126 ? 1.665   -4.565  -12.618 1.00 25.04 ? 125 LEU A CD2 1 
ATOM   999  N N   . ASN A 1 127 ? 1.264   -3.663  -17.387 1.00 24.67 ? 126 ASN A N   1 
ATOM   1000 C CA  . ASN A 1 127 ? -0.112  -3.505  -17.885 1.00 29.28 ? 126 ASN A CA  1 
ATOM   1001 C C   . ASN A 1 127 ? -1.156  -4.035  -16.904 1.00 31.81 ? 126 ASN A C   1 
ATOM   1002 O O   . ASN A 1 127 ? -1.320  -5.239  -16.724 1.00 31.77 ? 126 ASN A O   1 
ATOM   1003 C CB  . ASN A 1 127 ? -0.349  -4.166  -19.251 1.00 30.25 ? 126 ASN A CB  1 
ATOM   1004 C CG  . ASN A 1 127 ? -1.493  -3.531  -19.984 1.00 31.36 ? 126 ASN A CG  1 
ATOM   1005 O OD1 . ASN A 1 127 ? -1.332  -3.129  -21.128 1.00 43.39 ? 126 ASN A OD1 1 
ATOM   1006 N ND2 . ASN A 1 127 ? -2.630  -3.338  -19.308 1.00 31.49 ? 126 ASN A ND2 1 
ATOM   1007 N N   . LEU A 1 128 ? -1.895  -3.113  -16.308 1.00 35.00 ? 127 LEU A N   1 
ATOM   1008 C CA  . LEU A 1 128 ? -2.780  -3.410  -15.213 1.00 34.76 ? 127 LEU A CA  1 
ATOM   1009 C C   . LEU A 1 128 ? -4.221  -3.386  -15.711 1.00 35.18 ? 127 LEU A C   1 
ATOM   1010 O O   . LEU A 1 128 ? -4.880  -2.345  -15.674 1.00 31.69 ? 127 LEU A O   1 
ATOM   1011 C CB  . LEU A 1 128 ? -2.544  -2.352  -14.143 1.00 35.90 ? 127 LEU A CB  1 
ATOM   1012 C CG  . LEU A 1 128 ? -3.297  -2.429  -12.817 1.00 38.98 ? 127 LEU A CG  1 
ATOM   1013 C CD1 . LEU A 1 128 ? -2.698  -3.469  -11.853 1.00 40.54 ? 127 LEU A CD1 1 
ATOM   1014 C CD2 . LEU A 1 128 ? -3.266  -1.030  -12.210 1.00 38.54 ? 127 LEU A CD2 1 
ATOM   1015 N N   . SER A 1 129 ? -4.690  -4.534  -16.194 1.00 38.14 ? 128 SER A N   1 
ATOM   1016 C CA  . SER A 1 129 ? -6.059  -4.684  -16.645 1.00 38.62 ? 128 SER A CA  1 
ATOM   1017 C C   . SER A 1 129 ? -6.385  -3.565  -17.623 1.00 37.68 ? 128 SER A C   1 
ATOM   1018 O O   . SER A 1 129 ? -7.331  -2.798  -17.452 1.00 39.41 ? 128 SER A O   1 
ATOM   1019 C CB  . SER A 1 129 ? -6.985  -4.655  -15.444 1.00 41.01 ? 128 SER A CB  1 
ATOM   1020 O OG  . SER A 1 129 ? -6.598  -5.649  -14.516 1.00 42.89 ? 128 SER A OG  1 
ATOM   1021 N N   . GLY A 1 130 ? -5.558  -3.469  -18.648 1.00 37.91 ? 129 GLY A N   1 
ATOM   1022 C CA  . GLY A 1 130 ? -5.670  -2.403  -19.629 1.00 37.75 ? 129 GLY A CA  1 
ATOM   1023 C C   . GLY A 1 130 ? -4.912  -1.111  -19.340 1.00 39.76 ? 129 GLY A C   1 
ATOM   1024 O O   . GLY A 1 130 ? -4.655  -0.353  -20.257 1.00 40.16 ? 129 GLY A O   1 
ATOM   1025 N N   . LYS A 1 131 ? -4.548  -0.835  -18.092 1.00 38.30 ? 130 LYS A N   1 
ATOM   1026 C CA  . LYS A 1 131 ? -3.953  0.459   -17.745 1.00 35.98 ? 130 LYS A CA  1 
ATOM   1027 C C   . LYS A 1 131 ? -2.436  0.340   -17.638 1.00 34.39 ? 130 LYS A C   1 
ATOM   1028 O O   . LYS A 1 131 ? -1.924  -0.434  -16.849 1.00 33.88 ? 130 LYS A O   1 
ATOM   1029 C CB  . LYS A 1 131 ? -4.550  0.958   -16.430 1.00 39.05 ? 130 LYS A CB  1 
ATOM   1030 C CG  . LYS A 1 131 ? -4.125  2.349   -15.979 1.00 40.89 ? 130 LYS A CG  1 
ATOM   1031 C CD  . LYS A 1 131 ? -5.157  3.410   -16.343 1.00 45.29 ? 130 LYS A CD  1 
ATOM   1032 C CE  . LYS A 1 131 ? -5.379  4.389   -15.202 1.00 45.64 ? 130 LYS A CE  1 
ATOM   1033 N NZ  . LYS A 1 131 ? -5.601  5.766   -15.703 1.00 47.91 ? 130 LYS A NZ  1 
ATOM   1034 N N   . PRO A 1 132 ? -1.696  1.111   -18.444 1.00 33.76 ? 131 PRO A N   1 
ATOM   1035 C CA  . PRO A 1 132 ? -0.245  1.105   -18.313 1.00 30.19 ? 131 PRO A CA  1 
ATOM   1036 C C   . PRO A 1 132 ? 0.174   1.825   -17.023 1.00 28.81 ? 131 PRO A C   1 
ATOM   1037 O O   . PRO A 1 132 ? -0.422  2.837   -16.649 1.00 26.98 ? 131 PRO A O   1 
ATOM   1038 C CB  . PRO A 1 132 ? 0.230   1.876   -19.544 1.00 31.87 ? 131 PRO A CB  1 
ATOM   1039 C CG  . PRO A 1 132 ? -1.000  2.343   -20.257 1.00 32.47 ? 131 PRO A CG  1 
ATOM   1040 C CD  . PRO A 1 132 ? -2.151  2.188   -19.332 1.00 33.32 ? 131 PRO A CD  1 
ATOM   1041 N N   . THR A 1 133 ? 1.187   1.294   -16.352 1.00 24.70 ? 132 THR A N   1 
ATOM   1042 C CA  . THR A 1 133 ? 1.478   1.703   -14.984 1.00 21.94 ? 132 THR A CA  1 
ATOM   1043 C C   . THR A 1 133 ? 2.990   1.664   -14.838 1.00 19.50 ? 132 THR A C   1 
ATOM   1044 O O   . THR A 1 133 ? 3.631   0.695   -15.242 1.00 19.34 ? 132 THR A O   1 
ATOM   1045 C CB  . THR A 1 133 ? 0.845   0.715   -13.983 1.00 21.01 ? 132 THR A CB  1 
ATOM   1046 O OG1 . THR A 1 133 ? -0.597  0.743   -14.113 1.00 20.42 ? 132 THR A OG1 1 
ATOM   1047 C CG2 . THR A 1 133 ? 1.246   1.066   -12.539 1.00 21.36 ? 132 THR A CG2 1 
ATOM   1048 N N   . HIS A 1 134 ? 3.546   2.704   -14.268 1.00 17.07 ? 133 HIS A N   1 
ATOM   1049 C CA  . HIS A 1 134 ? 4.974   2.793   -14.102 1.00 16.76 ? 133 HIS A CA  1 
ATOM   1050 C C   . HIS A 1 134 ? 5.411   2.634   -12.680 1.00 15.66 ? 133 HIS A C   1 
ATOM   1051 O O   . HIS A 1 134 ? 4.614   2.707   -11.737 1.00 16.11 ? 133 HIS A O   1 
ATOM   1052 C CB  . HIS A 1 134 ? 5.477   4.126   -14.626 1.00 18.63 ? 133 HIS A CB  1 
ATOM   1053 C CG  . HIS A 1 134 ? 5.523   4.215   -16.107 1.00 20.07 ? 133 HIS A CG  1 
ATOM   1054 N ND1 . HIS A 1 134 ? 5.744   5.401   -16.766 1.00 24.05 ? 133 HIS A ND1 1 
ATOM   1055 C CD2 . HIS A 1 134 ? 5.319   3.287   -17.065 1.00 21.95 ? 133 HIS A CD2 1 
ATOM   1056 C CE1 . HIS A 1 134 ? 5.706   5.189   -18.069 1.00 21.92 ? 133 HIS A CE1 1 
ATOM   1057 N NE2 . HIS A 1 134 ? 5.451   3.915   -18.271 1.00 20.44 ? 133 HIS A NE2 1 
ATOM   1058 N N   . ARG A 1 135 ? 6.712   2.411   -12.514 1.00 16.74 ? 134 ARG A N   1 
ATOM   1059 C CA  . ARG A 1 135 ? 7.346   2.468   -11.195 1.00 15.94 ? 134 ARG A CA  1 
ATOM   1060 C C   . ARG A 1 135 ? 6.931   1.315   -10.258 1.00 16.97 ? 134 ARG A C   1 
ATOM   1061 O O   . ARG A 1 135 ? 6.844   1.474   -9.020  1.00 17.00 ? 134 ARG A O   1 
ATOM   1062 C CB  . ARG A 1 135 ? 7.117   3.840   -10.513 1.00 16.23 ? 134 ARG A CB  1 
ATOM   1063 C CG  . ARG A 1 135 ? 7.669   5.048   -11.219 1.00 15.39 ? 134 ARG A CG  1 
ATOM   1064 C CD  . ARG A 1 135 ? 7.635   6.263   -10.320 1.00 16.27 ? 134 ARG A CD  1 
ATOM   1065 N NE  . ARG A 1 135 ? 8.006   7.478   -11.048 1.00 16.75 ? 134 ARG A NE  1 
ATOM   1066 C CZ  . ARG A 1 135 ? 7.950   8.723   -10.559 1.00 18.42 ? 134 ARG A CZ  1 
ATOM   1067 N NH1 . ARG A 1 135 ? 7.545   8.960   -9.325  1.00 18.83 ? 134 ARG A NH1 1 
ATOM   1068 N NH2 . ARG A 1 135 ? 8.295   9.746   -11.330 1.00 17.57 ? 134 ARG A NH2 1 
ATOM   1069 N N   . THR A 1 136 ? 6.759   0.132   -10.834 1.00 17.91 ? 135 THR A N   1 
ATOM   1070 C CA  . THR A 1 136 ? 6.302   -1.030  -10.069 1.00 16.99 ? 135 THR A CA  1 
ATOM   1071 C C   . THR A 1 136 ? 7.477   -1.901  -9.783  1.00 18.71 ? 135 THR A C   1 
ATOM   1072 O O   . THR A 1 136 ? 8.514   -1.778  -10.422 1.00 18.97 ? 135 THR A O   1 
ATOM   1073 C CB  . THR A 1 136 ? 5.266   -1.886  -10.836 1.00 16.44 ? 135 THR A CB  1 
ATOM   1074 O OG1 . THR A 1 136 ? 5.862   -2.573  -11.979 1.00 14.22 ? 135 THR A OG1 1 
ATOM   1075 C CG2 . THR A 1 136 ? 4.058   -1.021  -11.252 1.00 15.04 ? 135 THR A CG2 1 
ATOM   1076 N N   . MET A 1 137 ? 7.304   -2.781  -8.800  1.00 19.14 ? 136 MET A N   1 
ATOM   1077 C CA  . MET A 1 137 ? 8.277   -3.795  -8.515  1.00 20.39 ? 136 MET A CA  1 
ATOM   1078 C C   . MET A 1 137 ? 7.567   -5.116  -8.441  1.00 18.63 ? 136 MET A C   1 
ATOM   1079 O O   . MET A 1 137 ? 6.363   -5.159  -8.294  1.00 21.39 ? 136 MET A O   1 
ATOM   1080 C CB  . MET A 1 137 ? 9.061   -3.481  -7.215  1.00 20.74 ? 136 MET A CB  1 
ATOM   1081 C CG  . MET A 1 137 ? 10.069  -2.352  -7.387  1.00 23.29 ? 136 MET A CG  1 
ATOM   1082 S SD  . MET A 1 137 ? 11.027  -2.028  -5.891  1.00 23.03 ? 136 MET A SD  1 
ATOM   1083 C CE  . MET A 1 137 ? 9.756   -1.588  -4.688  1.00 23.37 ? 136 MET A CE  1 
ATOM   1084 N N   . MET A 1 138 ? 8.331   -6.198  -8.492  1.00 18.11 ? 137 MET A N   1 
ATOM   1085 C CA  . MET A 1 138 ? 7.766   -7.538  -8.621  1.00 17.99 ? 137 MET A CA  1 
ATOM   1086 C C   . MET A 1 138 ? 8.358   -8.503  -7.584  1.00 18.95 ? 137 MET A C   1 
ATOM   1087 O O   . MET A 1 138 ? 9.525   -8.345  -7.128  1.00 16.44 ? 137 MET A O   1 
ATOM   1088 C CB  . MET A 1 138 ? 8.019   -8.063  -10.075 1.00 19.74 ? 137 MET A CB  1 
ATOM   1089 C CG  . MET A 1 138 ? 7.657   -9.536  -10.322 1.00 20.31 ? 137 MET A CG  1 
ATOM   1090 S SD  . MET A 1 138 ? 8.860   -10.771 -9.766  1.00 23.74 ? 137 MET A SD  1 
ATOM   1091 C CE  . MET A 1 138 ? 9.942   -10.768 -11.207 1.00 24.57 ? 137 MET A CE  1 
ATOM   1092 N N   . TYR A 1 139 ? 7.548   -9.482  -7.176  1.00 17.40 ? 138 TYR A N   1 
ATOM   1093 C CA  . TYR A 1 139 ? 7.982   -10.574 -6.300  1.00 18.25 ? 138 TYR A CA  1 
ATOM   1094 C C   . TYR A 1 139 ? 7.412   -11.837 -6.898  1.00 19.07 ? 138 TYR A C   1 
ATOM   1095 O O   . TYR A 1 139 ? 6.252   -11.831 -7.351  1.00 17.24 ? 138 TYR A O   1 
ATOM   1096 C CB  . TYR A 1 139 ? 7.503   -10.377 -4.843  1.00 18.52 ? 138 TYR A CB  1 
ATOM   1097 C CG  . TYR A 1 139 ? 6.371   -9.351  -4.669  1.00 19.19 ? 138 TYR A CG  1 
ATOM   1098 C CD1 . TYR A 1 139 ? 5.061   -9.759  -4.499  1.00 18.01 ? 138 TYR A CD1 1 
ATOM   1099 C CD2 . TYR A 1 139 ? 6.626   -7.976  -4.672  1.00 19.69 ? 138 TYR A CD2 1 
ATOM   1100 C CE1 . TYR A 1 139 ? 4.050   -8.842  -4.345  1.00 18.47 ? 138 TYR A CE1 1 
ATOM   1101 C CE2 . TYR A 1 139 ? 5.608   -7.062  -4.506  1.00 18.57 ? 138 TYR A CE2 1 
ATOM   1102 C CZ  . TYR A 1 139 ? 4.325   -7.500  -4.359  1.00 18.45 ? 138 TYR A CZ  1 
ATOM   1103 O OH  . TYR A 1 139 ? 3.333   -6.593  -4.186  1.00 16.02 ? 138 TYR A OH  1 
ATOM   1104 N N   . ASN A 1 140 ? 8.193   -12.918 -6.971  1.00 20.81 ? 139 ASN A N   1 
ATOM   1105 C CA  . ASN A 1 140 ? 7.641   -14.143 -7.563  1.00 22.10 ? 139 ASN A CA  1 
ATOM   1106 C C   . ASN A 1 140 ? 6.776   -14.903 -6.505  1.00 22.11 ? 139 ASN A C   1 
ATOM   1107 O O   . ASN A 1 140 ? 7.186   -15.905 -5.922  1.00 20.71 ? 139 ASN A O   1 
ATOM   1108 C CB  . ASN A 1 140 ? 8.753   -14.997 -8.238  1.00 24.29 ? 139 ASN A CB  1 
ATOM   1109 C CG  . ASN A 1 140 ? 9.316   -14.349 -9.538  1.00 26.71 ? 139 ASN A CG  1 
ATOM   1110 O OD1 . ASN A 1 140 ? 10.487  -13.961 -9.604  1.00 27.39 ? 139 ASN A OD1 1 
ATOM   1111 N ND2 . ASN A 1 140 ? 8.484   -14.234 -10.576 1.00 24.94 ? 139 ASN A ND2 1 
ATOM   1112 N N   . PHE A 1 141 ? 5.579   -14.390 -6.239  1.00 21.32 ? 140 PHE A N   1 
ATOM   1113 C CA  . PHE A 1 141 ? 4.630   -15.054 -5.343  1.00 21.30 ? 140 PHE A CA  1 
ATOM   1114 C C   . PHE A 1 141 ? 3.260   -14.981 -5.994  1.00 21.27 ? 140 PHE A C   1 
ATOM   1115 O O   . PHE A 1 141 ? 2.951   -13.999 -6.620  1.00 20.91 ? 140 PHE A O   1 
ATOM   1116 C CB  . PHE A 1 141 ? 4.607   -14.388 -3.950  1.00 21.96 ? 140 PHE A CB  1 
ATOM   1117 C CG  . PHE A 1 141 ? 3.871   -15.190 -2.890  1.00 22.62 ? 140 PHE A CG  1 
ATOM   1118 C CD1 . PHE A 1 141 ? 4.562   -16.065 -2.066  1.00 22.05 ? 140 PHE A CD1 1 
ATOM   1119 C CD2 . PHE A 1 141 ? 2.495   -15.048 -2.705  1.00 22.22 ? 140 PHE A CD2 1 
ATOM   1120 C CE1 . PHE A 1 141 ? 3.911   -16.771 -1.061  1.00 22.81 ? 140 PHE A CE1 1 
ATOM   1121 C CE2 . PHE A 1 141 ? 1.836   -15.790 -1.746  1.00 21.29 ? 140 PHE A CE2 1 
ATOM   1122 C CZ  . PHE A 1 141 ? 2.549   -16.649 -0.909  1.00 21.34 ? 140 PHE A CZ  1 
ATOM   1123 N N   . PRO A 1 142 ? 2.441   -16.026 -5.850  1.00 18.35 ? 141 PRO A N   1 
ATOM   1124 C CA  . PRO A 1 142 ? 1.152   -15.979 -6.528  1.00 18.01 ? 141 PRO A CA  1 
ATOM   1125 C C   . PRO A 1 142 ? 0.101   -15.283 -5.676  1.00 16.98 ? 141 PRO A C   1 
ATOM   1126 O O   . PRO A 1 142 ? -0.751  -15.926 -5.114  1.00 15.61 ? 141 PRO A O   1 
ATOM   1127 C CB  . PRO A 1 142 ? 0.844   -17.456 -6.767  1.00 18.87 ? 141 PRO A CB  1 
ATOM   1128 C CG  . PRO A 1 142 ? 1.571   -18.174 -5.670  1.00 19.44 ? 141 PRO A CG  1 
ATOM   1129 C CD  . PRO A 1 142 ? 2.823   -17.381 -5.455  1.00 18.89 ? 141 PRO A CD  1 
ATOM   1130 N N   . THR A 1 143 ? 0.185   -13.952 -5.610  1.00 17.30 ? 142 THR A N   1 
ATOM   1131 C CA  . THR A 1 143 ? -0.756  -13.111 -4.885  1.00 18.01 ? 142 THR A CA  1 
ATOM   1132 C C   . THR A 1 143 ? -2.142  -13.219 -5.528  1.00 20.97 ? 142 THR A C   1 
ATOM   1133 O O   . THR A 1 143 ? -2.281  -13.661 -6.686  1.00 17.34 ? 142 THR A O   1 
ATOM   1134 C CB  . THR A 1 143 ? -0.277  -11.637 -4.852  1.00 19.49 ? 142 THR A CB  1 
ATOM   1135 O OG1 . THR A 1 143 ? 0.147   -11.205 -6.157  1.00 18.20 ? 142 THR A OG1 1 
ATOM   1136 C CG2 . THR A 1 143 ? 0.959   -11.501 -3.933  1.00 18.20 ? 142 THR A CG2 1 
ATOM   1137 N N   . LYS A 1 144 ? -3.158  -12.819 -4.760  1.00 22.20 ? 143 LYS A N   1 
ATOM   1138 C CA  . LYS A 1 144 ? -4.512  -13.009 -5.187  1.00 24.20 ? 143 LYS A CA  1 
ATOM   1139 C C   . LYS A 1 144 ? -5.388  -11.812 -4.927  1.00 22.44 ? 143 LYS A C   1 
ATOM   1140 O O   . LYS A 1 144 ? -5.000  -10.860 -4.260  1.00 19.32 ? 143 LYS A O   1 
ATOM   1141 C CB  . LYS A 1 144 ? -5.088  -14.228 -4.472  1.00 27.78 ? 143 LYS A CB  1 
ATOM   1142 C CG  . LYS A 1 144 ? -5.090  -14.142 -2.964  1.00 29.67 ? 143 LYS A CG  1 
ATOM   1143 C CD  . LYS A 1 144 ? -5.422  -15.519 -2.397  1.00 33.52 ? 143 LYS A CD  1 
ATOM   1144 C CE  . LYS A 1 144 ? -6.870  -15.675 -1.982  1.00 36.78 ? 143 LYS A CE  1 
ATOM   1145 N NZ  . LYS A 1 144 ? -6.976  -15.600 -0.487  1.00 42.89 ? 143 LYS A NZ  1 
ATOM   1146 N N   . ALA A 1 145 ? -6.587  -11.891 -5.501  1.00 21.41 ? 144 ALA A N   1 
ATOM   1147 C CA  . ALA A 1 145 ? -7.601  -10.901 -5.288  1.00 20.64 ? 144 ALA A CA  1 
ATOM   1148 C C   . ALA A 1 145 ? -7.763  -10.724 -3.771  1.00 18.91 ? 144 ALA A C   1 
ATOM   1149 O O   . ALA A 1 145 ? -7.705  -11.707 -2.987  1.00 18.36 ? 144 ALA A O   1 
ATOM   1150 C CB  . ALA A 1 145 ? -8.947  -11.350 -5.936  1.00 21.21 ? 144 ALA A CB  1 
ATOM   1151 N N   . GLY A 1 146 ? -7.984  -9.474  -3.375  1.00 16.30 ? 145 GLY A N   1 
ATOM   1152 C CA  . GLY A 1 146 ? -8.262  -9.153  -2.010  1.00 16.37 ? 145 GLY A CA  1 
ATOM   1153 C C   . GLY A 1 146 ? -7.047  -8.603  -1.315  1.00 17.03 ? 145 GLY A C   1 
ATOM   1154 O O   . GLY A 1 146 ? -7.189  -8.112  -0.214  1.00 17.06 ? 145 GLY A O   1 
ATOM   1155 N N   . GLN A 1 147 ? -5.851  -8.690  -1.941  1.00 15.97 ? 146 GLN A N   1 
ATOM   1156 C CA  . GLN A 1 147 ? -4.634  -8.351  -1.242  1.00 17.52 ? 146 GLN A CA  1 
ATOM   1157 C C   . GLN A 1 147 ? -4.078  -6.980  -1.662  1.00 17.30 ? 146 GLN A C   1 
ATOM   1158 O O   . GLN A 1 147 ? -2.992  -6.592  -1.250  1.00 19.33 ? 146 GLN A O   1 
ATOM   1159 C CB  . GLN A 1 147 ? -3.582  -9.464  -1.450  1.00 16.08 ? 146 GLN A CB  1 
ATOM   1160 C CG  . GLN A 1 147 ? -4.058  -10.765 -0.879  1.00 15.96 ? 146 GLN A CG  1 
ATOM   1161 C CD  . GLN A 1 147 ? -3.043  -11.901 -0.975  1.00 16.11 ? 146 GLN A CD  1 
ATOM   1162 O OE1 . GLN A 1 147 ? -2.318  -12.034 -1.955  1.00 15.08 ? 146 GLN A OE1 1 
ATOM   1163 N NE2 . GLN A 1 147 ? -3.006  -12.741 0.059   1.00 16.07 ? 146 GLN A NE2 1 
ATOM   1164 N N   . CYS A 1 148 ? -4.840  -6.246  -2.453  1.00 17.16 ? 147 CYS A N   1 
ATOM   1165 C CA  . CYS A 1 148 ? -4.409  -4.939  -2.933  1.00 18.27 ? 147 CYS A CA  1 
ATOM   1166 C C   . CYS A 1 148 ? -4.374  -3.936  -1.770  1.00 17.18 ? 147 CYS A C   1 
ATOM   1167 O O   . CYS A 1 148 ? -5.232  -3.941  -0.900  1.00 16.83 ? 147 CYS A O   1 
ATOM   1168 C CB  . CYS A 1 148 ? -5.306  -4.430  -4.050  1.00 17.69 ? 147 CYS A CB  1 
ATOM   1169 S SG  . CYS A 1 148 ? -4.896  -5.198  -5.597  1.00 20.37 ? 147 CYS A SG  1 
ATOM   1170 N N   . GLY A 1 149 ? -3.343  -3.138  -1.754  1.00 16.06 ? 148 GLY A N   1 
ATOM   1171 C CA  . GLY A 1 149 ? -3.135  -2.227  -0.672  1.00 15.94 ? 148 GLY A CA  1 
ATOM   1172 C C   . GLY A 1 149 ? -2.195  -2.765  0.363   1.00 15.19 ? 148 GLY A C   1 
ATOM   1173 O O   . GLY A 1 149 ? -1.766  -2.002  1.224   1.00 16.94 ? 148 GLY A O   1 
ATOM   1174 N N   . GLY A 1 150 ? -1.873  -4.056  0.300   1.00 15.26 ? 149 GLY A N   1 
ATOM   1175 C CA  . GLY A 1 150 ? -0.967  -4.666  1.235   1.00 14.44 ? 149 GLY A CA  1 
ATOM   1176 C C   . GLY A 1 150 ? 0.383   -3.974  1.184   1.00 14.78 ? 149 GLY A C   1 
ATOM   1177 O O   . GLY A 1 150 ? 0.850   -3.542  0.132   1.00 15.31 ? 149 GLY A O   1 
ATOM   1178 N N   . VAL A 1 151 ? 1.023   -3.881  2.318   1.00 14.39 ? 150 VAL A N   1 
ATOM   1179 C CA  . VAL A 1 151 ? 2.252   -3.103  2.433   1.00 14.46 ? 150 VAL A CA  1 
ATOM   1180 C C   . VAL A 1 151 ? 3.464   -4.053  2.308   1.00 14.02 ? 150 VAL A C   1 
ATOM   1181 O O   . VAL A 1 151 ? 3.658   -4.980  3.090   1.00 14.92 ? 150 VAL A O   1 
ATOM   1182 C CB  . VAL A 1 151 ? 2.246   -2.319  3.769   1.00 14.10 ? 150 VAL A CB  1 
ATOM   1183 C CG1 . VAL A 1 151 ? 3.437   -1.371  3.846   1.00 13.66 ? 150 VAL A CG1 1 
ATOM   1184 C CG2 . VAL A 1 151 ? 0.968   -1.501  3.918   1.00 14.42 ? 150 VAL A CG2 1 
ATOM   1185 N N   . VAL A 1 152 ? 4.234   -3.853  1.267   1.00 15.47 ? 151 VAL A N   1 
ATOM   1186 C CA  . VAL A 1 152 ? 5.471   -4.559  1.089   1.00 17.77 ? 151 VAL A CA  1 
ATOM   1187 C C   . VAL A 1 152 ? 6.519   -4.044  2.088   1.00 17.51 ? 151 VAL A C   1 
ATOM   1188 O O   . VAL A 1 152 ? 6.861   -2.874  2.072   1.00 18.69 ? 151 VAL A O   1 
ATOM   1189 C CB  . VAL A 1 152 ? 6.010   -4.409  -0.335  1.00 17.30 ? 151 VAL A CB  1 
ATOM   1190 C CG1 . VAL A 1 152 ? 7.301   -5.162  -0.492  1.00 18.45 ? 151 VAL A CG1 1 
ATOM   1191 C CG2 . VAL A 1 152 ? 5.026   -4.953  -1.344  1.00 18.72 ? 151 VAL A CG2 1 
ATOM   1192 N N   . THR A 1 153 ? 7.062   -4.929  2.907   1.00 19.20 ? 152 THR A N   1 
ATOM   1193 C CA  . THR A 1 153 ? 7.997   -4.529  3.986   1.00 20.84 ? 152 THR A CA  1 
ATOM   1194 C C   . THR A 1 153 ? 9.233   -5.427  4.193   1.00 23.61 ? 152 THR A C   1 
ATOM   1195 O O   . THR A 1 153 ? 9.173   -6.657  3.998   1.00 21.02 ? 152 THR A O   1 
ATOM   1196 C CB  . THR A 1 153 ? 7.267   -4.482  5.343   1.00 22.15 ? 152 THR A CB  1 
ATOM   1197 O OG1 . THR A 1 153 ? 6.979   -5.804  5.829   1.00 22.05 ? 152 THR A OG1 1 
ATOM   1198 C CG2 . THR A 1 153 ? 5.972   -3.713  5.255   1.00 22.38 ? 152 THR A CG2 1 
ATOM   1199 N N   . SER A 1 154 ? 10.336  -4.809  4.650   1.00 25.12 ? 153 SER A N   1 
ATOM   1200 C CA  . SER A 1 154 ? 11.630  -5.524  4.839   1.00 29.14 ? 153 SER A CA  1 
ATOM   1201 C C   . SER A 1 154 ? 12.665  -4.727  5.608   1.00 31.43 ? 153 SER A C   1 
ATOM   1202 O O   . SER A 1 154 ? 12.969  -3.584  5.244   1.00 30.58 ? 153 SER A O   1 
ATOM   1203 C CB  . SER A 1 154 ? 12.277  -5.839  3.485   1.00 31.33 ? 153 SER A CB  1 
ATOM   1204 O OG  . SER A 1 154 ? 13.335  -6.781  3.611   1.00 32.74 ? 153 SER A OG  1 
ATOM   1205 N N   . VAL A 1 155 ? 13.239  -5.353  6.632   1.00 33.33 ? 154 VAL A N   1 
ATOM   1206 C CA  . VAL A 1 155 ? 14.179  -4.687  7.547   1.00 34.65 ? 154 VAL A CA  1 
ATOM   1207 C C   . VAL A 1 155 ? 13.766  -3.263  7.974   1.00 31.82 ? 154 VAL A C   1 
ATOM   1208 O O   . VAL A 1 155 ? 14.474  -2.334  7.675   1.00 39.78 ? 154 VAL A O   1 
ATOM   1209 C CB  . VAL A 1 155 ? 15.645  -4.687  7.000   1.00 32.73 ? 154 VAL A CB  1 
ATOM   1210 C CG1 . VAL A 1 155 ? 16.171  -6.116  6.871   1.00 30.36 ? 154 VAL A CG1 1 
ATOM   1211 C CG2 . VAL A 1 155 ? 15.759  -3.970  5.672   1.00 35.70 ? 154 VAL A CG2 1 
ATOM   1212 N N   . GLY A 1 156 ? 12.644  -3.100  8.688   1.00 27.89 ? 155 GLY A N   1 
ATOM   1213 C CA  . GLY A 1 156 ? 12.141  -1.787  9.058   1.00 25.94 ? 155 GLY A CA  1 
ATOM   1214 C C   . GLY A 1 156 ? 11.970  -0.781  7.922   1.00 26.07 ? 155 GLY A C   1 
ATOM   1215 O O   . GLY A 1 156 ? 12.155  0.389   8.121   1.00 25.93 ? 155 GLY A O   1 
ATOM   1216 N N   . LYS A 1 157 ? 11.615  -1.225  6.723   1.00 26.36 ? 156 LYS A N   1 
ATOM   1217 C CA  . LYS A 1 157 ? 11.331  -0.309  5.638   1.00 27.15 ? 156 LYS A CA  1 
ATOM   1218 C C   . LYS A 1 157 ? 10.040  -0.607  4.912   1.00 25.60 ? 156 LYS A C   1 
ATOM   1219 O O   . LYS A 1 157 ? 9.702   -1.747  4.663   1.00 23.49 ? 156 LYS A O   1 
ATOM   1220 C CB  . LYS A 1 157 ? 12.449  -0.327  4.618   1.00 29.78 ? 156 LYS A CB  1 
ATOM   1221 C CG  . LYS A 1 157 ? 13.722  0.347   5.093   1.00 31.14 ? 156 LYS A CG  1 
ATOM   1222 C CD  . LYS A 1 157 ? 14.232  1.235   3.977   1.00 32.50 ? 156 LYS A CD  1 
ATOM   1223 C CE  . LYS A 1 157 ? 15.594  1.781   4.286   1.00 35.18 ? 156 LYS A CE  1 
ATOM   1224 N NZ  . LYS A 1 157 ? 16.600  0.745   3.949   1.00 36.70 ? 156 LYS A NZ  1 
ATOM   1225 N N   . VAL A 1 158 ? 9.353   0.469   4.538   1.00 23.77 ? 157 VAL A N   1 
ATOM   1226 C CA  . VAL A 1 158 ? 8.085   0.423   3.841   1.00 22.06 ? 157 VAL A CA  1 
ATOM   1227 C C   . VAL A 1 158 ? 8.270   0.828   2.375   1.00 19.83 ? 157 VAL A C   1 
ATOM   1228 O O   . VAL A 1 158 ? 8.467   1.998   2.043   1.00 17.15 ? 157 VAL A O   1 
ATOM   1229 C CB  . VAL A 1 158 ? 7.088   1.330   4.570   1.00 23.46 ? 157 VAL A CB  1 
ATOM   1230 C CG1 . VAL A 1 158 ? 5.696   1.249   3.942   1.00 23.20 ? 157 VAL A CG1 1 
ATOM   1231 C CG2 . VAL A 1 158 ? 7.056   0.899   6.049   1.00 24.74 ? 157 VAL A CG2 1 
ATOM   1232 N N   . ILE A 1 159 ? 8.246   -0.162  1.499   1.00 17.93 ? 158 ILE A N   1 
ATOM   1233 C CA  . ILE A 1 159 ? 8.769   0.050   0.143   1.00 16.82 ? 158 ILE A CA  1 
ATOM   1234 C C   . ILE A 1 159 ? 7.769   -0.006  -1.012  1.00 16.88 ? 158 ILE A C   1 
ATOM   1235 O O   . ILE A 1 159 ? 8.109   0.426   -2.108  1.00 15.75 ? 158 ILE A O   1 
ATOM   1236 C CB  . ILE A 1 159 ? 9.910   -0.938  -0.154  1.00 17.98 ? 158 ILE A CB  1 
ATOM   1237 C CG1 . ILE A 1 159 ? 9.378   -2.352  -0.371  1.00 16.76 ? 158 ILE A CG1 1 
ATOM   1238 C CG2 . ILE A 1 159 ? 10.993  -0.879  0.938   1.00 17.22 ? 158 ILE A CG2 1 
ATOM   1239 C CD1 . ILE A 1 159 ? 10.481  -3.361  -0.563  1.00 17.77 ? 158 ILE A CD1 1 
ATOM   1240 N N   . GLY A 1 160 ? 6.563   -0.536  -0.783  1.00 14.30 ? 159 GLY A N   1 
ATOM   1241 C CA  . GLY A 1 160 ? 5.575   -0.639  -1.865  1.00 14.56 ? 159 GLY A CA  1 
ATOM   1242 C C   . GLY A 1 160 ? 4.176   -0.894  -1.369  1.00 13.72 ? 159 GLY A C   1 
ATOM   1243 O O   . GLY A 1 160 ? 3.964   -1.242  -0.219  1.00 14.34 ? 159 GLY A O   1 
ATOM   1244 N N   . ILE A 1 161 ? 3.209   -0.756  -2.260  1.00 14.86 ? 160 ILE A N   1 
ATOM   1245 C CA  . ILE A 1 161 ? 1.785   -1.075  -2.013  1.00 14.68 ? 160 ILE A CA  1 
ATOM   1246 C C   . ILE A 1 161 ? 1.251   -2.079  -3.058  1.00 15.93 ? 160 ILE A C   1 
ATOM   1247 O O   . ILE A 1 161 ? 1.364   -1.851  -4.258  1.00 15.25 ? 160 ILE A O   1 
ATOM   1248 C CB  . ILE A 1 161 ? 0.932   0.173   -2.201  1.00 14.68 ? 160 ILE A CB  1 
ATOM   1249 C CG1 . ILE A 1 161 ? 1.269   1.187   -1.111  1.00 15.89 ? 160 ILE A CG1 1 
ATOM   1250 C CG2 . ILE A 1 161 ? -0.561  -0.144  -2.197  1.00 15.25 ? 160 ILE A CG2 1 
ATOM   1251 C CD1 . ILE A 1 161 ? 1.231   0.595   0.297   1.00 15.64 ? 160 ILE A CD1 1 
ATOM   1252 N N   . HIS A 1 162 ? 0.646   -3.167  -2.611  1.00 14.88 ? 161 HIS A N   1 
ATOM   1253 C CA  . HIS A 1 162 ? 0.320   -4.201  -3.553  1.00 15.95 ? 161 HIS A CA  1 
ATOM   1254 C C   . HIS A 1 162 ? -0.816  -3.790  -4.447  1.00 15.69 ? 161 HIS A C   1 
ATOM   1255 O O   . HIS A 1 162 ? -1.817  -3.312  -3.978  1.00 15.16 ? 161 HIS A O   1 
ATOM   1256 C CB  . HIS A 1 162 ? -0.037  -5.505  -2.863  1.00 15.34 ? 161 HIS A CB  1 
ATOM   1257 C CG  . HIS A 1 162 ? -0.221  -6.614  -3.816  1.00 14.29 ? 161 HIS A CG  1 
ATOM   1258 N ND1 . HIS A 1 162 ? 0.844   -7.265  -4.391  1.00 14.63 ? 161 HIS A ND1 1 
ATOM   1259 C CD2 . HIS A 1 162 ? -1.340  -7.183  -4.331  1.00 13.62 ? 161 HIS A CD2 1 
ATOM   1260 C CE1 . HIS A 1 162 ? 0.398   -8.173  -5.234  1.00 14.13 ? 161 HIS A CE1 1 
ATOM   1261 N NE2 . HIS A 1 162 ? -0.929  -8.166  -5.187  1.00 14.12 ? 161 HIS A NE2 1 
ATOM   1262 N N   . ILE A 1 163 ? -0.635  -4.013  -5.746  1.00 16.34 ? 162 ILE A N   1 
ATOM   1263 C CA  . ILE A 1 163 ? -1.543  -3.530  -6.752  1.00 16.75 ? 162 ILE A CA  1 
ATOM   1264 C C   . ILE A 1 163 ? -2.052  -4.548  -7.784  1.00 17.10 ? 162 ILE A C   1 
ATOM   1265 O O   . ILE A 1 163 ? -3.050  -4.249  -8.481  1.00 16.95 ? 162 ILE A O   1 
ATOM   1266 C CB  . ILE A 1 163 ? -0.939  -2.334  -7.536  1.00 17.23 ? 162 ILE A CB  1 
ATOM   1267 C CG1 . ILE A 1 163 ? 0.342   -2.734  -8.308  1.00 17.93 ? 162 ILE A CG1 1 
ATOM   1268 C CG2 . ILE A 1 163 ? -0.740  -1.118  -6.609  1.00 17.07 ? 162 ILE A CG2 1 
ATOM   1269 C CD1 . ILE A 1 163 ? 0.665   -1.765  -9.435  1.00 18.64 ? 162 ILE A CD1 1 
ATOM   1270 N N   . GLY A 1 164 ? -1.364  -5.690  -7.936  1.00 16.92 ? 163 GLY A N   1 
ATOM   1271 C CA  . GLY A 1 164 ? -1.819  -6.705  -8.876  1.00 16.59 ? 163 GLY A CA  1 
ATOM   1272 C C   . GLY A 1 164 ? -0.958  -7.922  -9.014  1.00 15.19 ? 163 GLY A C   1 
ATOM   1273 O O   . GLY A 1 164 ? 0.058   -8.040  -8.375  1.00 15.10 ? 163 GLY A O   1 
ATOM   1274 N N   . GLY A 1 165 ? -1.359  -8.828  -9.884  1.00 15.83 ? 164 GLY A N   1 
ATOM   1275 C CA  . GLY A 1 165 ? -0.657  -10.085 -10.053 1.00 16.16 ? 164 GLY A CA  1 
ATOM   1276 C C   . GLY A 1 165 ? -1.176  -10.848 -11.223 1.00 18.16 ? 164 GLY A C   1 
ATOM   1277 O O   . GLY A 1 165 ? -2.259  -10.565 -11.734 1.00 18.79 ? 164 GLY A O   1 
ATOM   1278 N N   . ASN A 1 166 ? -0.394  -11.822 -11.671 1.00 18.95 ? 165 ASN A N   1 
ATOM   1279 C CA  . ASN A 1 166 ? -0.762  -12.590 -12.853 1.00 16.86 ? 165 ASN A CA  1 
ATOM   1280 C C   . ASN A 1 166 ? -0.958  -14.045 -12.553 1.00 16.38 ? 165 ASN A C   1 
ATOM   1281 O O   . ASN A 1 166 ? -0.849  -14.837 -13.452 1.00 17.21 ? 165 ASN A O   1 
ATOM   1282 C CB  . ASN A 1 166 ? 0.344   -12.427 -13.949 1.00 17.11 ? 165 ASN A CB  1 
ATOM   1283 C CG  . ASN A 1 166 ? 1.718   -12.909 -13.485 1.00 16.37 ? 165 ASN A CG  1 
ATOM   1284 O OD1 . ASN A 1 166 ? 1.827   -13.754 -12.587 1.00 15.42 ? 165 ASN A OD1 1 
ATOM   1285 N ND2 . ASN A 1 166 ? 2.767   -12.394 -14.090 1.00 16.24 ? 165 ASN A ND2 1 
ATOM   1286 N N   . GLY A 1 167 ? -1.174  -14.414 -11.283 1.00 17.14 ? 166 GLY A N   1 
ATOM   1287 C CA  . GLY A 1 167 ? -1.335  -15.811 -10.884 1.00 16.19 ? 166 GLY A CA  1 
ATOM   1288 C C   . GLY A 1 167 ? -0.025  -16.466 -10.517 1.00 16.47 ? 166 GLY A C   1 
ATOM   1289 O O   . GLY A 1 167 ? -0.012  -17.456 -9.881  1.00 15.05 ? 166 GLY A O   1 
ATOM   1290 N N   . ARG A 1 168 ? 1.090   -15.881 -10.899 1.00 17.94 ? 167 ARG A N   1 
ATOM   1291 C CA  . ARG A 1 168 ? 2.390   -16.480 -10.676 1.00 18.32 ? 167 ARG A CA  1 
ATOM   1292 C C   . ARG A 1 168 ? 3.329   -15.566 -9.885  1.00 18.21 ? 167 ARG A C   1 
ATOM   1293 O O   . ARG A 1 168 ? 4.132   -16.025 -9.042  1.00 16.60 ? 167 ARG A O   1 
ATOM   1294 C CB  . ARG A 1 168 ? 3.028   -16.819 -12.037 1.00 19.87 ? 167 ARG A CB  1 
ATOM   1295 C CG  . ARG A 1 168 ? 2.426   -18.039 -12.763 1.00 19.40 ? 167 ARG A CG  1 
ATOM   1296 C CD  . ARG A 1 168 ? 3.134   -18.200 -14.107 1.00 20.24 ? 167 ARG A CD  1 
ATOM   1297 N NE  . ARG A 1 168 ? 3.145   -16.930 -14.867 1.00 19.75 ? 167 ARG A NE  1 
ATOM   1298 C CZ  . ARG A 1 168 ? 2.106   -16.421 -15.530 1.00 19.50 ? 167 ARG A CZ  1 
ATOM   1299 N NH1 . ARG A 1 168 ? 0.965   -17.083 -15.602 1.00 20.51 ? 167 ARG A NH1 1 
ATOM   1300 N NH2 . ARG A 1 168 ? 2.216   -15.252 -16.159 1.00 19.16 ? 167 ARG A NH2 1 
ATOM   1301 N N   . GLN A 1 169 ? 3.230   -14.289 -10.189 1.00 17.58 ? 168 GLN A N   1 
ATOM   1302 C CA  . GLN A 1 169 ? 4.054   -13.272 -9.615  1.00 19.62 ? 168 GLN A CA  1 
ATOM   1303 C C   . GLN A 1 169 ? 3.113   -12.185 -9.127  1.00 19.83 ? 168 GLN A C   1 
ATOM   1304 O O   . GLN A 1 169 ? 1.937   -12.131 -9.541  1.00 16.54 ? 168 GLN A O   1 
ATOM   1305 C CB  . GLN A 1 169 ? 4.920   -12.663 -10.693 1.00 20.41 ? 168 GLN A CB  1 
ATOM   1306 C CG  . GLN A 1 169 ? 5.832   -13.649 -11.400 1.00 23.01 ? 168 GLN A CG  1 
ATOM   1307 C CD  . GLN A 1 169 ? 6.369   -13.050 -12.694 1.00 22.51 ? 168 GLN A CD  1 
ATOM   1308 O OE1 . GLN A 1 169 ? 5.621   -12.842 -13.637 1.00 23.26 ? 168 GLN A OE1 1 
ATOM   1309 N NE2 . GLN A 1 169 ? 7.619   -12.672 -12.696 1.00 21.40 ? 168 GLN A NE2 1 
ATOM   1310 N N   . GLY A 1 170 ? 3.645   -11.317 -8.267  1.00 17.56 ? 169 GLY A N   1 
ATOM   1311 C CA  . GLY A 1 170 ? 2.888   -10.190 -7.727  1.00 16.51 ? 169 GLY A CA  1 
ATOM   1312 C C   . GLY A 1 170 ? 3.583   -8.877  -7.963  1.00 17.47 ? 169 GLY A C   1 
ATOM   1313 O O   . GLY A 1 170 ? 4.837   -8.854  -8.111  1.00 17.16 ? 169 GLY A O   1 
ATOM   1314 N N   . PHE A 1 171 ? 2.797   -7.786  -7.969  1.00 15.84 ? 170 PHE A N   1 
ATOM   1315 C CA  . PHE A 1 171 ? 3.316   -6.463  -8.285  1.00 17.25 ? 170 PHE A CA  1 
ATOM   1316 C C   . PHE A 1 171 ? 2.847   -5.359  -7.336  1.00 16.88 ? 170 PHE A C   1 
ATOM   1317 O O   . PHE A 1 171 ? 1.649   -5.276  -7.012  1.00 17.30 ? 170 PHE A O   1 
ATOM   1318 C CB  . PHE A 1 171 ? 2.970   -6.051  -9.719  1.00 17.77 ? 170 PHE A CB  1 
ATOM   1319 C CG  . PHE A 1 171 ? 3.400   -7.053  -10.737 1.00 19.01 ? 170 PHE A CG  1 
ATOM   1320 C CD1 . PHE A 1 171 ? 4.721   -7.112  -11.115 1.00 20.17 ? 170 PHE A CD1 1 
ATOM   1321 C CD2 . PHE A 1 171 ? 2.512   -7.999  -11.227 1.00 19.79 ? 170 PHE A CD2 1 
ATOM   1322 C CE1 . PHE A 1 171 ? 5.142   -8.051  -12.015 1.00 19.99 ? 170 PHE A CE1 1 
ATOM   1323 C CE2 . PHE A 1 171 ? 2.929   -8.945  -12.134 1.00 20.52 ? 170 PHE A CE2 1 
ATOM   1324 C CZ  . PHE A 1 171 ? 4.251   -8.967  -12.526 1.00 20.45 ? 170 PHE A CZ  1 
ATOM   1325 N N   . CYS A 1 172 ? 3.806   -4.541  -6.896  1.00 16.39 ? 171 CYS A N   1 
ATOM   1326 C CA  . CYS A 1 172 ? 3.513   -3.381  -6.060  1.00 17.60 ? 171 CYS A CA  1 
ATOM   1327 C C   . CYS A 1 172 ? 3.857   -2.123  -6.791  1.00 17.67 ? 171 CYS A C   1 
ATOM   1328 O O   . CYS A 1 172 ? 4.760   -2.135  -7.622  1.00 19.34 ? 171 CYS A O   1 
ATOM   1329 C CB  . CYS A 1 172 ? 4.280   -3.426  -4.727  1.00 17.46 ? 171 CYS A CB  1 
ATOM   1330 S SG  . CYS A 1 172 ? 6.082   -3.268  -4.857  1.00 20.27 ? 171 CYS A SG  1 
ATOM   1331 N N   . ALA A 1 173 ? 3.144   -1.045  -6.478  1.00 18.58 ? 172 ALA A N   1 
ATOM   1332 C CA  . ALA A 1 173 ? 3.573   0.285   -6.847  1.00 18.03 ? 172 ALA A CA  1 
ATOM   1333 C C   . ALA A 1 173 ? 4.684   0.605   -5.862  1.00 18.16 ? 172 ALA A C   1 
ATOM   1334 O O   . ALA A 1 173 ? 4.511   0.362   -4.703  1.00 17.60 ? 172 ALA A O   1 
ATOM   1335 C CB  . ALA A 1 173 ? 2.435   1.282   -6.673  1.00 18.85 ? 172 ALA A CB  1 
ATOM   1336 N N   . GLY A 1 174 ? 5.826   1.100   -6.312  1.00 17.33 ? 173 GLY A N   1 
ATOM   1337 C CA  . GLY A 1 174 ? 6.919   1.434   -5.375  1.00 17.64 ? 173 GLY A CA  1 
ATOM   1338 C C   . GLY A 1 174 ? 6.628   2.701   -4.550  1.00 17.88 ? 173 GLY A C   1 
ATOM   1339 O O   . GLY A 1 174 ? 5.990   3.625   -5.043  1.00 17.65 ? 173 GLY A O   1 
ATOM   1340 N N   . LEU A 1 175 ? 7.111   2.742   -3.310  1.00 17.78 ? 174 LEU A N   1 
ATOM   1341 C CA  . LEU A 1 175 ? 7.009   3.948   -2.486  1.00 18.69 ? 174 LEU A CA  1 
ATOM   1342 C C   . LEU A 1 175 ? 8.304   4.767   -2.478  1.00 19.78 ? 174 LEU A C   1 
ATOM   1343 O O   . LEU A 1 175 ? 9.426   4.255   -2.334  1.00 20.04 ? 174 LEU A O   1 
ATOM   1344 C CB  . LEU A 1 175 ? 6.643   3.633   -1.028  1.00 17.70 ? 174 LEU A CB  1 
ATOM   1345 C CG  . LEU A 1 175 ? 5.309   2.962   -0.741  1.00 19.09 ? 174 LEU A CG  1 
ATOM   1346 C CD1 . LEU A 1 175 ? 4.905   3.026   0.731   1.00 17.87 ? 174 LEU A CD1 1 
ATOM   1347 C CD2 . LEU A 1 175 ? 4.245   3.550   -1.654  1.00 18.26 ? 174 LEU A CD2 1 
ATOM   1348 N N   . LYS A 1 176 ? 8.114   6.071   -2.577  1.00 21.60 ? 175 LYS A N   1 
ATOM   1349 C CA  . LYS A 1 176 ? 9.160   7.011   -2.238  1.00 21.04 ? 175 LYS A CA  1 
ATOM   1350 C C   . LYS A 1 176 ? 8.587   8.106   -1.335  1.00 19.49 ? 175 LYS A C   1 
ATOM   1351 O O   . LYS A 1 176 ? 7.407   8.471   -1.380  1.00 16.24 ? 175 LYS A O   1 
ATOM   1352 C CB  . LYS A 1 176 ? 9.832   7.621   -3.474  1.00 22.72 ? 175 LYS A CB  1 
ATOM   1353 C CG  . LYS A 1 176 ? 8.840   8.303   -4.405  1.00 25.36 ? 175 LYS A CG  1 
ATOM   1354 C CD  . LYS A 1 176 ? 9.435   8.440   -5.799  1.00 25.44 ? 175 LYS A CD  1 
ATOM   1355 C CE  . LYS A 1 176 ? 10.570  9.444   -5.797  1.00 25.37 ? 175 LYS A CE  1 
ATOM   1356 N NZ  . LYS A 1 176 ? 10.779  9.974   -7.153  1.00 26.03 ? 175 LYS A NZ  1 
ATOM   1357 N N   . ARG A 1 177 ? 9.500   8.610   -0.516  1.00 19.65 ? 176 ARG A N   1 
ATOM   1358 C CA  . ARG A 1 177 ? 9.180   9.476   0.605   1.00 20.13 ? 176 ARG A CA  1 
ATOM   1359 C C   . ARG A 1 177 ? 8.547   10.730  0.097   1.00 20.27 ? 176 ARG A C   1 
ATOM   1360 O O   . ARG A 1 177 ? 7.636   11.262  0.722   1.00 18.75 ? 176 ARG A O   1 
ATOM   1361 C CB  . ARG A 1 177 ? 10.452  9.785   1.426   1.00 20.62 ? 176 ARG A CB  1 
ATOM   1362 C CG  . ARG A 1 177 ? 10.160  10.379  2.821   1.00 20.82 ? 176 ARG A CG  1 
ATOM   1363 C CD  . ARG A 1 177 ? 11.456  10.515  3.631   1.00 22.92 ? 176 ARG A CD  1 
ATOM   1364 N NE  . ARG A 1 177 ? 12.121  9.224   3.702   1.00 23.90 ? 176 ARG A NE  1 
ATOM   1365 C CZ  . ARG A 1 177 ? 13.374  9.007   4.114   1.00 25.65 ? 176 ARG A CZ  1 
ATOM   1366 N NH1 . ARG A 1 177 ? 14.178  9.984   4.493   1.00 23.65 ? 176 ARG A NH1 1 
ATOM   1367 N NH2 . ARG A 1 177 ? 13.832  7.769   4.103   1.00 26.22 ? 176 ARG A NH2 1 
ATOM   1368 N N   . SER A 1 178 ? 8.993   11.198  -1.066  1.00 19.81 ? 177 SER A N   1 
ATOM   1369 C CA  . SER A 1 178 ? 8.560   12.506  -1.534  1.00 20.51 ? 177 SER A CA  1 
ATOM   1370 C C   . SER A 1 178 ? 7.053   12.525  -1.881  1.00 21.75 ? 177 SER A C   1 
ATOM   1371 O O   . SER A 1 178 ? 6.459   13.614  -1.897  1.00 21.74 ? 177 SER A O   1 
ATOM   1372 C CB  . SER A 1 178 ? 9.386   12.925  -2.740  1.00 21.74 ? 177 SER A CB  1 
ATOM   1373 O OG  . SER A 1 178 ? 9.107   12.066  -3.822  1.00 22.35 ? 177 SER A OG  1 
ATOM   1374 N N   . TYR A 1 179 ? 6.421   11.359  -2.114  1.00 19.91 ? 178 TYR A N   1 
ATOM   1375 C CA  . TYR A 1 179 ? 4.955   11.346  -2.350  1.00 19.89 ? 178 TYR A CA  1 
ATOM   1376 C C   . TYR A 1 179 ? 4.232   11.839  -1.118  1.00 19.76 ? 178 TYR A C   1 
ATOM   1377 O O   . TYR A 1 179 ? 3.107   12.353  -1.218  1.00 19.03 ? 178 TYR A O   1 
ATOM   1378 C CB  . TYR A 1 179 ? 4.387   9.963   -2.681  1.00 21.32 ? 178 TYR A CB  1 
ATOM   1379 C CG  . TYR A 1 179 ? 4.979   9.224   -3.873  1.00 20.15 ? 178 TYR A CG  1 
ATOM   1380 C CD1 . TYR A 1 179 ? 5.355   9.888   -5.038  1.00 21.10 ? 178 TYR A CD1 1 
ATOM   1381 C CD2 . TYR A 1 179 ? 5.104   7.836   -3.850  1.00 20.51 ? 178 TYR A CD2 1 
ATOM   1382 C CE1 . TYR A 1 179 ? 5.883   9.181   -6.123  1.00 20.33 ? 178 TYR A CE1 1 
ATOM   1383 C CE2 . TYR A 1 179 ? 5.605   7.138   -4.934  1.00 19.58 ? 178 TYR A CE2 1 
ATOM   1384 C CZ  . TYR A 1 179 ? 6.018   7.815   -6.051  1.00 19.64 ? 178 TYR A CZ  1 
ATOM   1385 O OH  . TYR A 1 179 ? 6.509   7.089   -7.117  1.00 19.65 ? 178 TYR A OH  1 
ATOM   1386 N N   . PHE A 1 180 ? 4.884   11.688  0.044   1.00 19.10 ? 179 PHE A N   1 
ATOM   1387 C CA  . PHE A 1 180 ? 4.278   12.038  1.326   1.00 20.39 ? 179 PHE A CA  1 
ATOM   1388 C C   . PHE A 1 180 ? 4.801   13.335  1.938   1.00 20.04 ? 179 PHE A C   1 
ATOM   1389 O O   . PHE A 1 180 ? 4.413   13.680  3.043   1.00 21.60 ? 179 PHE A O   1 
ATOM   1390 C CB  . PHE A 1 180 ? 4.324   10.833  2.289   1.00 19.82 ? 179 PHE A CB  1 
ATOM   1391 C CG  . PHE A 1 180 ? 3.837   9.556   1.657   1.00 17.97 ? 179 PHE A CG  1 
ATOM   1392 C CD1 . PHE A 1 180 ? 2.514   9.345   1.442   1.00 19.42 ? 179 PHE A CD1 1 
ATOM   1393 C CD2 . PHE A 1 180 ? 4.728   8.619   1.181   1.00 20.77 ? 179 PHE A CD2 1 
ATOM   1394 C CE1 . PHE A 1 180 ? 2.080   8.195   0.834   1.00 19.13 ? 179 PHE A CE1 1 
ATOM   1395 C CE2 . PHE A 1 180 ? 4.299   7.467   0.540   1.00 18.85 ? 179 PHE A CE2 1 
ATOM   1396 C CZ  . PHE A 1 180 ? 2.967   7.264   0.382   1.00 18.78 ? 179 PHE A CZ  1 
ATOM   1397 N N   . ALA A 1 181 ? 5.621   14.076  1.194   1.00 21.64 ? 180 ALA A N   1 
ATOM   1398 C CA  . ALA A 1 181 ? 6.050   15.389  1.641   1.00 24.74 ? 180 ALA A CA  1 
ATOM   1399 C C   . ALA A 1 181 ? 4.914   16.370  1.470   1.00 24.52 ? 180 ALA A C   1 
ATOM   1400 O O   . ALA A 1 181 ? 4.803   17.270  2.299   1.00 31.79 ? 180 ALA A O   1 
ATOM   1401 C CB  . ALA A 1 181 ? 7.306   15.865  0.905   1.00 23.94 ? 180 ALA A CB  1 
HETATM 1402 C C2  . 5EC B 2 .   ? -5.737  -5.591  -10.733 1.00 27.59 ? 201 5EC A C2  1 
HETATM 1403 C C3  . 5EC B 2 .   ? -7.092  -4.939  -10.930 1.00 33.17 ? 201 5EC A C3  1 
HETATM 1404 C C4  . 5EC B 2 .   ? -7.128  -3.690  -11.749 1.00 40.93 ? 201 5EC A C4  1 
HETATM 1405 C C5  . 5EC B 2 .   ? -6.310  -2.650  -11.384 1.00 46.86 ? 201 5EC A C5  1 
HETATM 1406 C C6  . 5EC B 2 .   ? -6.370  -1.466  -12.141 1.00 51.93 ? 201 5EC A C6  1 
HETATM 1407 C C7  . 5EC B 2 .   ? -7.233  -1.325  -13.234 1.00 50.10 ? 201 5EC A C7  1 
HETATM 1408 N N1  . 5EC B 2 .   ? -3.815  -11.514 -8.301  1.00 18.11 ? 201 5EC A N1  1 
HETATM 1409 C C8  . 5EC B 2 .   ? -8.082  -2.371  -13.579 1.00 47.57 ? 201 5EC A C8  1 
HETATM 1410 C C20 . 5EC B 2 .   ? -4.210  -8.085  -13.210 1.00 27.29 ? 201 5EC A C20 1 
HETATM 1411 C C22 . 5EC B 2 .   ? -2.843  -7.874  -13.902 1.00 30.51 ? 201 5EC A C22 1 
HETATM 1412 C C23 . 5EC B 2 .   ? -3.043  -7.274  -15.275 1.00 32.30 ? 201 5EC A C23 1 
HETATM 1413 C C24 . 5EC B 2 .   ? -1.794  -7.031  -13.177 1.00 29.67 ? 201 5EC A C24 1 
HETATM 1414 C C   . 5EC B 2 .   ? -4.425  -7.368  -11.895 1.00 26.06 ? 201 5EC A C   1 
HETATM 1415 O O   . 5EC B 2 .   ? -3.786  -7.738  -10.907 1.00 22.64 ? 201 5EC A O   1 
HETATM 1416 N N5  . 5EC B 2 .   ? -5.350  -6.370  -11.913 1.00 25.42 ? 201 5EC A N5  1 
HETATM 1417 C C9  . 5EC B 2 .   ? -8.020  -3.553  -12.834 1.00 47.65 ? 201 5EC A C9  1 
HETATM 1418 C C17 . 5EC B 2 .   ? -6.068  -6.496  -9.552  1.00 25.04 ? 201 5EC A C17 1 
HETATM 1419 O O4  . 5EC B 2 .   ? -6.987  -7.296  -9.676  1.00 22.71 ? 201 5EC A O4  1 
HETATM 1420 N N   . 5EC B 2 .   ? -5.373  -6.443  -8.398  1.00 20.98 ? 201 5EC A N   1 
HETATM 1421 C C10 . 5EC B 2 .   ? -5.758  -7.317  -7.276  1.00 19.37 ? 201 5EC A C10 1 
HETATM 1422 C C11 . 5EC B 2 .   ? -4.784  -8.395  -6.937  1.00 17.94 ? 201 5EC A C11 1 
HETATM 1423 C C12 . 5EC B 2 .   ? -4.518  -9.344  -8.105  1.00 17.94 ? 201 5EC A C12 1 
HETATM 1424 C C13 . 5EC B 2 .   ? -3.476  -10.359 -7.727  1.00 19.49 ? 201 5EC A C13 1 
HETATM 1425 O O1  . 5EC B 2 .   ? -2.442  -10.067 -7.039  1.00 18.80 ? 201 5EC A O1  1 
HETATM 1426 C C25 . 5EC B 2 .   ? -5.046  -11.481 -9.067  1.00 18.44 ? 201 5EC A C25 1 
HETATM 1427 C C26 . 5EC B 2 .   ? -5.705  -10.165 -8.611  1.00 18.54 ? 201 5EC A C26 1 
HETATM 1428 C C14 . 5EC B 2 .   ? -6.102  -6.336  -6.152  1.00 20.50 ? 201 5EC A C14 1 
HETATM 1429 C C15 . 5EC B 2 .   ? -7.527  -5.793  -6.236  1.00 22.60 ? 201 5EC A C15 1 
HETATM 1430 C C16 . 5EC B 2 .   ? -8.677  -6.748  -6.189  1.00 26.26 ? 201 5EC A C16 1 
HETATM 1431 O O3  . 5EC B 2 .   ? -8.738  -7.711  -5.464  1.00 29.12 ? 201 5EC A O3  1 
HETATM 1432 O O2  . 5EC B 2 .   ? -9.824  -6.459  -7.030  1.00 33.52 ? 201 5EC A O2  1 
HETATM 1433 C C18 . 5EC B 2 .   ? -10.157 -7.331  -8.097  1.00 37.85 ? 201 5EC A C18 1 
HETATM 1434 C C19 . 5EC B 2 .   ? -11.394 -8.087  -7.704  1.00 38.08 ? 201 5EC A C19 1 
HETATM 1435 O O   . HOH C 3 .   ? -17.023 -3.941  0.851   1.00 30.17 ? 301 HOH A O   1 
HETATM 1436 O O   . HOH C 3 .   ? 9.795   9.617   -14.066 1.00 39.63 ? 302 HOH A O   1 
HETATM 1437 O O   . HOH C 3 .   ? 17.690  -5.233  -2.505  1.00 33.88 ? 303 HOH A O   1 
HETATM 1438 O O   . HOH C 3 .   ? 18.472  -2.501  -5.766  1.00 25.50 ? 304 HOH A O   1 
HETATM 1439 O O   . HOH C 3 .   ? -0.816  5.672   14.225  1.00 18.89 ? 305 HOH A O   1 
HETATM 1440 O O   . HOH C 3 .   ? 7.639   -17.297 -0.127  1.00 28.28 ? 306 HOH A O   1 
HETATM 1441 O O   . HOH C 3 .   ? 0.899   -19.738 -10.361 1.00 17.17 ? 307 HOH A O   1 
HETATM 1442 O O   . HOH C 3 .   ? -12.966 -3.846  9.197   1.00 26.97 ? 308 HOH A O   1 
HETATM 1443 O O   . HOH C 3 .   ? 10.052  -12.985 -4.382  1.00 26.28 ? 309 HOH A O   1 
HETATM 1444 O O   . HOH C 3 .   ? 14.365  4.111   6.308   1.00 26.48 ? 310 HOH A O   1 
HETATM 1445 O O   . HOH C 3 .   ? -1.224  5.133   -17.519 1.00 31.89 ? 311 HOH A O   1 
HETATM 1446 O O   . HOH C 3 .   ? -11.670 -4.324  4.605   1.00 25.18 ? 312 HOH A O   1 
HETATM 1447 O O   . HOH C 3 .   ? -10.435 -5.744  -3.399  1.00 19.40 ? 313 HOH A O   1 
HETATM 1448 O O   . HOH C 3 .   ? -7.260  16.466  -5.554  1.00 29.43 ? 314 HOH A O   1 
HETATM 1449 O O   . HOH C 3 .   ? 7.758   7.277   -13.805 1.00 20.14 ? 315 HOH A O   1 
HETATM 1450 O O   . HOH C 3 .   ? -0.855  -15.499 -16.659 1.00 45.23 ? 316 HOH A O   1 
HETATM 1451 O O   . HOH C 3 .   ? 1.792   11.953  12.048  1.00 20.45 ? 317 HOH A O   1 
HETATM 1452 O O   . HOH C 3 .   ? 10.433  1.819   -2.416  1.00 24.75 ? 318 HOH A O   1 
HETATM 1453 O O   . HOH C 3 .   ? -12.307 -9.814  10.079  1.00 32.69 ? 319 HOH A O   1 
HETATM 1454 O O   . HOH C 3 .   ? 9.634   6.182   -17.732 1.00 28.72 ? 320 HOH A O   1 
HETATM 1455 O O   . HOH C 3 .   ? 6.343   -0.697  12.794  1.00 27.81 ? 321 HOH A O   1 
HETATM 1456 O O   . HOH C 3 .   ? -18.270 8.153   -1.628  1.00 20.81 ? 322 HOH A O   1 
HETATM 1457 O O   . HOH C 3 .   ? -9.293  -8.775  1.276   1.00 20.49 ? 323 HOH A O   1 
HETATM 1458 O O   . HOH C 3 .   ? 5.344   4.705   -7.410  1.00 17.11 ? 324 HOH A O   1 
HETATM 1459 O O   . HOH C 3 .   ? 9.428   -6.415  9.727   1.00 27.56 ? 325 HOH A O   1 
HETATM 1460 O O   . HOH C 3 .   ? -6.498  12.807  -8.394  1.00 26.74 ? 326 HOH A O   1 
HETATM 1461 O O   . HOH C 3 .   ? 13.713  -8.991  5.093   1.00 38.71 ? 327 HOH A O   1 
HETATM 1462 O O   . HOH C 3 .   ? 8.521   -3.873  -16.870 1.00 23.84 ? 328 HOH A O   1 
HETATM 1463 O O   . HOH C 3 .   ? 11.120  -10.898 -7.200  1.00 19.60 ? 329 HOH A O   1 
HETATM 1464 O O   . HOH C 3 .   ? 2.378   15.350  13.315  1.00 35.71 ? 330 HOH A O   1 
HETATM 1465 O O   . HOH C 3 .   ? 3.819   2.866   -9.047  1.00 21.29 ? 331 HOH A O   1 
HETATM 1466 O O   . HOH C 3 .   ? 11.388  10.918  -2.407  1.00 32.77 ? 332 HOH A O   1 
HETATM 1467 O O   . HOH C 3 .   ? -8.296  6.529   -6.904  1.00 20.29 ? 333 HOH A O   1 
HETATM 1468 O O   . HOH C 3 .   ? -11.662 4.184   11.513  1.00 23.40 ? 334 HOH A O   1 
HETATM 1469 O O   . HOH C 3 .   ? -16.227 14.083  1.317   1.00 31.81 ? 335 HOH A O   1 
HETATM 1470 O O   . HOH C 3 .   ? -5.618  -6.132  0.853   1.00 9.27  ? 336 HOH A O   1 
HETATM 1471 O O   . HOH C 3 .   ? -5.022  -1.517  12.331  1.00 28.94 ? 337 HOH A O   1 
HETATM 1472 O O   . HOH C 3 .   ? -2.134  -15.349 -0.123  1.00 25.77 ? 338 HOH A O   1 
HETATM 1473 O O   . HOH C 3 .   ? -14.912 11.623  9.121   1.00 15.32 ? 339 HOH A O   1 
HETATM 1474 O O   . HOH C 3 .   ? -4.926  8.893   -12.222 1.00 29.75 ? 340 HOH A O   1 
HETATM 1475 O O   . HOH C 3 .   ? 12.940  6.811   -7.250  1.00 21.14 ? 341 HOH A O   1 
HETATM 1476 O O   . HOH C 3 .   ? 5.441   -18.435 -8.612  1.00 20.28 ? 342 HOH A O   1 
HETATM 1477 O O   . HOH C 3 .   ? -0.429  -13.387 -8.798  1.00 17.84 ? 343 HOH A O   1 
HETATM 1478 O O   . HOH C 3 .   ? -15.986 4.122   -2.855  1.00 25.88 ? 344 HOH A O   1 
HETATM 1479 O O   . HOH C 3 .   ? -14.001 -6.864  -2.145  1.00 26.92 ? 345 HOH A O   1 
HETATM 1480 O O   . HOH C 3 .   ? 12.246  -8.303  7.848   1.00 15.07 ? 346 HOH A O   1 
HETATM 1481 O O   . HOH C 3 .   ? -10.212 -15.192 3.836   1.00 22.20 ? 347 HOH A O   1 
HETATM 1482 O O   . HOH C 3 .   ? 17.006  -0.314  -4.165  1.00 21.36 ? 348 HOH A O   1 
HETATM 1483 O O   . HOH C 3 .   ? -7.132  -14.056 -7.255  1.00 20.02 ? 349 HOH A O   1 
HETATM 1484 O O   . HOH C 3 .   ? 2.869   12.100  -22.190 1.00 17.12 ? 350 HOH A O   1 
HETATM 1485 O O   . HOH C 3 .   ? -2.487  -16.223 -2.885  1.00 25.42 ? 351 HOH A O   1 
HETATM 1486 O O   . HOH C 3 .   ? 4.445   -4.281  17.586  1.00 31.18 ? 352 HOH A O   1 
HETATM 1487 O O   . HOH C 3 .   ? -0.535  -6.099  15.539  1.00 19.62 ? 353 HOH A O   1 
HETATM 1488 O O   . HOH C 3 .   ? -1.077  0.993   20.008  1.00 31.64 ? 354 HOH A O   1 
HETATM 1489 O O   . HOH C 3 .   ? -12.458 12.990  -2.865  1.00 31.89 ? 355 HOH A O   1 
HETATM 1490 O O   . HOH C 3 .   ? 8.833   -7.663  6.975   1.00 38.53 ? 356 HOH A O   1 
HETATM 1491 O O   . HOH C 3 .   ? -14.597 4.936   -0.815  1.00 24.62 ? 357 HOH A O   1 
HETATM 1492 O O   . HOH C 3 .   ? 8.040   11.535  -8.166  1.00 28.83 ? 358 HOH A O   1 
HETATM 1493 O O   . HOH C 3 .   ? -3.218  11.244  17.170  1.00 31.23 ? 359 HOH A O   1 
HETATM 1494 O O   . HOH C 3 .   ? 8.432   2.579   -14.825 1.00 20.10 ? 360 HOH A O   1 
HETATM 1495 O O   . HOH C 3 .   ? -4.764  13.554  -0.323  1.00 27.30 ? 361 HOH A O   1 
HETATM 1496 O O   . HOH C 3 .   ? -6.312  -13.445 7.567   0.50 11.91 ? 362 HOH A O   1 
HETATM 1497 O O   . HOH C 3 .   ? -2.418  6.642   -9.498  1.00 36.70 ? 363 HOH A O   1 
HETATM 1498 O O   . HOH C 3 .   ? -9.457  2.930   12.367  1.00 31.43 ? 364 HOH A O   1 
HETATM 1499 O O   . HOH C 3 .   ? 4.280   10.243  14.927  1.00 23.67 ? 365 HOH A O   1 
HETATM 1500 O O   . HOH C 3 .   ? -2.453  0.803   0.705   1.00 18.17 ? 366 HOH A O   1 
HETATM 1501 O O   . HOH C 3 .   ? 2.685   12.506  -8.731  1.00 18.09 ? 367 HOH A O   1 
HETATM 1502 O O   . HOH C 3 .   ? 3.128   -5.817  -18.121 1.00 39.02 ? 368 HOH A O   1 
HETATM 1503 O O   . HOH C 3 .   ? 15.872  -7.793  -4.481  1.00 25.72 ? 369 HOH A O   1 
HETATM 1504 O O   . HOH C 3 .   ? 16.115  -5.535  -9.026  1.00 28.17 ? 370 HOH A O   1 
HETATM 1505 O O   . HOH C 3 .   ? -4.133  -14.889 -8.667  1.00 35.95 ? 371 HOH A O   1 
HETATM 1506 O O   . HOH C 3 .   ? 16.471  6.110   1.284   1.00 29.51 ? 372 HOH A O   1 
HETATM 1507 O O   . HOH C 3 .   ? -13.714 -3.259  6.329   1.00 15.74 ? 373 HOH A O   1 
HETATM 1508 O O   . HOH C 3 .   ? -2.918  15.736  7.097   1.00 22.08 ? 374 HOH A O   1 
HETATM 1509 O O   . HOH C 3 .   ? 5.489   16.227  -19.432 1.00 20.29 ? 375 HOH A O   1 
HETATM 1510 O O   . HOH C 3 .   ? 9.008   9.276   10.493  1.00 24.82 ? 376 HOH A O   1 
HETATM 1511 O O   . HOH C 3 .   ? -7.870  -6.104  -2.854  1.00 18.08 ? 377 HOH A O   1 
HETATM 1512 O O   . HOH C 3 .   ? 12.078  -11.066 14.231  0.50 13.02 ? 378 HOH A O   1 
HETATM 1513 O O   . HOH C 3 .   ? 6.069   13.142  -5.133  1.00 22.60 ? 379 HOH A O   1 
HETATM 1514 O O   . HOH C 3 .   ? 17.743  -6.254  -6.470  1.00 42.85 ? 380 HOH A O   1 
HETATM 1515 O O   . HOH C 3 .   ? 10.621  13.796  0.974   1.00 37.18 ? 381 HOH A O   1 
# 
